data_6DCZ
# 
_entry.id   6DCZ 
# 
_audit_conform.dict_name       mmcif_pdbx.dic 
_audit_conform.dict_version    5.379 
_audit_conform.dict_location   http://mmcif.pdb.org/dictionaries/ascii/mmcif_pdbx.dic 
# 
loop_
_database_2.database_id 
_database_2.database_code 
_database_2.pdbx_database_accession 
_database_2.pdbx_DOI 
PDB   6DCZ         pdb_00006dcz 10.2210/pdb6dcz/pdb 
WWPDB D_1000234404 ?            ?                   
# 
_pdbx_database_status.status_code                     REL 
_pdbx_database_status.status_code_sf                  REL 
_pdbx_database_status.status_code_mr                  ? 
_pdbx_database_status.entry_id                        6DCZ 
_pdbx_database_status.recvd_initial_deposition_date   2018-05-08 
_pdbx_database_status.SG_entry                        N 
_pdbx_database_status.deposit_site                    RCSB 
_pdbx_database_status.process_site                    RCSB 
_pdbx_database_status.status_code_cs                  ? 
_pdbx_database_status.methods_development_category    ? 
_pdbx_database_status.pdb_format_compatible           Y 
_pdbx_database_status.status_code_nmr_data            ? 
# 
loop_
_audit_author.name 
_audit_author.pdbx_ordinal 
_audit_author.identifier_ORCID 
'Dick, B.L.'     1 0000-0003-2024-7206 
'Morrison, C.N.' 2 0000-0002-4180-8407 
'Cohen, S.M.'    3 0000-0002-5233-2280 
# 
_citation.abstract                  ? 
_citation.abstract_id_CAS           ? 
_citation.book_id_ISBN              ? 
_citation.book_publisher            ? 
_citation.book_publisher_city       ? 
_citation.book_title                ? 
_citation.coordinate_linkage        ? 
_citation.country                   US 
_citation.database_id_Medline       ? 
_citation.details                   ? 
_citation.id                        primary 
_citation.journal_abbrev            'J. Med. Chem.' 
_citation.journal_id_ASTM           JMCMAR 
_citation.journal_id_CSD            0151 
_citation.journal_id_ISSN           1520-4804 
_citation.journal_full              ? 
_citation.journal_issue             ? 
_citation.journal_volume            61 
_citation.language                  ? 
_citation.page_first                10206 
_citation.page_last                 10217 
_citation.title                     'Structure-Activity Relationships in Metal-Binding Pharmacophores for Influenza Endonuclease.' 
_citation.year                      2018 
_citation.database_id_CSD           ? 
_citation.pdbx_database_id_DOI      10.1021/acs.jmedchem.8b01363 
_citation.pdbx_database_id_PubMed   30351002 
_citation.unpublished_flag          ? 
# 
loop_
_citation_author.citation_id 
_citation_author.name 
_citation_author.ordinal 
_citation_author.identifier_ORCID 
primary 'Credille, C.V.' 1 ? 
primary 'Dick, B.L.'     2 ? 
primary 'Morrison, C.N.' 3 ? 
primary 'Stokes, R.W.'   4 ? 
primary 'Adamek, R.N.'   5 ? 
primary 'Wu, N.C.'       6 ? 
primary 'Wilson, I.A.'   7 ? 
primary 'Cohen, S.M.'    8 ? 
# 
_cell.angle_alpha                  90.00 
_cell.angle_alpha_esd              ? 
_cell.angle_beta                   90.00 
_cell.angle_beta_esd               ? 
_cell.angle_gamma                  120.00 
_cell.angle_gamma_esd              ? 
_cell.entry_id                     6DCZ 
_cell.details                      ? 
_cell.formula_units_Z              ? 
_cell.length_a                     75.840 
_cell.length_a_esd                 ? 
_cell.length_b                     75.840 
_cell.length_b_esd                 ? 
_cell.length_c                     121.300 
_cell.length_c_esd                 ? 
_cell.volume                       ? 
_cell.volume_esd                   ? 
_cell.Z_PDB                        12 
_cell.reciprocal_angle_alpha       ? 
_cell.reciprocal_angle_beta        ? 
_cell.reciprocal_angle_gamma       ? 
_cell.reciprocal_angle_alpha_esd   ? 
_cell.reciprocal_angle_beta_esd    ? 
_cell.reciprocal_angle_gamma_esd   ? 
_cell.reciprocal_length_a          ? 
_cell.reciprocal_length_b          ? 
_cell.reciprocal_length_c          ? 
_cell.reciprocal_length_a_esd      ? 
_cell.reciprocal_length_b_esd      ? 
_cell.reciprocal_length_c_esd      ? 
_cell.pdbx_unique_axis             ? 
# 
_symmetry.entry_id                         6DCZ 
_symmetry.cell_setting                     ? 
_symmetry.Int_Tables_number                180 
_symmetry.space_group_name_Hall            ? 
_symmetry.space_group_name_H-M             'P 62 2 2' 
_symmetry.pdbx_full_space_group_name_H-M   ? 
# 
loop_
_entity.id 
_entity.type 
_entity.src_method 
_entity.pdbx_description 
_entity.formula_weight 
_entity.pdbx_number_of_molecules 
_entity.pdbx_ec 
_entity.pdbx_mutation 
_entity.pdbx_fragment 
_entity.details 
1 polymer     man 'Polymerase acidic protein'                  22468.666 1 3.1.-.- ? 'N-terminal domain (UNP residues 1-198)' ? 
2 non-polymer syn '3-hydroxy-4-oxo-4H-pyran-2-carboxylic acid' 156.093   1 ?       ? ?                                        ? 
3 non-polymer syn 'MANGANESE (II) ION'                         54.938    2 ?       ? ?                                        ? 
4 water       nat water                                        18.015    4 ?       ? ?                                        ? 
# 
_entity_name_com.entity_id   1 
_entity_name_com.name        'RNA-directed RNA polymerase subunit P2' 
# 
_entity_poly.entity_id                      1 
_entity_poly.type                           'polypeptide(L)' 
_entity_poly.nstd_linkage                   no 
_entity_poly.nstd_monomer                   no 
_entity_poly.pdbx_seq_one_letter_code       
;MGSGMAMEDFVRQCFNPMIVELAEKAMKEYGEDPKIETNKFAAICTHLEVCFMYSDFGSGDPNALLKHRFEIIEGRDRIM
AWTVVNSICNTTGVEKPKFLPDLYDYKENRFIEIGVTRREVHIYYLEKANKIKSEKTHIHIFSFTGEEMATKADYTLDEE
SRARIKTRLFTIRQEMASRSLWDSFRQSERGE
;
_entity_poly.pdbx_seq_one_letter_code_can   
;MGSGMAMEDFVRQCFNPMIVELAEKAMKEYGEDPKIETNKFAAICTHLEVCFMYSDFGSGDPNALLKHRFEIIEGRDRIM
AWTVVNSICNTTGVEKPKFLPDLYDYKENRFIEIGVTRREVHIYYLEKANKIKSEKTHIHIFSFTGEEMATKADYTLDEE
SRARIKTRLFTIRQEMASRSLWDSFRQSERGE
;
_entity_poly.pdbx_strand_id                 A 
_entity_poly.pdbx_target_identifier         ? 
# 
loop_
_entity_poly_seq.entity_id 
_entity_poly_seq.num 
_entity_poly_seq.mon_id 
_entity_poly_seq.hetero 
1 1   MET n 
1 2   GLY n 
1 3   SER n 
1 4   GLY n 
1 5   MET n 
1 6   ALA n 
1 7   MET n 
1 8   GLU n 
1 9   ASP n 
1 10  PHE n 
1 11  VAL n 
1 12  ARG n 
1 13  GLN n 
1 14  CYS n 
1 15  PHE n 
1 16  ASN n 
1 17  PRO n 
1 18  MET n 
1 19  ILE n 
1 20  VAL n 
1 21  GLU n 
1 22  LEU n 
1 23  ALA n 
1 24  GLU n 
1 25  LYS n 
1 26  ALA n 
1 27  MET n 
1 28  LYS n 
1 29  GLU n 
1 30  TYR n 
1 31  GLY n 
1 32  GLU n 
1 33  ASP n 
1 34  PRO n 
1 35  LYS n 
1 36  ILE n 
1 37  GLU n 
1 38  THR n 
1 39  ASN n 
1 40  LYS n 
1 41  PHE n 
1 42  ALA n 
1 43  ALA n 
1 44  ILE n 
1 45  CYS n 
1 46  THR n 
1 47  HIS n 
1 48  LEU n 
1 49  GLU n 
1 50  VAL n 
1 51  CYS n 
1 52  PHE n 
1 53  MET n 
1 54  TYR n 
1 55  SER n 
1 56  ASP n 
1 57  PHE n 
1 58  GLY n 
1 59  SER n 
1 60  GLY n 
1 61  ASP n 
1 62  PRO n 
1 63  ASN n 
1 64  ALA n 
1 65  LEU n 
1 66  LEU n 
1 67  LYS n 
1 68  HIS n 
1 69  ARG n 
1 70  PHE n 
1 71  GLU n 
1 72  ILE n 
1 73  ILE n 
1 74  GLU n 
1 75  GLY n 
1 76  ARG n 
1 77  ASP n 
1 78  ARG n 
1 79  ILE n 
1 80  MET n 
1 81  ALA n 
1 82  TRP n 
1 83  THR n 
1 84  VAL n 
1 85  VAL n 
1 86  ASN n 
1 87  SER n 
1 88  ILE n 
1 89  CYS n 
1 90  ASN n 
1 91  THR n 
1 92  THR n 
1 93  GLY n 
1 94  VAL n 
1 95  GLU n 
1 96  LYS n 
1 97  PRO n 
1 98  LYS n 
1 99  PHE n 
1 100 LEU n 
1 101 PRO n 
1 102 ASP n 
1 103 LEU n 
1 104 TYR n 
1 105 ASP n 
1 106 TYR n 
1 107 LYS n 
1 108 GLU n 
1 109 ASN n 
1 110 ARG n 
1 111 PHE n 
1 112 ILE n 
1 113 GLU n 
1 114 ILE n 
1 115 GLY n 
1 116 VAL n 
1 117 THR n 
1 118 ARG n 
1 119 ARG n 
1 120 GLU n 
1 121 VAL n 
1 122 HIS n 
1 123 ILE n 
1 124 TYR n 
1 125 TYR n 
1 126 LEU n 
1 127 GLU n 
1 128 LYS n 
1 129 ALA n 
1 130 ASN n 
1 131 LYS n 
1 132 ILE n 
1 133 LYS n 
1 134 SER n 
1 135 GLU n 
1 136 LYS n 
1 137 THR n 
1 138 HIS n 
1 139 ILE n 
1 140 HIS n 
1 141 ILE n 
1 142 PHE n 
1 143 SER n 
1 144 PHE n 
1 145 THR n 
1 146 GLY n 
1 147 GLU n 
1 148 GLU n 
1 149 MET n 
1 150 ALA n 
1 151 THR n 
1 152 LYS n 
1 153 ALA n 
1 154 ASP n 
1 155 TYR n 
1 156 THR n 
1 157 LEU n 
1 158 ASP n 
1 159 GLU n 
1 160 GLU n 
1 161 SER n 
1 162 ARG n 
1 163 ALA n 
1 164 ARG n 
1 165 ILE n 
1 166 LYS n 
1 167 THR n 
1 168 ARG n 
1 169 LEU n 
1 170 PHE n 
1 171 THR n 
1 172 ILE n 
1 173 ARG n 
1 174 GLN n 
1 175 GLU n 
1 176 MET n 
1 177 ALA n 
1 178 SER n 
1 179 ARG n 
1 180 SER n 
1 181 LEU n 
1 182 TRP n 
1 183 ASP n 
1 184 SER n 
1 185 PHE n 
1 186 ARG n 
1 187 GLN n 
1 188 SER n 
1 189 GLU n 
1 190 ARG n 
1 191 GLY n 
1 192 GLU n 
# 
_entity_src_gen.entity_id                          1 
_entity_src_gen.pdbx_src_id                        1 
_entity_src_gen.pdbx_alt_source_flag               sample 
_entity_src_gen.pdbx_seq_type                      'Biological sequence' 
_entity_src_gen.pdbx_beg_seq_num                   1 
_entity_src_gen.pdbx_end_seq_num                   192 
_entity_src_gen.gene_src_common_name               ? 
_entity_src_gen.gene_src_genus                     ? 
_entity_src_gen.pdbx_gene_src_gene                 PA 
_entity_src_gen.gene_src_species                   ? 
_entity_src_gen.gene_src_strain                    'swl A/California/04/2009 H1N1' 
_entity_src_gen.gene_src_tissue                    ? 
_entity_src_gen.gene_src_tissue_fraction           ? 
_entity_src_gen.gene_src_details                   ? 
_entity_src_gen.pdbx_gene_src_fragment             ? 
_entity_src_gen.pdbx_gene_src_scientific_name      'Influenza A virus' 
_entity_src_gen.pdbx_gene_src_ncbi_taxonomy_id     641501 
_entity_src_gen.pdbx_gene_src_variant              ? 
_entity_src_gen.pdbx_gene_src_cell_line            ? 
_entity_src_gen.pdbx_gene_src_atcc                 ? 
_entity_src_gen.pdbx_gene_src_organ                ? 
_entity_src_gen.pdbx_gene_src_organelle            ? 
_entity_src_gen.pdbx_gene_src_cell                 ? 
_entity_src_gen.pdbx_gene_src_cellular_location    ? 
_entity_src_gen.host_org_common_name               ? 
_entity_src_gen.pdbx_host_org_scientific_name      'Escherichia coli' 
_entity_src_gen.pdbx_host_org_ncbi_taxonomy_id     562 
_entity_src_gen.host_org_genus                     ? 
_entity_src_gen.pdbx_host_org_gene                 ? 
_entity_src_gen.pdbx_host_org_organ                ? 
_entity_src_gen.host_org_species                   ? 
_entity_src_gen.pdbx_host_org_tissue               ? 
_entity_src_gen.pdbx_host_org_tissue_fraction      ? 
_entity_src_gen.pdbx_host_org_strain               ? 
_entity_src_gen.pdbx_host_org_variant              ? 
_entity_src_gen.pdbx_host_org_cell_line            ? 
_entity_src_gen.pdbx_host_org_atcc                 ? 
_entity_src_gen.pdbx_host_org_culture_collection   ? 
_entity_src_gen.pdbx_host_org_cell                 ? 
_entity_src_gen.pdbx_host_org_organelle            ? 
_entity_src_gen.pdbx_host_org_cellular_location    ? 
_entity_src_gen.pdbx_host_org_vector_type          ? 
_entity_src_gen.pdbx_host_org_vector               ? 
_entity_src_gen.host_org_details                   ? 
_entity_src_gen.expression_system_id               ? 
_entity_src_gen.plasmid_name                       ? 
_entity_src_gen.plasmid_details                    ? 
_entity_src_gen.pdbx_description                   ? 
# 
_struct_ref.id                         1 
_struct_ref.db_name                    UNP 
_struct_ref.db_code                    C3W5S0_I09A0 
_struct_ref.pdbx_db_accession          C3W5S0 
_struct_ref.pdbx_db_isoform            ? 
_struct_ref.entity_id                  1 
_struct_ref.pdbx_seq_one_letter_code   
;MEDFVRQCFNPMIVELAEKAMKEYGEDPKIETNKFAAICTHLEVCFMYSDFHFIDERGESIIVESGDPNALLKHRFEIIE
GRDRIMAWTVVNSICNTTGVEKPKFLPDLYDYKENRFIEIGVTRREVHIYYLEKANKIKSEKTHIHIFSFTGEEMATKAD
YTLDEESRARIKTRLFTIRQEMASRSLWDSFRQSERGE
;
_struct_ref.pdbx_align_begin           1 
# 
_struct_ref_seq.align_id                      1 
_struct_ref_seq.ref_id                        1 
_struct_ref_seq.pdbx_PDB_id_code              6DCZ 
_struct_ref_seq.pdbx_strand_id                A 
_struct_ref_seq.seq_align_beg                 7 
_struct_ref_seq.pdbx_seq_align_beg_ins_code   ? 
_struct_ref_seq.seq_align_end                 192 
_struct_ref_seq.pdbx_seq_align_end_ins_code   ? 
_struct_ref_seq.pdbx_db_accession             C3W5S0 
_struct_ref_seq.db_align_beg                  1 
_struct_ref_seq.pdbx_db_align_beg_ins_code    ? 
_struct_ref_seq.db_align_end                  198 
_struct_ref_seq.pdbx_db_align_end_ins_code    ? 
_struct_ref_seq.pdbx_auth_seq_align_beg       1 
_struct_ref_seq.pdbx_auth_seq_align_end       198 
# 
loop_
_struct_ref_seq_dif.align_id 
_struct_ref_seq_dif.pdbx_pdb_id_code 
_struct_ref_seq_dif.mon_id 
_struct_ref_seq_dif.pdbx_pdb_strand_id 
_struct_ref_seq_dif.seq_num 
_struct_ref_seq_dif.pdbx_pdb_ins_code 
_struct_ref_seq_dif.pdbx_seq_db_name 
_struct_ref_seq_dif.pdbx_seq_db_accession_code 
_struct_ref_seq_dif.db_mon_id 
_struct_ref_seq_dif.pdbx_seq_db_seq_num 
_struct_ref_seq_dif.details 
_struct_ref_seq_dif.pdbx_auth_seq_num 
_struct_ref_seq_dif.pdbx_ordinal 
1 6DCZ MET A 1  ? UNP C3W5S0 ?   ?  'expression tag' -5 1  
1 6DCZ GLY A 2  ? UNP C3W5S0 ?   ?  'expression tag' -4 2  
1 6DCZ SER A 3  ? UNP C3W5S0 ?   ?  'expression tag' -3 3  
1 6DCZ GLY A 4  ? UNP C3W5S0 ?   ?  'expression tag' -2 4  
1 6DCZ MET A 5  ? UNP C3W5S0 ?   ?  'expression tag' -1 5  
1 6DCZ ALA A 6  ? UNP C3W5S0 ?   ?  'expression tag' 0  6  
1 6DCZ GLY A 58 ? UNP C3W5S0 HIS 52 conflict         52 7  
1 6DCZ ?   A ?  ? UNP C3W5S0 PHE 53 deletion         ?  8  
1 6DCZ ?   A ?  ? UNP C3W5S0 ILE 54 deletion         ?  9  
1 6DCZ ?   A ?  ? UNP C3W5S0 ASP 55 deletion         ?  10 
1 6DCZ ?   A ?  ? UNP C3W5S0 GLU 56 deletion         ?  11 
1 6DCZ ?   A ?  ? UNP C3W5S0 ARG 57 deletion         ?  12 
1 6DCZ ?   A ?  ? UNP C3W5S0 GLY 58 deletion         ?  13 
1 6DCZ ?   A ?  ? UNP C3W5S0 GLU 59 deletion         ?  14 
1 6DCZ ?   A ?  ? UNP C3W5S0 SER 60 deletion         ?  15 
1 6DCZ ?   A ?  ? UNP C3W5S0 ILE 61 deletion         ?  16 
1 6DCZ ?   A ?  ? UNP C3W5S0 ILE 62 deletion         ?  17 
1 6DCZ ?   A ?  ? UNP C3W5S0 VAL 63 deletion         ?  18 
1 6DCZ ?   A ?  ? UNP C3W5S0 GLU 64 deletion         ?  19 
# 
loop_
_chem_comp.id 
_chem_comp.type 
_chem_comp.mon_nstd_flag 
_chem_comp.name 
_chem_comp.pdbx_synonyms 
_chem_comp.formula 
_chem_comp.formula_weight 
ALA 'L-peptide linking' y ALANINE                                      ? 'C3 H7 N O2'     89.093  
ARG 'L-peptide linking' y ARGININE                                     ? 'C6 H15 N4 O2 1' 175.209 
ASN 'L-peptide linking' y ASPARAGINE                                   ? 'C4 H8 N2 O3'    132.118 
ASP 'L-peptide linking' y 'ASPARTIC ACID'                              ? 'C4 H7 N O4'     133.103 
CYS 'L-peptide linking' y CYSTEINE                                     ? 'C3 H7 N O2 S'   121.158 
G5Y non-polymer         . '3-hydroxy-4-oxo-4H-pyran-2-carboxylic acid' ? 'C6 H4 O5'       156.093 
GLN 'L-peptide linking' y GLUTAMINE                                    ? 'C5 H10 N2 O3'   146.144 
GLU 'L-peptide linking' y 'GLUTAMIC ACID'                              ? 'C5 H9 N O4'     147.129 
GLY 'peptide linking'   y GLYCINE                                      ? 'C2 H5 N O2'     75.067  
HIS 'L-peptide linking' y HISTIDINE                                    ? 'C6 H10 N3 O2 1' 156.162 
HOH non-polymer         . WATER                                        ? 'H2 O'           18.015  
ILE 'L-peptide linking' y ISOLEUCINE                                   ? 'C6 H13 N O2'    131.173 
LEU 'L-peptide linking' y LEUCINE                                      ? 'C6 H13 N O2'    131.173 
LYS 'L-peptide linking' y LYSINE                                       ? 'C6 H15 N2 O2 1' 147.195 
MET 'L-peptide linking' y METHIONINE                                   ? 'C5 H11 N O2 S'  149.211 
MN  non-polymer         . 'MANGANESE (II) ION'                         ? 'Mn 2'           54.938  
PHE 'L-peptide linking' y PHENYLALANINE                                ? 'C9 H11 N O2'    165.189 
PRO 'L-peptide linking' y PROLINE                                      ? 'C5 H9 N O2'     115.130 
SER 'L-peptide linking' y SERINE                                       ? 'C3 H7 N O3'     105.093 
THR 'L-peptide linking' y THREONINE                                    ? 'C4 H9 N O3'     119.119 
TRP 'L-peptide linking' y TRYPTOPHAN                                   ? 'C11 H12 N2 O2'  204.225 
TYR 'L-peptide linking' y TYROSINE                                     ? 'C9 H11 N O3'    181.189 
VAL 'L-peptide linking' y VALINE                                       ? 'C5 H11 N O2'    117.146 
# 
_exptl.absorpt_coefficient_mu     ? 
_exptl.absorpt_correction_T_max   ? 
_exptl.absorpt_correction_T_min   ? 
_exptl.absorpt_correction_type    ? 
_exptl.absorpt_process_details    ? 
_exptl.entry_id                   6DCZ 
_exptl.crystals_number            1 
_exptl.details                    ? 
_exptl.method                     'X-RAY DIFFRACTION' 
_exptl.method_details             ? 
# 
_exptl_crystal.colour                      ? 
_exptl_crystal.density_diffrn              ? 
_exptl_crystal.density_Matthews            2.36 
_exptl_crystal.density_method              ? 
_exptl_crystal.density_percent_sol         47.85 
_exptl_crystal.description                 ? 
_exptl_crystal.F_000                       ? 
_exptl_crystal.id                          1 
_exptl_crystal.preparation                 ? 
_exptl_crystal.size_max                    ? 
_exptl_crystal.size_mid                    ? 
_exptl_crystal.size_min                    ? 
_exptl_crystal.size_rad                    ? 
_exptl_crystal.colour_lustre               ? 
_exptl_crystal.colour_modifier             ? 
_exptl_crystal.colour_primary              ? 
_exptl_crystal.density_meas                ? 
_exptl_crystal.density_meas_esd            ? 
_exptl_crystal.density_meas_gt             ? 
_exptl_crystal.density_meas_lt             ? 
_exptl_crystal.density_meas_temp           ? 
_exptl_crystal.density_meas_temp_esd       ? 
_exptl_crystal.density_meas_temp_gt        ? 
_exptl_crystal.density_meas_temp_lt        ? 
_exptl_crystal.pdbx_crystal_image_url      ? 
_exptl_crystal.pdbx_crystal_image_format   ? 
_exptl_crystal.pdbx_mosaicity              ? 
_exptl_crystal.pdbx_mosaicity_esd          ? 
# 
_exptl_crystal_grow.apparatus       ? 
_exptl_crystal_grow.atmosphere      ? 
_exptl_crystal_grow.crystal_id      1 
_exptl_crystal_grow.details         ? 
_exptl_crystal_grow.method          'VAPOR DIFFUSION, HANGING DROP' 
_exptl_crystal_grow.method_ref      ? 
_exptl_crystal_grow.pH              8.0 
_exptl_crystal_grow.pressure        ? 
_exptl_crystal_grow.pressure_esd    ? 
_exptl_crystal_grow.seeding         ? 
_exptl_crystal_grow.seeding_ref     ? 
_exptl_crystal_grow.temp            308 
_exptl_crystal_grow.temp_details    ? 
_exptl_crystal_grow.temp_esd        ? 
_exptl_crystal_grow.time            ? 
_exptl_crystal_grow.pdbx_details    '25% PEG4000, 100 mM Tris, pH 8.0, 200 mM sodium acetate' 
_exptl_crystal_grow.pdbx_pH_range   ? 
# 
_diffrn.ambient_environment    ? 
_diffrn.ambient_temp           100 
_diffrn.ambient_temp_details   ? 
_diffrn.ambient_temp_esd       ? 
_diffrn.crystal_id             1 
_diffrn.crystal_support        ? 
_diffrn.crystal_treatment      ? 
_diffrn.details                ? 
_diffrn.id                     1 
_diffrn.ambient_pressure       ? 
_diffrn.ambient_pressure_esd   ? 
_diffrn.ambient_pressure_gt    ? 
_diffrn.ambient_pressure_lt    ? 
_diffrn.ambient_temp_gt        ? 
_diffrn.ambient_temp_lt        ? 
# 
_diffrn_detector.details                      ? 
_diffrn_detector.detector                     CCD 
_diffrn_detector.diffrn_id                    1 
_diffrn_detector.type                         'APEX II CCD' 
_diffrn_detector.area_resol_mean              ? 
_diffrn_detector.dtime                        ? 
_diffrn_detector.pdbx_frames_total            ? 
_diffrn_detector.pdbx_collection_time_total   ? 
_diffrn_detector.pdbx_collection_date         2016-10-15 
# 
_diffrn_radiation.collimation                      ? 
_diffrn_radiation.diffrn_id                        1 
_diffrn_radiation.filter_edge                      ? 
_diffrn_radiation.inhomogeneity                    ? 
_diffrn_radiation.monochromator                    ? 
_diffrn_radiation.polarisn_norm                    ? 
_diffrn_radiation.polarisn_ratio                   ? 
_diffrn_radiation.probe                            ? 
_diffrn_radiation.type                             ? 
_diffrn_radiation.xray_symbol                      ? 
_diffrn_radiation.wavelength_id                    1 
_diffrn_radiation.pdbx_monochromatic_or_laue_m_l   M 
_diffrn_radiation.pdbx_wavelength_list             ? 
_diffrn_radiation.pdbx_wavelength                  ? 
_diffrn_radiation.pdbx_diffrn_protocol             'SINGLE WAVELENGTH' 
_diffrn_radiation.pdbx_analyzer                    ? 
_diffrn_radiation.pdbx_scattering_type             x-ray 
# 
_diffrn_radiation_wavelength.id           1 
_diffrn_radiation_wavelength.wavelength   1.54178 
_diffrn_radiation_wavelength.wt           1.0 
# 
_diffrn_source.current                     ? 
_diffrn_source.details                     ? 
_diffrn_source.diffrn_id                   1 
_diffrn_source.power                       ? 
_diffrn_source.size                        ? 
_diffrn_source.source                      'ROTATING ANODE' 
_diffrn_source.target                      ? 
_diffrn_source.type                        'BRUKER AXS MICROSTAR' 
_diffrn_source.voltage                     ? 
_diffrn_source.take-off_angle              ? 
_diffrn_source.pdbx_wavelength_list        1.54178 
_diffrn_source.pdbx_wavelength             ? 
_diffrn_source.pdbx_synchrotron_beamline   ? 
_diffrn_source.pdbx_synchrotron_site       ? 
# 
_reflns.B_iso_Wilson_estimate            ? 
_reflns.entry_id                         6DCZ 
_reflns.data_reduction_details           ? 
_reflns.data_reduction_method            ? 
_reflns.d_resolution_high                2.89 
_reflns.d_resolution_low                 30.33 
_reflns.details                          ? 
_reflns.limit_h_max                      ? 
_reflns.limit_h_min                      ? 
_reflns.limit_k_max                      ? 
_reflns.limit_k_min                      ? 
_reflns.limit_l_max                      ? 
_reflns.limit_l_min                      ? 
_reflns.number_all                       ? 
_reflns.number_obs                       4826 
_reflns.observed_criterion               ? 
_reflns.observed_criterion_F_max         ? 
_reflns.observed_criterion_F_min         ? 
_reflns.observed_criterion_I_max         ? 
_reflns.observed_criterion_I_min         ? 
_reflns.observed_criterion_sigma_F       ? 
_reflns.observed_criterion_sigma_I       ? 
_reflns.percent_possible_obs             95.7 
_reflns.R_free_details                   ? 
_reflns.Rmerge_F_all                     ? 
_reflns.Rmerge_F_obs                     ? 
_reflns.Friedel_coverage                 ? 
_reflns.number_gt                        ? 
_reflns.threshold_expression             ? 
_reflns.pdbx_redundancy                  8.8 
_reflns.pdbx_Rmerge_I_obs                0.117 
_reflns.pdbx_Rmerge_I_all                ? 
_reflns.pdbx_Rsym_value                  ? 
_reflns.pdbx_netI_over_av_sigmaI         ? 
_reflns.pdbx_netI_over_sigmaI            12.5 
_reflns.pdbx_res_netI_over_av_sigmaI_2   ? 
_reflns.pdbx_res_netI_over_sigmaI_2      ? 
_reflns.pdbx_chi_squared                 ? 
_reflns.pdbx_scaling_rejects             ? 
_reflns.pdbx_d_res_high_opt              ? 
_reflns.pdbx_d_res_low_opt               ? 
_reflns.pdbx_d_res_opt_method            ? 
_reflns.phase_calculation_details        ? 
_reflns.pdbx_Rrim_I_all                  ? 
_reflns.pdbx_Rpim_I_all                  ? 
_reflns.pdbx_d_opt                       ? 
_reflns.pdbx_number_measured_all         ? 
_reflns.pdbx_diffrn_id                   1 
_reflns.pdbx_ordinal                     1 
_reflns.pdbx_CC_half                     ? 
_reflns.pdbx_R_split                     ? 
# 
_reflns_shell.d_res_high                  2.89 
_reflns_shell.d_res_low                   3.07 
_reflns_shell.meanI_over_sigI_all         ? 
_reflns_shell.meanI_over_sigI_obs         2.5 
_reflns_shell.number_measured_all         ? 
_reflns_shell.number_measured_obs         ? 
_reflns_shell.number_possible             ? 
_reflns_shell.number_unique_all           ? 
_reflns_shell.number_unique_obs           773 
_reflns_shell.percent_possible_all        99.8 
_reflns_shell.percent_possible_obs        ? 
_reflns_shell.Rmerge_F_all                ? 
_reflns_shell.Rmerge_F_obs                ? 
_reflns_shell.Rmerge_I_all                ? 
_reflns_shell.Rmerge_I_obs                0.485 
_reflns_shell.meanI_over_sigI_gt          ? 
_reflns_shell.meanI_over_uI_all           ? 
_reflns_shell.meanI_over_uI_gt            ? 
_reflns_shell.number_measured_gt          ? 
_reflns_shell.number_unique_gt            ? 
_reflns_shell.percent_possible_gt         ? 
_reflns_shell.Rmerge_F_gt                 ? 
_reflns_shell.Rmerge_I_gt                 ? 
_reflns_shell.pdbx_redundancy             5.4 
_reflns_shell.pdbx_Rsym_value             ? 
_reflns_shell.pdbx_chi_squared            ? 
_reflns_shell.pdbx_netI_over_sigmaI_all   ? 
_reflns_shell.pdbx_netI_over_sigmaI_obs   ? 
_reflns_shell.pdbx_Rrim_I_all             ? 
_reflns_shell.pdbx_Rpim_I_all             ? 
_reflns_shell.pdbx_rejects                ? 
_reflns_shell.pdbx_ordinal                1 
_reflns_shell.pdbx_diffrn_id              1 
_reflns_shell.pdbx_CC_half                ? 
_reflns_shell.pdbx_R_split                ? 
# 
_refine.aniso_B[1][1]                            -0.47 
_refine.aniso_B[1][2]                            -0.23 
_refine.aniso_B[1][3]                            -0.00 
_refine.aniso_B[2][2]                            -0.47 
_refine.aniso_B[2][3]                            -0.00 
_refine.aniso_B[3][3]                            1.51 
_refine.B_iso_max                                ? 
_refine.B_iso_mean                               43.918 
_refine.B_iso_min                                ? 
_refine.correlation_coeff_Fo_to_Fc               0.934 
_refine.correlation_coeff_Fo_to_Fc_free          0.850 
_refine.details                                  'HYDROGENS HAVE BEEN ADDED IN THE RIDING POSITIONS' 
_refine.diff_density_max                         ? 
_refine.diff_density_max_esd                     ? 
_refine.diff_density_min                         ? 
_refine.diff_density_min_esd                     ? 
_refine.diff_density_rms                         ? 
_refine.diff_density_rms_esd                     ? 
_refine.entry_id                                 6DCZ 
_refine.pdbx_refine_id                           'X-RAY DIFFRACTION' 
_refine.ls_abs_structure_details                 ? 
_refine.ls_abs_structure_Flack                   ? 
_refine.ls_abs_structure_Flack_esd               ? 
_refine.ls_abs_structure_Rogers                  ? 
_refine.ls_abs_structure_Rogers_esd              ? 
_refine.ls_d_res_high                            2.89 
_refine.ls_d_res_low                             28.89 
_refine.ls_extinction_coef                       ? 
_refine.ls_extinction_coef_esd                   ? 
_refine.ls_extinction_expression                 ? 
_refine.ls_extinction_method                     ? 
_refine.ls_goodness_of_fit_all                   ? 
_refine.ls_goodness_of_fit_all_esd               ? 
_refine.ls_goodness_of_fit_obs                   ? 
_refine.ls_goodness_of_fit_obs_esd               ? 
_refine.ls_hydrogen_treatment                    ? 
_refine.ls_matrix_type                           ? 
_refine.ls_number_constraints                    ? 
_refine.ls_number_parameters                     ? 
_refine.ls_number_reflns_all                     ? 
_refine.ls_number_reflns_obs                     4332 
_refine.ls_number_reflns_R_free                  473 
_refine.ls_number_reflns_R_work                  ? 
_refine.ls_number_restraints                     ? 
_refine.ls_percent_reflns_obs                    95.58 
_refine.ls_percent_reflns_R_free                 9.8 
_refine.ls_R_factor_all                          ? 
_refine.ls_R_factor_obs                          0.20684 
_refine.ls_R_factor_R_free                       0.27586 
_refine.ls_R_factor_R_free_error                 ? 
_refine.ls_R_factor_R_free_error_details         ? 
_refine.ls_R_factor_R_work                       0.19963 
_refine.ls_R_Fsqd_factor_obs                     ? 
_refine.ls_R_I_factor_obs                        ? 
_refine.ls_redundancy_reflns_all                 ? 
_refine.ls_redundancy_reflns_obs                 ? 
_refine.ls_restrained_S_all                      ? 
_refine.ls_restrained_S_obs                      ? 
_refine.ls_shift_over_esd_max                    ? 
_refine.ls_shift_over_esd_mean                   ? 
_refine.ls_structure_factor_coef                 ? 
_refine.ls_weighting_details                     ? 
_refine.ls_weighting_scheme                      ? 
_refine.ls_wR_factor_all                         ? 
_refine.ls_wR_factor_obs                         ? 
_refine.ls_wR_factor_R_free                      ? 
_refine.ls_wR_factor_R_work                      ? 
_refine.occupancy_max                            ? 
_refine.occupancy_min                            ? 
_refine.solvent_model_details                    ? 
_refine.solvent_model_param_bsol                 ? 
_refine.solvent_model_param_ksol                 ? 
_refine.ls_R_factor_gt                           ? 
_refine.ls_goodness_of_fit_gt                    ? 
_refine.ls_goodness_of_fit_ref                   ? 
_refine.ls_shift_over_su_max                     ? 
_refine.ls_shift_over_su_max_lt                  ? 
_refine.ls_shift_over_su_mean                    ? 
_refine.ls_shift_over_su_mean_lt                 ? 
_refine.pdbx_ls_sigma_I                          ? 
_refine.pdbx_ls_sigma_F                          ? 
_refine.pdbx_ls_sigma_Fsqd                       ? 
_refine.pdbx_data_cutoff_high_absF               ? 
_refine.pdbx_data_cutoff_high_rms_absF           ? 
_refine.pdbx_data_cutoff_low_absF                ? 
_refine.pdbx_isotropic_thermal_model             ? 
_refine.pdbx_ls_cross_valid_method               THROUGHOUT 
_refine.pdbx_method_to_determine_struct          'MOLECULAR REPLACEMENT' 
_refine.pdbx_starting_model                      'PDB entry 4AWM' 
_refine.pdbx_stereochemistry_target_values       ? 
_refine.pdbx_R_Free_selection_details            RANDOM 
_refine.pdbx_stereochem_target_val_spec_case     ? 
_refine.pdbx_overall_ESU_R                       ? 
_refine.pdbx_overall_ESU_R_Free                  0.495 
_refine.pdbx_solvent_vdw_probe_radii             1.20 
_refine.pdbx_solvent_ion_probe_radii             0.80 
_refine.pdbx_solvent_shrinkage_radii             0.80 
_refine.pdbx_real_space_R                        ? 
_refine.pdbx_density_correlation                 ? 
_refine.pdbx_pd_number_of_powder_patterns        ? 
_refine.pdbx_pd_number_of_points                 ? 
_refine.pdbx_pd_meas_number_of_points            ? 
_refine.pdbx_pd_proc_ls_prof_R_factor            ? 
_refine.pdbx_pd_proc_ls_prof_wR_factor           ? 
_refine.pdbx_pd_Marquardt_correlation_coeff      ? 
_refine.pdbx_pd_Fsqrd_R_factor                   ? 
_refine.pdbx_pd_ls_matrix_band_width             ? 
_refine.pdbx_overall_phase_error                 ? 
_refine.pdbx_overall_SU_R_free_Cruickshank_DPI   ? 
_refine.pdbx_overall_SU_R_free_Blow_DPI          ? 
_refine.pdbx_overall_SU_R_Blow_DPI               ? 
_refine.pdbx_TLS_residual_ADP_flag               ? 
_refine.pdbx_diffrn_id                           1 
_refine.overall_SU_B                             17.700 
_refine.overall_SU_ML                            0.336 
_refine.overall_SU_R_Cruickshank_DPI             ? 
_refine.overall_SU_R_free                        ? 
_refine.overall_FOM_free_R_set                   ? 
_refine.overall_FOM_work_R_set                   ? 
_refine.pdbx_average_fsc_overall                 ? 
_refine.pdbx_average_fsc_work                    ? 
_refine.pdbx_average_fsc_free                    ? 
# 
_refine_hist.pdbx_refine_id                   'X-RAY DIFFRACTION' 
_refine_hist.cycle_id                         1 
_refine_hist.pdbx_number_atoms_protein        1496 
_refine_hist.pdbx_number_atoms_nucleic_acid   0 
_refine_hist.pdbx_number_atoms_ligand         13 
_refine_hist.number_atoms_solvent             4 
_refine_hist.number_atoms_total               1513 
_refine_hist.d_res_high                       2.89 
_refine_hist.d_res_low                        28.89 
# 
loop_
_refine_ls_restr.pdbx_refine_id 
_refine_ls_restr.criterion 
_refine_ls_restr.dev_ideal 
_refine_ls_restr.dev_ideal_target 
_refine_ls_restr.number 
_refine_ls_restr.rejects 
_refine_ls_restr.type 
_refine_ls_restr.weight 
_refine_ls_restr.pdbx_restraint_function 
'X-RAY DIFFRACTION' ? 0.008  0.014  1537 ? r_bond_refined_d             ? ? 
'X-RAY DIFFRACTION' ? 0.001  0.017  1370 ? r_bond_other_d               ? ? 
'X-RAY DIFFRACTION' ? 1.277  1.672  2062 ? r_angle_refined_deg          ? ? 
'X-RAY DIFFRACTION' ? 0.844  1.637  3215 ? r_angle_other_deg            ? ? 
'X-RAY DIFFRACTION' ? 6.941  5.000  178  ? r_dihedral_angle_1_deg       ? ? 
'X-RAY DIFFRACTION' ? 35.870 21.183 93   ? r_dihedral_angle_2_deg       ? ? 
'X-RAY DIFFRACTION' ? 19.418 15.000 291  ? r_dihedral_angle_3_deg       ? ? 
'X-RAY DIFFRACTION' ? 22.421 15.000 14   ? r_dihedral_angle_4_deg       ? ? 
'X-RAY DIFFRACTION' ? 0.059  0.200  201  ? r_chiral_restr               ? ? 
'X-RAY DIFFRACTION' ? 0.005  0.020  1705 ? r_gen_planes_refined         ? ? 
'X-RAY DIFFRACTION' ? 0.001  0.020  300  ? r_gen_planes_other           ? ? 
'X-RAY DIFFRACTION' ? ?      ?      ?    ? r_nbd_refined                ? ? 
'X-RAY DIFFRACTION' ? ?      ?      ?    ? r_nbd_other                  ? ? 
'X-RAY DIFFRACTION' ? ?      ?      ?    ? r_nbtor_refined              ? ? 
'X-RAY DIFFRACTION' ? ?      ?      ?    ? r_nbtor_other                ? ? 
'X-RAY DIFFRACTION' ? ?      ?      ?    ? r_xyhbond_nbd_refined        ? ? 
'X-RAY DIFFRACTION' ? ?      ?      ?    ? r_xyhbond_nbd_other          ? ? 
'X-RAY DIFFRACTION' ? ?      ?      ?    ? r_metal_ion_refined          ? ? 
'X-RAY DIFFRACTION' ? ?      ?      ?    ? r_metal_ion_other            ? ? 
'X-RAY DIFFRACTION' ? ?      ?      ?    ? r_symmetry_vdw_refined       ? ? 
'X-RAY DIFFRACTION' ? ?      ?      ?    ? r_symmetry_vdw_other         ? ? 
'X-RAY DIFFRACTION' ? ?      ?      ?    ? r_symmetry_hbond_refined     ? ? 
'X-RAY DIFFRACTION' ? ?      ?      ?    ? r_symmetry_hbond_other       ? ? 
'X-RAY DIFFRACTION' ? ?      ?      ?    ? r_symmetry_metal_ion_refined ? ? 
'X-RAY DIFFRACTION' ? ?      ?      ?    ? r_symmetry_metal_ion_other   ? ? 
'X-RAY DIFFRACTION' ? 2.870  4.366  718  ? r_mcbond_it                  ? ? 
'X-RAY DIFFRACTION' ? 2.858  4.361  717  ? r_mcbond_other               ? ? 
'X-RAY DIFFRACTION' ? 4.653  6.530  894  ? r_mcangle_it                 ? ? 
'X-RAY DIFFRACTION' ? 4.651  6.536  895  ? r_mcangle_other              ? ? 
'X-RAY DIFFRACTION' ? 3.003  4.632  819  ? r_scbond_it                  ? ? 
'X-RAY DIFFRACTION' ? 3.008  4.636  816  ? r_scbond_other               ? ? 
'X-RAY DIFFRACTION' ? ?      ?      ?    ? r_scangle_it                 ? ? 
'X-RAY DIFFRACTION' ? 4.769  6.812  1167 ? r_scangle_other              ? ? 
'X-RAY DIFFRACTION' ? 7.287  49.126 1793 ? r_long_range_B_refined       ? ? 
'X-RAY DIFFRACTION' ? 7.288  49.133 1792 ? r_long_range_B_other         ? ? 
'X-RAY DIFFRACTION' ? ?      ?      ?    ? r_rigid_bond_restr           ? ? 
'X-RAY DIFFRACTION' ? ?      ?      ?    ? r_sphericity_free            ? ? 
'X-RAY DIFFRACTION' ? ?      ?      ?    ? r_sphericity_bonded          ? ? 
# 
_refine_ls_shell.pdbx_refine_id                   'X-RAY DIFFRACTION' 
_refine_ls_shell.d_res_high                       2.891 
_refine_ls_shell.d_res_low                        2.966 
_refine_ls_shell.number_reflns_all                ? 
_refine_ls_shell.number_reflns_obs                ? 
_refine_ls_shell.number_reflns_R_free             35 
_refine_ls_shell.number_reflns_R_work             310 
_refine_ls_shell.percent_reflns_obs               99.42 
_refine_ls_shell.percent_reflns_R_free            ? 
_refine_ls_shell.R_factor_all                     ? 
_refine_ls_shell.R_factor_obs                     ? 
_refine_ls_shell.R_factor_R_free                  0.334 
_refine_ls_shell.R_factor_R_free_error            ? 
_refine_ls_shell.R_factor_R_work                  0.289 
_refine_ls_shell.redundancy_reflns_all            ? 
_refine_ls_shell.redundancy_reflns_obs            ? 
_refine_ls_shell.wR_factor_all                    ? 
_refine_ls_shell.wR_factor_obs                    ? 
_refine_ls_shell.wR_factor_R_free                 ? 
_refine_ls_shell.wR_factor_R_work                 ? 
_refine_ls_shell.pdbx_total_number_of_bins_used   20 
_refine_ls_shell.pdbx_phase_error                 ? 
_refine_ls_shell.pdbx_fsc_work                    ? 
_refine_ls_shell.pdbx_fsc_free                    ? 
# 
_struct.entry_id                     6DCZ 
_struct.title                        
'The N-terminal domain of PA endonuclease from the influenza H1N1 virus in complex with 3-hydroxy-4-oxo-4H-pyran-2-carboxylic acid' 
_struct.pdbx_model_details           ? 
_struct.pdbx_formula_weight          ? 
_struct.pdbx_formula_weight_method   ? 
_struct.pdbx_model_type_details      ? 
_struct.pdbx_CASP_flag               N 
# 
_struct_keywords.entry_id        6DCZ 
_struct_keywords.text            'Inhibitor, Endonuclease, Influenza, PA domain, HYDROLASE-HYDROLASE INHIBITOR complex' 
_struct_keywords.pdbx_keywords   'HYDROLASE/HYDROLASE INHIBITOR' 
# 
loop_
_struct_asym.id 
_struct_asym.pdbx_blank_PDB_chainid_flag 
_struct_asym.pdbx_modified 
_struct_asym.entity_id 
_struct_asym.details 
A N N 1 ? 
B N N 2 ? 
C N N 3 ? 
D N N 3 ? 
E N N 4 ? 
# 
loop_
_struct_conf.conf_type_id 
_struct_conf.id 
_struct_conf.pdbx_PDB_helix_id 
_struct_conf.beg_label_comp_id 
_struct_conf.beg_label_asym_id 
_struct_conf.beg_label_seq_id 
_struct_conf.pdbx_beg_PDB_ins_code 
_struct_conf.end_label_comp_id 
_struct_conf.end_label_asym_id 
_struct_conf.end_label_seq_id 
_struct_conf.pdbx_end_PDB_ins_code 
_struct_conf.beg_auth_comp_id 
_struct_conf.beg_auth_asym_id 
_struct_conf.beg_auth_seq_id 
_struct_conf.end_auth_comp_id 
_struct_conf.end_auth_asym_id 
_struct_conf.end_auth_seq_id 
_struct_conf.pdbx_PDB_helix_class 
_struct_conf.details 
_struct_conf.pdbx_PDB_helix_length 
HELX_P HELX_P1 AA1 ALA A 6   ? PHE A 15  ? ALA A 0   PHE A 9   1 ? 10 
HELX_P HELX_P2 AA2 ASN A 16  ? TYR A 30  ? ASN A 10  TYR A 24  1 ? 15 
HELX_P HELX_P3 AA3 GLU A 37  ? PHE A 57  ? GLU A 31  PHE A 51  1 ? 21 
HELX_P HELX_P4 AA4 ASP A 77  ? THR A 91  ? ASP A 83  THR A 97  1 ? 15 
HELX_P HELX_P5 AA5 GLU A 120 ? ILE A 132 ? GLU A 126 ILE A 138 1 ? 13 
HELX_P HELX_P6 AA6 LYS A 152 ? ASP A 154 ? LYS A 158 ASP A 160 5 ? 3  
HELX_P HELX_P7 AA7 ASP A 158 ? ARG A 179 ? ASP A 164 ARG A 185 1 ? 22 
HELX_P HELX_P8 AA8 LEU A 181 ? GLN A 187 ? LEU A 187 GLN A 193 1 ? 7  
# 
_struct_conf_type.id          HELX_P 
_struct_conf_type.criteria    ? 
_struct_conf_type.reference   ? 
# 
loop_
_struct_conn.id 
_struct_conn.conn_type_id 
_struct_conn.pdbx_leaving_atom_flag 
_struct_conn.pdbx_PDB_id 
_struct_conn.ptnr1_label_asym_id 
_struct_conn.ptnr1_label_comp_id 
_struct_conn.ptnr1_label_seq_id 
_struct_conn.ptnr1_label_atom_id 
_struct_conn.pdbx_ptnr1_label_alt_id 
_struct_conn.pdbx_ptnr1_PDB_ins_code 
_struct_conn.pdbx_ptnr1_standard_comp_id 
_struct_conn.ptnr1_symmetry 
_struct_conn.ptnr2_label_asym_id 
_struct_conn.ptnr2_label_comp_id 
_struct_conn.ptnr2_label_seq_id 
_struct_conn.ptnr2_label_atom_id 
_struct_conn.pdbx_ptnr2_label_alt_id 
_struct_conn.pdbx_ptnr2_PDB_ins_code 
_struct_conn.ptnr1_auth_asym_id 
_struct_conn.ptnr1_auth_comp_id 
_struct_conn.ptnr1_auth_seq_id 
_struct_conn.ptnr2_auth_asym_id 
_struct_conn.ptnr2_auth_comp_id 
_struct_conn.ptnr2_auth_seq_id 
_struct_conn.ptnr2_symmetry 
_struct_conn.pdbx_ptnr3_label_atom_id 
_struct_conn.pdbx_ptnr3_label_seq_id 
_struct_conn.pdbx_ptnr3_label_comp_id 
_struct_conn.pdbx_ptnr3_label_asym_id 
_struct_conn.pdbx_ptnr3_label_alt_id 
_struct_conn.pdbx_ptnr3_PDB_ins_code 
_struct_conn.details 
_struct_conn.pdbx_dist_value 
_struct_conn.pdbx_value_order 
_struct_conn.pdbx_role 
metalc1  metalc ? ? A HIS 47  NE2 ? ? ? 1_555 D MN  . MN ? ? A HIS 41  A MN  303 1_555 ? ? ? ? ? ? ? 2.169 ? ? 
metalc2  metalc ? ? A GLU 74  OE1 ? ? ? 1_555 C MN  . MN ? ? A GLU 80  A MN  302 1_555 ? ? ? ? ? ? ? 1.880 ? ? 
metalc3  metalc ? ? A ASP 102 OD1 ? ? ? 1_555 C MN  . MN ? ? A ASP 108 A MN  302 1_555 ? ? ? ? ? ? ? 2.079 ? ? 
metalc4  metalc ? ? A ASP 102 OD2 ? ? ? 1_555 D MN  . MN ? ? A ASP 108 A MN  303 1_555 ? ? ? ? ? ? ? 1.979 ? ? 
metalc5  metalc ? ? A GLU 113 OE2 ? ? ? 1_555 D MN  . MN ? ? A GLU 119 A MN  303 1_555 ? ? ? ? ? ? ? 2.131 ? ? 
metalc6  metalc ? ? A ILE 114 O   ? ? ? 1_555 D MN  . MN ? ? A ILE 120 A MN  303 1_555 ? ? ? ? ? ? ? 2.145 ? ? 
metalc7  metalc ? ? B G5Y .   OAI ? ? ? 1_555 C MN  . MN ? ? A G5Y 301 A MN  302 1_555 ? ? ? ? ? ? ? 2.014 ? ? 
metalc8  metalc ? ? B G5Y .   OAJ ? ? ? 1_555 C MN  . MN ? ? A G5Y 301 A MN  302 1_555 ? ? ? ? ? ? ? 1.919 ? ? 
metalc9  metalc ? ? B G5Y .   OAD ? ? ? 1_555 D MN  . MN ? ? A G5Y 301 A MN  303 1_555 ? ? ? ? ? ? ? 1.994 ? ? 
metalc10 metalc ? ? B G5Y .   OAJ ? ? ? 1_555 D MN  . MN ? ? A G5Y 301 A MN  303 1_555 ? ? ? ? ? ? ? 2.297 ? ? 
metalc11 metalc ? ? C MN  .   MN  ? ? ? 1_555 E HOH . O  ? ? A MN  302 A HOH 401 1_555 ? ? ? ? ? ? ? 2.252 ? ? 
metalc12 metalc ? ? C MN  .   MN  ? ? ? 1_555 E HOH . O  ? ? A MN  302 A HOH 402 1_555 ? ? ? ? ? ? ? 2.166 ? ? 
# 
_struct_conn_type.id          metalc 
_struct_conn_type.criteria    ? 
_struct_conn_type.reference   ? 
# 
_struct_sheet.id               AA1 
_struct_sheet.type             ? 
_struct_sheet.number_strands   5 
_struct_sheet.details          ? 
# 
loop_
_struct_sheet_order.sheet_id 
_struct_sheet_order.range_id_1 
_struct_sheet_order.range_id_2 
_struct_sheet_order.offset 
_struct_sheet_order.sense 
AA1 1 2 ? anti-parallel 
AA1 2 3 ? anti-parallel 
AA1 3 4 ? parallel      
AA1 4 5 ? anti-parallel 
# 
loop_
_struct_sheet_range.sheet_id 
_struct_sheet_range.id 
_struct_sheet_range.beg_label_comp_id 
_struct_sheet_range.beg_label_asym_id 
_struct_sheet_range.beg_label_seq_id 
_struct_sheet_range.pdbx_beg_PDB_ins_code 
_struct_sheet_range.end_label_comp_id 
_struct_sheet_range.end_label_asym_id 
_struct_sheet_range.end_label_seq_id 
_struct_sheet_range.pdbx_end_PDB_ins_code 
_struct_sheet_range.beg_auth_comp_id 
_struct_sheet_range.beg_auth_asym_id 
_struct_sheet_range.beg_auth_seq_id 
_struct_sheet_range.end_auth_comp_id 
_struct_sheet_range.end_auth_asym_id 
_struct_sheet_range.end_auth_seq_id 
AA1 1 PHE A 70  ? ILE A 72  ? PHE A 76  ILE A 78  
AA1 2 LEU A 103 ? ASP A 105 ? LEU A 109 ASP A 111 
AA1 3 ARG A 110 ? THR A 117 ? ARG A 116 THR A 123 
AA1 4 HIS A 138 ? SER A 143 ? HIS A 144 SER A 149 
AA1 5 GLU A 148 ? ALA A 150 ? GLU A 154 ALA A 156 
# 
loop_
_pdbx_struct_sheet_hbond.sheet_id 
_pdbx_struct_sheet_hbond.range_id_1 
_pdbx_struct_sheet_hbond.range_id_2 
_pdbx_struct_sheet_hbond.range_1_label_atom_id 
_pdbx_struct_sheet_hbond.range_1_label_comp_id 
_pdbx_struct_sheet_hbond.range_1_label_asym_id 
_pdbx_struct_sheet_hbond.range_1_label_seq_id 
_pdbx_struct_sheet_hbond.range_1_PDB_ins_code 
_pdbx_struct_sheet_hbond.range_1_auth_atom_id 
_pdbx_struct_sheet_hbond.range_1_auth_comp_id 
_pdbx_struct_sheet_hbond.range_1_auth_asym_id 
_pdbx_struct_sheet_hbond.range_1_auth_seq_id 
_pdbx_struct_sheet_hbond.range_2_label_atom_id 
_pdbx_struct_sheet_hbond.range_2_label_comp_id 
_pdbx_struct_sheet_hbond.range_2_label_asym_id 
_pdbx_struct_sheet_hbond.range_2_label_seq_id 
_pdbx_struct_sheet_hbond.range_2_PDB_ins_code 
_pdbx_struct_sheet_hbond.range_2_auth_atom_id 
_pdbx_struct_sheet_hbond.range_2_auth_comp_id 
_pdbx_struct_sheet_hbond.range_2_auth_asym_id 
_pdbx_struct_sheet_hbond.range_2_auth_seq_id 
AA1 1 2 N GLU A 71  ? N GLU A 77  O TYR A 104 ? O TYR A 110 
AA1 2 3 N LEU A 103 ? N LEU A 109 O ILE A 112 ? O ILE A 118 
AA1 3 4 N GLY A 115 ? N GLY A 121 O PHE A 142 ? O PHE A 148 
AA1 4 5 N ILE A 141 ? N ILE A 147 O MET A 149 ? O MET A 155 
# 
loop_
_struct_site.id 
_struct_site.pdbx_evidence_code 
_struct_site.pdbx_auth_asym_id 
_struct_site.pdbx_auth_comp_id 
_struct_site.pdbx_auth_seq_id 
_struct_site.pdbx_auth_ins_code 
_struct_site.pdbx_num_residues 
_struct_site.details 
AC1 Software A G5Y 301 ? 9 'binding site for residue G5Y A 301' 
AC2 Software A MN  302 ? 6 'binding site for residue MN A 302'  
AC3 Software A MN  303 ? 6 'binding site for residue MN A 303'  
# 
loop_
_struct_site_gen.id 
_struct_site_gen.site_id 
_struct_site_gen.pdbx_num_res 
_struct_site_gen.label_comp_id 
_struct_site_gen.label_asym_id 
_struct_site_gen.label_seq_id 
_struct_site_gen.pdbx_auth_ins_code 
_struct_site_gen.auth_comp_id 
_struct_site_gen.auth_asym_id 
_struct_site_gen.auth_seq_id 
_struct_site_gen.label_atom_id 
_struct_site_gen.label_alt_id 
_struct_site_gen.symmetry 
_struct_site_gen.details 
1  AC1 9 HIS A 47  ? HIS A 41  . ? 1_555 ? 
2  AC1 9 GLU A 74  ? GLU A 80  . ? 1_555 ? 
3  AC1 9 ASP A 102 ? ASP A 108 . ? 1_555 ? 
4  AC1 9 GLU A 113 ? GLU A 119 . ? 1_555 ? 
5  AC1 9 ILE A 114 ? ILE A 120 . ? 1_555 ? 
6  AC1 9 LYS A 128 ? LYS A 134 . ? 1_555 ? 
7  AC1 9 MN  C .   ? MN  A 302 . ? 1_555 ? 
8  AC1 9 MN  D .   ? MN  A 303 . ? 1_555 ? 
9  AC1 9 HOH E .   ? HOH A 402 . ? 1_555 ? 
10 AC2 6 GLU A 74  ? GLU A 80  . ? 1_555 ? 
11 AC2 6 ASP A 102 ? ASP A 108 . ? 1_555 ? 
12 AC2 6 G5Y B .   ? G5Y A 301 . ? 1_555 ? 
13 AC2 6 MN  D .   ? MN  A 303 . ? 1_555 ? 
14 AC2 6 HOH E .   ? HOH A 401 . ? 1_555 ? 
15 AC2 6 HOH E .   ? HOH A 402 . ? 1_555 ? 
16 AC3 6 HIS A 47  ? HIS A 41  . ? 1_555 ? 
17 AC3 6 ASP A 102 ? ASP A 108 . ? 1_555 ? 
18 AC3 6 GLU A 113 ? GLU A 119 . ? 1_555 ? 
19 AC3 6 ILE A 114 ? ILE A 120 . ? 1_555 ? 
20 AC3 6 G5Y B .   ? G5Y A 301 . ? 1_555 ? 
21 AC3 6 MN  C .   ? MN  A 302 . ? 1_555 ? 
# 
_atom_sites.entry_id                    6DCZ 
_atom_sites.fract_transf_matrix[1][1]   -0.00410228 
_atom_sites.fract_transf_matrix[1][2]   0.00344309 
_atom_sites.fract_transf_matrix[1][3]   -0.01425289 
_atom_sites.fract_transf_matrix[2][1]   0.00961692 
_atom_sites.fract_transf_matrix[2][2]   -0.00256782 
_atom_sites.fract_transf_matrix[2][3]   -0.01152050 
_atom_sites.fract_transf_matrix[3][1]   -0.00313179 
_atom_sites.fract_transf_matrix[3][2]   -0.00756940 
_atom_sites.fract_transf_matrix[3][3]   -0.00092716 
_atom_sites.fract_transf_vector[1]      -0.186003 
_atom_sites.fract_transf_vector[2]      0.218761 
_atom_sites.fract_transf_vector[3]      1.075442 
# 
loop_
_atom_type.symbol 
C  
MN 
N  
O  
S  
# 
loop_
_atom_site.group_PDB 
_atom_site.id 
_atom_site.type_symbol 
_atom_site.label_atom_id 
_atom_site.label_alt_id 
_atom_site.label_comp_id 
_atom_site.label_asym_id 
_atom_site.label_entity_id 
_atom_site.label_seq_id 
_atom_site.pdbx_PDB_ins_code 
_atom_site.Cartn_x 
_atom_site.Cartn_y 
_atom_site.Cartn_z 
_atom_site.occupancy 
_atom_site.B_iso_or_equiv 
_atom_site.pdbx_formal_charge 
_atom_site.auth_seq_id 
_atom_site.auth_comp_id 
_atom_site.auth_asym_id 
_atom_site.auth_atom_id 
_atom_site.pdbx_PDB_model_num 
ATOM   1    N  N   . ALA A 1 6   ? 3.493   -17.884 15.506  1.00 64.11  ? 0   ALA A N   1 
ATOM   2    C  CA  . ALA A 1 6   ? 4.219   -17.830 14.210  1.00 64.58  ? 0   ALA A CA  1 
ATOM   3    C  C   . ALA A 1 6   ? 4.526   -16.359 13.857  1.00 64.33  ? 0   ALA A C   1 
ATOM   4    O  O   . ALA A 1 6   ? 4.640   -15.493 14.731  1.00 56.66  ? 0   ALA A O   1 
ATOM   5    C  CB  . ALA A 1 6   ? 3.379   -18.530 13.151  1.00 59.34  ? 0   ALA A CB  1 
ATOM   6    N  N   . MET A 1 7   ? 4.696   -16.098 12.559  1.00 60.94  ? 1   MET A N   1 
ATOM   7    C  CA  . MET A 1 7   ? 4.410   -14.805 11.966  1.00 55.22  ? 1   MET A CA  1 
ATOM   8    C  C   . MET A 1 7   ? 3.018   -14.356 12.424  1.00 53.25  ? 1   MET A C   1 
ATOM   9    O  O   . MET A 1 7   ? 2.861   -13.285 12.984  1.00 59.13  ? 1   MET A O   1 
ATOM   10   C  CB  . MET A 1 7   ? 4.443   -14.913 10.436  1.00 53.11  ? 1   MET A CB  1 
ATOM   11   C  CG  . MET A 1 7   ? 4.165   -13.621 9.699   1.00 48.43  ? 1   MET A CG  1 
ATOM   12   S  SD  . MET A 1 7   ? 5.389   -12.366 10.106  1.00 43.53  ? 1   MET A SD  1 
ATOM   13   C  CE  . MET A 1 7   ? 6.788   -12.912 9.135   1.00 43.74  ? 1   MET A CE  1 
ATOM   14   N  N   . GLU A 1 8   ? 2.026   -15.217 12.192  1.00 52.97  ? 2   GLU A N   1 
ATOM   15   C  CA  . GLU A 1 8   ? 0.626   -14.982 12.559  1.00 53.38  ? 2   GLU A CA  1 
ATOM   16   C  C   . GLU A 1 8   ? 0.518   -14.234 13.899  1.00 49.74  ? 2   GLU A C   1 
ATOM   17   O  O   . GLU A 1 8   ? -0.178  -13.255 13.994  1.00 45.54  ? 2   GLU A O   1 
ATOM   18   C  CB  . GLU A 1 8   ? -0.115  -16.317 12.622  1.00 57.66  ? 2   GLU A CB  1 
ATOM   19   C  CG  . GLU A 1 8   ? -1.615  -16.183 12.446  1.00 61.84  ? 2   GLU A CG  1 
ATOM   20   C  CD  . GLU A 1 8   ? -2.424  -17.290 13.101  1.00 63.34  ? 2   GLU A CD  1 
ATOM   21   O  OE1 . GLU A 1 8   ? -1.892  -18.413 13.219  1.00 61.78  ? 2   GLU A OE1 1 
ATOM   22   O  OE2 . GLU A 1 8   ? -3.575  -17.020 13.510  1.00 65.68  ? 2   GLU A OE2 1 
ATOM   23   N  N   . ASP A 1 9   ? 1.218   -14.700 14.936  1.00 51.16  ? 3   ASP A N   1 
ATOM   24   C  CA  . ASP A 1 9   ? 1.165   -14.035 16.232  1.00 50.56  ? 3   ASP A CA  1 
ATOM   25   C  C   . ASP A 1 9   ? 1.561   -12.567 16.075  1.00 47.21  ? 3   ASP A C   1 
ATOM   26   O  O   . ASP A 1 9   ? 0.813   -11.683 16.446  1.00 51.09  ? 3   ASP A O   1 
ATOM   27   C  CB  . ASP A 1 9   ? 2.083   -14.694 17.258  1.00 53.15  ? 3   ASP A CB  1 
ATOM   28   C  CG  . ASP A 1 9   ? 1.526   -15.969 17.850  1.00 57.45  ? 3   ASP A CG  1 
ATOM   29   O  OD1 . ASP A 1 9   ? 0.317   -16.207 17.695  1.00 64.43  ? 3   ASP A OD1 1 
ATOM   30   O  OD2 . ASP A 1 9   ? 2.313   -16.711 18.466  1.00 61.34  ? 3   ASP A OD2 1 
ATOM   31   N  N   . PHE A 1 10  ? 2.761   -12.330 15.546  1.00 45.04  ? 4   PHE A N   1 
ATOM   32   C  CA  . PHE A 1 10  ? 3.301   -10.973 15.360  1.00 45.34  ? 4   PHE A CA  1 
ATOM   33   C  C   . PHE A 1 10  ? 2.273   -10.059 14.670  1.00 39.86  ? 4   PHE A C   1 
ATOM   34   O  O   . PHE A 1 10  ? 2.036   -8.923  15.107  1.00 33.81  ? 4   PHE A O   1 
ATOM   35   C  CB  . PHE A 1 10  ? 4.595   -11.014 14.534  1.00 49.47  ? 4   PHE A CB  1 
ATOM   36   C  CG  . PHE A 1 10  ? 4.909   -9.717  13.837  1.00 47.82  ? 4   PHE A CG  1 
ATOM   37   C  CD1 . PHE A 1 10  ? 5.487   -8.665  14.529  1.00 48.00  ? 4   PHE A CD1 1 
ATOM   38   C  CD2 . PHE A 1 10  ? 4.579   -9.532  12.507  1.00 47.94  ? 4   PHE A CD2 1 
ATOM   39   C  CE1 . PHE A 1 10  ? 5.750   -7.456  13.905  1.00 45.77  ? 4   PHE A CE1 1 
ATOM   40   C  CE2 . PHE A 1 10  ? 4.842   -8.320  11.884  1.00 50.74  ? 4   PHE A CE2 1 
ATOM   41   C  CZ  . PHE A 1 10  ? 5.431   -7.287  12.584  1.00 47.89  ? 4   PHE A CZ  1 
ATOM   42   N  N   . VAL A 1 11  ? 1.683   -10.572 13.584  1.00 36.17  ? 5   VAL A N   1 
ATOM   43   C  CA  . VAL A 1 11  ? 0.680   -9.864  12.809  1.00 35.14  ? 5   VAL A CA  1 
ATOM   44   C  C   . VAL A 1 11  ? -0.469  -9.451  13.740  1.00 38.60  ? 5   VAL A C   1 
ATOM   45   O  O   . VAL A 1 11  ? -0.880  -8.285  13.763  1.00 40.60  ? 5   VAL A O   1 
ATOM   46   C  CB  . VAL A 1 11  ? 0.174   -10.735 11.648  1.00 33.44  ? 5   VAL A CB  1 
ATOM   47   C  CG1 . VAL A 1 11  ? -0.998  -10.099 10.921  1.00 32.69  ? 5   VAL A CG1 1 
ATOM   48   C  CG2 . VAL A 1 11  ? 1.287   -11.076 10.665  1.00 34.12  ? 5   VAL A CG2 1 
ATOM   49   N  N   . ARG A 1 12  ? -0.981  -10.420 14.507  1.00 41.10  ? 6   ARG A N   1 
ATOM   50   C  CA  . ARG A 1 12  ? -2.065  -10.188 15.448  1.00 42.23  ? 6   ARG A CA  1 
ATOM   51   C  C   . ARG A 1 12  ? -1.638  -9.129  16.470  1.00 41.67  ? 6   ARG A C   1 
ATOM   52   O  O   . ARG A 1 12  ? -2.415  -8.234  16.784  1.00 39.75  ? 6   ARG A O   1 
ATOM   53   C  CB  . ARG A 1 12  ? -2.472  -11.492 16.140  1.00 46.61  ? 6   ARG A CB  1 
ATOM   54   C  CG  . ARG A 1 12  ? -3.063  -12.540 15.203  1.00 48.61  ? 6   ARG A CG  1 
ATOM   55   C  CD  . ARG A 1 12  ? -4.317  -13.218 15.735  1.00 49.15  ? 6   ARG A CD  1 
ATOM   56   N  NE  . ARG A 1 12  ? -5.379  -13.170 14.733  1.00 51.59  ? 6   ARG A NE  1 
ATOM   57   C  CZ  . ARG A 1 12  ? -5.396  -13.878 13.596  1.00 50.09  ? 6   ARG A CZ  1 
ATOM   58   N  NH1 . ARG A 1 12  ? -4.499  -14.834 13.401  1.00 45.05  ? 6   ARG A NH1 1 
ATOM   59   N  NH2 . ARG A 1 12  ? -6.302  -13.621 12.663  1.00 41.17  ? 6   ARG A NH2 1 
ATOM   60   N  N   . GLN A 1 13  ? -0.396  -9.224  16.959  1.00 43.01  ? 7   GLN A N   1 
ATOM   61   C  CA  . GLN A 1 13  ? 0.101   -8.307  17.985  1.00 47.93  ? 7   GLN A CA  1 
ATOM   62   C  C   . GLN A 1 13  ? 0.249   -6.881  17.442  1.00 48.65  ? 7   GLN A C   1 
ATOM   63   O  O   . GLN A 1 13  ? -0.057  -5.938  18.169  1.00 50.63  ? 7   GLN A O   1 
ATOM   64   C  CB  . GLN A 1 13  ? 1.452   -8.752  18.556  1.00 51.72  ? 7   GLN A CB  1 
ATOM   65   C  CG  . GLN A 1 13  ? 1.353   -9.454  19.906  1.00 54.13  ? 7   GLN A CG  1 
ATOM   66   C  CD  . GLN A 1 13  ? 1.314   -10.955 19.776  1.00 54.09  ? 7   GLN A CD  1 
ATOM   67   O  OE1 . GLN A 1 13  ? 2.087   -11.555 19.037  1.00 65.73  ? 7   GLN A OE1 1 
ATOM   68   N  NE2 . GLN A 1 13  ? 0.412   -11.582 20.507  1.00 51.92  ? 7   GLN A NE2 1 
ATOM   69   N  N   . CYS A 1 14  ? 0.700   -6.736  16.185  1.00 47.85  ? 8   CYS A N   1 
ATOM   70   C  CA  . CYS A 1 14  ? 1.352   -5.501  15.723  1.00 47.67  ? 8   CYS A CA  1 
ATOM   71   C  C   . CYS A 1 14  ? 0.538   -4.703  14.686  1.00 44.89  ? 8   CYS A C   1 
ATOM   72   O  O   . CYS A 1 14  ? 1.070   -3.732  14.162  1.00 50.01  ? 8   CYS A O   1 
ATOM   73   C  CB  . CYS A 1 14  ? 2.722   -5.824  15.139  1.00 50.63  ? 8   CYS A CB  1 
ATOM   74   S  SG  . CYS A 1 14  ? 3.969   -4.549  15.453  1.00 57.18  ? 8   CYS A SG  1 
ATOM   75   N  N   . PHE A 1 15  ? -0.725  -5.063  14.412  1.00 40.94  ? 9   PHE A N   1 
ATOM   76   C  CA  . PHE A 1 15  ? -1.597  -4.329  13.428  1.00 39.38  ? 9   PHE A CA  1 
ATOM   77   C  C   . PHE A 1 15  ? -3.029  -4.165  13.976  1.00 39.21  ? 9   PHE A C   1 
ATOM   78   O  O   . PHE A 1 15  ? -3.587  -5.085  14.566  1.00 41.95  ? 9   PHE A O   1 
ATOM   79   C  CB  . PHE A 1 15  ? -1.627  -5.059  12.078  1.00 36.90  ? 9   PHE A CB  1 
ATOM   80   C  CG  . PHE A 1 15  ? -0.341  -5.007  11.289  1.00 35.94  ? 9   PHE A CG  1 
ATOM   81   C  CD1 . PHE A 1 15  ? 0.084   -3.830  10.687  1.00 36.01  ? 9   PHE A CD1 1 
ATOM   82   C  CD2 . PHE A 1 15  ? 0.453   -6.131  11.151  1.00 35.77  ? 9   PHE A CD2 1 
ATOM   83   C  CE1 . PHE A 1 15  ? 1.268   -3.775  9.971   1.00 33.11  ? 9   PHE A CE1 1 
ATOM   84   C  CE2 . PHE A 1 15  ? 1.639   -6.074  10.436  1.00 36.13  ? 9   PHE A CE2 1 
ATOM   85   C  CZ  . PHE A 1 15  ? 2.042   -4.896  9.849   1.00 34.41  ? 9   PHE A CZ  1 
ATOM   86   N  N   . ASN A 1 16  ? -3.652  -3.001  13.761  1.00 40.33  ? 10  ASN A N   1 
ATOM   87   C  CA  . ASN A 1 16  ? -4.951  -2.738  14.392  1.00 43.28  ? 10  ASN A CA  1 
ATOM   88   C  C   . ASN A 1 16  ? -5.939  -3.736  13.796  1.00 46.61  ? 10  ASN A C   1 
ATOM   89   O  O   . ASN A 1 16  ? -5.833  -4.106  12.628  1.00 56.61  ? 10  ASN A O   1 
ATOM   90   C  CB  . ASN A 1 16  ? -5.352  -1.250  14.366  1.00 46.30  ? 10  ASN A CB  1 
ATOM   91   C  CG  . ASN A 1 16  ? -6.304  -0.817  13.266  1.00 48.17  ? 10  ASN A CG  1 
ATOM   92   O  OD1 . ASN A 1 16  ? -7.423  -1.312  13.148  1.00 53.33  ? 10  ASN A OD1 1 
ATOM   93   N  ND2 . ASN A 1 16  ? -5.897  0.172   12.492  1.00 49.17  ? 10  ASN A ND2 1 
ATOM   94   N  N   . PRO A 1 17  ? -6.876  -4.270  14.604  1.00 46.49  ? 11  PRO A N   1 
ATOM   95   C  CA  . PRO A 1 17  ? -7.829  -5.275  14.125  1.00 43.69  ? 11  PRO A CA  1 
ATOM   96   C  C   . PRO A 1 17  ? -8.469  -5.007  12.751  1.00 42.10  ? 11  PRO A C   1 
ATOM   97   O  O   . PRO A 1 17  ? -8.618  -5.935  11.968  1.00 37.47  ? 11  PRO A O   1 
ATOM   98   C  CB  . PRO A 1 17  ? -8.894  -5.255  15.231  1.00 44.65  ? 11  PRO A CB  1 
ATOM   99   C  CG  . PRO A 1 17  ? -8.107  -4.938  16.487  1.00 46.68  ? 11  PRO A CG  1 
ATOM   100  C  CD  . PRO A 1 17  ? -7.023  -3.978  16.041  1.00 45.89  ? 11  PRO A CD  1 
ATOM   101  N  N   . MET A 1 18  ? -8.868  -3.757  12.476  1.00 46.79  ? 12  MET A N   1 
ATOM   102  C  CA  . MET A 1 18  ? -9.490  -3.441  11.189  1.00 49.44  ? 12  MET A CA  1 
ATOM   103  C  C   . MET A 1 18  ? -8.570  -4.000  10.101  1.00 48.43  ? 12  MET A C   1 
ATOM   104  O  O   . MET A 1 18  ? -9.028  -4.712  9.215   1.00 51.28  ? 12  MET A O   1 
ATOM   105  C  CB  . MET A 1 18  ? -9.712  -1.937  10.967  1.00 53.03  ? 12  MET A CB  1 
ATOM   106  C  CG  . MET A 1 18  ? -10.796 -1.616  9.920   1.00 56.96  ? 12  MET A CG  1 
ATOM   107  S  SD  . MET A 1 18  ? -10.625 0.029   9.114   1.00 68.27  ? 12  MET A SD  1 
ATOM   108  C  CE  . MET A 1 18  ? -12.331 0.460   8.744   1.00 63.15  ? 12  MET A CE  1 
ATOM   109  N  N   . ILE A 1 19  ? -7.263  -3.724  10.216  1.00 44.21  ? 13  ILE A N   1 
ATOM   110  C  CA  . ILE A 1 19  ? -6.314  -4.116  9.176   1.00 43.54  ? 13  ILE A CA  1 
ATOM   111  C  C   . ILE A 1 19  ? -6.221  -5.649  9.110   1.00 42.27  ? 13  ILE A C   1 
ATOM   112  O  O   . ILE A 1 19  ? -6.240  -6.217  8.022   1.00 43.95  ? 13  ILE A O   1 
ATOM   113  C  CB  . ILE A 1 19  ? -4.943  -3.430  9.361   1.00 42.38  ? 13  ILE A CB  1 
ATOM   114  C  CG1 . ILE A 1 19  ? -5.064  -1.920  9.139   1.00 41.87  ? 13  ILE A CG1 1 
ATOM   115  C  CG2 . ILE A 1 19  ? -3.893  -4.059  8.449   1.00 40.60  ? 13  ILE A CG2 1 
ATOM   116  C  CD1 . ILE A 1 19  ? -3.782  -1.142  9.346   1.00 42.92  ? 13  ILE A CD1 1 
ATOM   117  N  N   . VAL A 1 20  ? -6.139  -6.317  10.264  1.00 39.55  ? 14  VAL A N   1 
ATOM   118  C  CA  . VAL A 1 20  ? -6.032  -7.778  10.286  1.00 39.65  ? 14  VAL A CA  1 
ATOM   119  C  C   . VAL A 1 20  ? -7.283  -8.385  9.625   1.00 41.39  ? 14  VAL A C   1 
ATOM   120  O  O   . VAL A 1 20  ? -7.162  -9.157  8.676   1.00 46.17  ? 14  VAL A O   1 
ATOM   121  C  CB  . VAL A 1 20  ? -5.818  -8.318  11.714  1.00 36.81  ? 14  VAL A CB  1 
ATOM   122  C  CG1 . VAL A 1 20  ? -5.804  -9.839  11.760  1.00 34.09  ? 14  VAL A CG1 1 
ATOM   123  C  CG2 . VAL A 1 20  ? -4.557  -7.749  12.344  1.00 36.33  ? 14  VAL A CG2 1 
ATOM   124  N  N   . GLU A 1 21  ? -8.467  -8.029  10.137  1.00 42.10  ? 15  GLU A N   1 
ATOM   125  C  CA  . GLU A 1 21  ? -9.758  -8.552  9.662   1.00 46.04  ? 15  GLU A CA  1 
ATOM   126  C  C   . GLU A 1 21  ? -9.797  -8.443  8.129   1.00 46.49  ? 15  GLU A C   1 
ATOM   127  O  O   . GLU A 1 21  ? -10.122 -9.414  7.399   1.00 44.13  ? 15  GLU A O   1 
ATOM   128  C  CB  . GLU A 1 21  ? -10.902 -7.776  10.333  1.00 50.23  ? 15  GLU A CB  1 
ATOM   129  C  CG  . GLU A 1 21  ? -12.238 -8.513  10.411  1.00 53.54  ? 15  GLU A CG  1 
ATOM   130  C  CD  . GLU A 1 21  ? -13.254 -7.960  11.418  1.00 60.32  ? 15  GLU A CD  1 
ATOM   131  O  OE1 . GLU A 1 21  ? -12.834 -7.228  12.362  1.00 61.66  ? 15  GLU A OE1 1 
ATOM   132  O  OE2 . GLU A 1 21  ? -14.476 -8.269  11.278  1.00 57.71  ? 15  GLU A OE2 1 
ATOM   133  N  N   . LEU A 1 22  ? -9.426  -7.254  7.645   1.00 46.51  ? 16  LEU A N   1 
ATOM   134  C  CA  . LEU A 1 22  ? -9.430  -6.931  6.222   1.00 46.19  ? 16  LEU A CA  1 
ATOM   135  C  C   . LEU A 1 22  ? -8.485  -7.872  5.458   1.00 46.74  ? 16  LEU A C   1 
ATOM   136  O  O   . LEU A 1 22  ? -8.918  -8.545  4.513   1.00 43.32  ? 16  LEU A O   1 
ATOM   137  C  CB  . LEU A 1 22  ? -9.057  -5.454  6.061   1.00 44.27  ? 16  LEU A CB  1 
ATOM   138  C  CG  . LEU A 1 22  ? -10.169 -4.473  6.446   1.00 46.15  ? 16  LEU A CG  1 
ATOM   139  C  CD1 . LEU A 1 22  ? -9.664  -3.036  6.443   1.00 46.37  ? 16  LEU A CD1 1 
ATOM   140  C  CD2 . LEU A 1 22  ? -11.374 -4.605  5.519   1.00 45.72  ? 16  LEU A CD2 1 
ATOM   141  N  N   . ALA A 1 23  ? -7.219  -7.939  5.892   1.00 46.28  ? 17  ALA A N   1 
ATOM   142  C  CA  . ALA A 1 23  ? -6.223  -8.841  5.317   1.00 47.44  ? 17  ALA A CA  1 
ATOM   143  C  C   . ALA A 1 23  ? -6.788  -10.266 5.191   1.00 48.02  ? 17  ALA A C   1 
ATOM   144  O  O   . ALA A 1 23  ? -6.802  -10.841 4.095   1.00 42.56  ? 17  ALA A O   1 
ATOM   145  C  CB  . ALA A 1 23  ? -4.975  -8.818  6.164   1.00 49.34  ? 17  ALA A CB  1 
ATOM   146  N  N   . GLU A 1 24  ? -7.258  -10.818 6.319   1.00 49.95  ? 18  GLU A N   1 
ATOM   147  C  CA  . GLU A 1 24  ? -7.721  -12.217 6.415   1.00 51.75  ? 18  GLU A CA  1 
ATOM   148  C  C   . GLU A 1 24  ? -8.821  -12.525 5.390   1.00 51.06  ? 18  GLU A C   1 
ATOM   149  O  O   . GLU A 1 24  ? -8.771  -13.566 4.719   1.00 44.17  ? 18  GLU A O   1 
ATOM   150  C  CB  . GLU A 1 24  ? -8.242  -12.509 7.819   1.00 51.30  ? 18  GLU A CB  1 
ATOM   151  C  CG  . GLU A 1 24  ? -7.138  -12.844 8.791   1.00 54.27  ? 18  GLU A CG  1 
ATOM   152  C  CD  . GLU A 1 24  ? -7.573  -13.768 9.909   1.00 56.83  ? 18  GLU A CD  1 
ATOM   153  O  OE1 . GLU A 1 24  ? -8.243  -13.277 10.833  1.00 59.50  ? 18  GLU A OE1 1 
ATOM   154  O  OE2 . GLU A 1 24  ? -7.249  -14.973 9.847   1.00 58.14  ? 18  GLU A OE2 1 
ATOM   155  N  N   . LYS A 1 25  ? -9.815  -11.629 5.311   1.00 52.97  ? 19  LYS A N   1 
ATOM   156  C  CA  . LYS A 1 25  ? -10.957 -11.768 4.392   1.00 54.44  ? 19  LYS A CA  1 
ATOM   157  C  C   . LYS A 1 25  ? -10.434 -11.778 2.949   1.00 50.40  ? 19  LYS A C   1 
ATOM   158  O  O   . LYS A 1 25  ? -10.899 -12.548 2.136   1.00 52.63  ? 19  LYS A O   1 
ATOM   159  C  CB  . LYS A 1 25  ? -12.016 -10.688 4.674   1.00 58.64  ? 19  LYS A CB  1 
ATOM   160  C  CG  . LYS A 1 25  ? -12.893 -10.255 3.496   1.00 63.35  ? 19  LYS A CG  1 
ATOM   161  C  CD  . LYS A 1 25  ? -12.493 -8.897  2.886   1.00 69.60  ? 19  LYS A CD  1 
ATOM   162  C  CE  . LYS A 1 25  ? -12.308 -8.885  1.377   1.00 71.06  ? 19  LYS A CE  1 
ATOM   163  N  NZ  . LYS A 1 25  ? -13.452 -8.271  0.663   1.00 72.37  ? 19  LYS A NZ  1 
ATOM   164  N  N   . ALA A 1 26  ? -9.449  -10.934 2.642   1.00 48.91  ? 20  ALA A N   1 
ATOM   165  C  CA  . ALA A 1 26  ? -8.895  -10.884 1.300   1.00 47.66  ? 20  ALA A CA  1 
ATOM   166  C  C   . ALA A 1 26  ? -8.376  -12.284 0.930   1.00 48.22  ? 20  ALA A C   1 
ATOM   167  O  O   . ALA A 1 26  ? -8.696  -12.805 -0.139  1.00 47.56  ? 20  ALA A O   1 
ATOM   168  C  CB  . ALA A 1 26  ? -7.827  -9.812  1.208   1.00 45.03  ? 20  ALA A CB  1 
ATOM   169  N  N   . MET A 1 27  ? -7.629  -12.904 1.855   1.00 48.12  ? 21  MET A N   1 
ATOM   170  C  CA  . MET A 1 27  ? -6.935  -14.184 1.627   1.00 46.49  ? 21  MET A CA  1 
ATOM   171  C  C   . MET A 1 27  ? -7.929  -15.354 1.615   1.00 47.81  ? 21  MET A C   1 
ATOM   172  O  O   . MET A 1 27  ? -7.833  -16.249 0.772   1.00 44.85  ? 21  MET A O   1 
ATOM   173  C  CB  . MET A 1 27  ? -5.890  -14.437 2.717   1.00 41.91  ? 21  MET A CB  1 
ATOM   174  C  CG  . MET A 1 27  ? -4.697  -13.525 2.627   1.00 39.58  ? 21  MET A CG  1 
ATOM   175  S  SD  . MET A 1 27  ? -3.419  -13.968 3.816   1.00 41.03  ? 21  MET A SD  1 
ATOM   176  C  CE  . MET A 1 27  ? -2.539  -15.231 2.905   1.00 39.19  ? 21  MET A CE  1 
ATOM   177  N  N   . LYS A 1 28  ? -8.865  -15.339 2.569   1.00 50.35  ? 22  LYS A N   1 
ATOM   178  C  CA  . LYS A 1 28  ? -9.834  -16.413 2.759   1.00 51.24  ? 22  LYS A CA  1 
ATOM   179  C  C   . LYS A 1 28  ? -10.844 -16.454 1.605   1.00 51.39  ? 22  LYS A C   1 
ATOM   180  O  O   . LYS A 1 28  ? -11.303 -17.526 1.230   1.00 55.30  ? 22  LYS A O   1 
ATOM   181  C  CB  . LYS A 1 28  ? -10.549 -16.243 4.099   1.00 50.42  ? 22  LYS A CB  1 
ATOM   182  C  CG  . LYS A 1 28  ? -9.714  -16.622 5.314   1.00 51.48  ? 22  LYS A CG  1 
ATOM   183  C  CD  . LYS A 1 28  ? -10.565 -16.856 6.548   1.00 53.46  ? 22  LYS A CD  1 
ATOM   184  C  CE  . LYS A 1 28  ? -9.802  -17.482 7.694   1.00 55.72  ? 22  LYS A CE  1 
ATOM   185  N  NZ  . LYS A 1 28  ? -9.575  -16.503 8.783   1.00 58.19  ? 22  LYS A NZ  1 
ATOM   186  N  N   . GLU A 1 29  ? -11.164 -15.286 1.045   1.00 53.48  ? 23  GLU A N   1 
ATOM   187  C  CA  . GLU A 1 29  ? -12.089 -15.156 -0.085  1.00 53.78  ? 23  GLU A CA  1 
ATOM   188  C  C   . GLU A 1 29  ? -11.584 -15.958 -1.289  1.00 53.71  ? 23  GLU A C   1 
ATOM   189  O  O   . GLU A 1 29  ? -12.357 -16.658 -1.947  1.00 55.64  ? 23  GLU A O   1 
ATOM   190  C  CB  . GLU A 1 29  ? -12.197 -13.695 -0.506  1.00 54.43  ? 23  GLU A CB  1 
ATOM   191  C  CG  . GLU A 1 29  ? -13.582 -13.286 -0.919  1.00 55.43  ? 23  GLU A CG  1 
ATOM   192  C  CD  . GLU A 1 29  ? -14.242 -12.317 0.044   1.00 61.04  ? 23  GLU A CD  1 
ATOM   193  O  OE1 . GLU A 1 29  ? -14.514 -12.733 1.196   1.00 58.80  ? 23  GLU A OE1 1 
ATOM   194  O  OE2 . GLU A 1 29  ? -14.457 -11.140 -0.360  1.00 61.81  ? 23  GLU A OE2 1 
ATOM   195  N  N   . TYR A 1 30  ? -10.280 -15.839 -1.554  1.00 54.92  ? 24  TYR A N   1 
ATOM   196  C  CA  . TYR A 1 30  ? -9.642  -16.374 -2.748  1.00 60.01  ? 24  TYR A CA  1 
ATOM   197  C  C   . TYR A 1 30  ? -8.866  -17.674 -2.417  1.00 57.81  ? 24  TYR A C   1 
ATOM   198  O  O   . TYR A 1 30  ? -8.002  -18.099 -3.183  1.00 54.17  ? 24  TYR A O   1 
ATOM   199  C  CB  . TYR A 1 30  ? -8.807  -15.249 -3.378  1.00 66.54  ? 24  TYR A CB  1 
ATOM   200  C  CG  . TYR A 1 30  ? -9.595  -13.998 -3.712  1.00 70.25  ? 24  TYR A CG  1 
ATOM   201  C  CD1 . TYR A 1 30  ? -10.516 -13.996 -4.748  1.00 70.90  ? 24  TYR A CD1 1 
ATOM   202  C  CD2 . TYR A 1 30  ? -9.438  -12.812 -3.000  1.00 73.56  ? 24  TYR A CD2 1 
ATOM   203  C  CE1 . TYR A 1 30  ? -11.262 -12.868 -5.064  1.00 70.34  ? 24  TYR A CE1 1 
ATOM   204  C  CE2 . TYR A 1 30  ? -10.167 -11.668 -3.307  1.00 70.25  ? 24  TYR A CE2 1 
ATOM   205  C  CZ  . TYR A 1 30  ? -11.091 -11.697 -4.341  1.00 68.77  ? 24  TYR A CZ  1 
ATOM   206  O  OH  . TYR A 1 30  ? -11.832 -10.595 -4.666  1.00 56.91  ? 24  TYR A OH  1 
ATOM   207  N  N   . GLY A 1 31  ? -9.202  -18.316 -1.288  1.00 55.16  ? 25  GLY A N   1 
ATOM   208  C  CA  . GLY A 1 31  ? -8.780  -19.687 -0.952  1.00 54.65  ? 25  GLY A CA  1 
ATOM   209  C  C   . GLY A 1 31  ? -7.362  -19.787 -0.390  1.00 55.07  ? 25  GLY A C   1 
ATOM   210  O  O   . GLY A 1 31  ? -6.695  -20.808 -0.522  1.00 51.16  ? 25  GLY A O   1 
ATOM   211  N  N   . GLU A 1 32  ? -6.899  -18.734 0.277   1.00 56.12  ? 26  GLU A N   1 
ATOM   212  C  CA  . GLU A 1 32  ? -5.554  -18.703 0.813   1.00 56.19  ? 26  GLU A CA  1 
ATOM   213  C  C   . GLU A 1 32  ? -5.631  -18.661 2.341   1.00 53.47  ? 26  GLU A C   1 
ATOM   214  O  O   . GLU A 1 32  ? -6.443  -17.914 2.901   1.00 50.07  ? 26  GLU A O   1 
ATOM   215  C  CB  . GLU A 1 32  ? -4.801  -17.489 0.277   1.00 58.33  ? 26  GLU A CB  1 
ATOM   216  C  CG  . GLU A 1 32  ? -5.042  -17.235 -1.197  1.00 61.02  ? 26  GLU A CG  1 
ATOM   217  C  CD  . GLU A 1 32  ? -4.033  -16.313 -1.864  1.00 61.45  ? 26  GLU A CD  1 
ATOM   218  O  OE1 . GLU A 1 32  ? -3.054  -15.923 -1.192  1.00 60.96  ? 26  GLU A OE1 1 
ATOM   219  O  OE2 . GLU A 1 32  ? -4.223  -15.994 -3.063  1.00 63.26  ? 26  GLU A OE2 1 
ATOM   220  N  N   . ASP A 1 33  ? -4.753  -19.433 2.989   1.00 49.10  ? 27  ASP A N   1 
ATOM   221  C  CA  . ASP A 1 33  ? -4.817  -19.621 4.412   1.00 49.16  ? 27  ASP A CA  1 
ATOM   222  C  C   . ASP A 1 33  ? -3.777  -18.743 5.114   1.00 45.54  ? 27  ASP A C   1 
ATOM   223  O  O   . ASP A 1 33  ? -2.570  -18.877 4.895   1.00 41.21  ? 27  ASP A O   1 
ATOM   224  C  CB  . ASP A 1 33  ? -4.647  -21.097 4.760   1.00 52.77  ? 27  ASP A CB  1 
ATOM   225  C  CG  . ASP A 1 33  ? -4.910  -21.380 6.225   1.00 54.97  ? 27  ASP A CG  1 
ATOM   226  O  OD1 . ASP A 1 33  ? -5.672  -20.606 6.841   1.00 56.45  ? 27  ASP A OD1 1 
ATOM   227  O  OD2 . ASP A 1 33  ? -4.329  -22.346 6.744   1.00 60.75  ? 27  ASP A OD2 1 
ATOM   228  N  N   . PRO A 1 34  ? -4.211  -17.826 6.005   1.00 41.43  ? 28  PRO A N   1 
ATOM   229  C  CA  . PRO A 1 34  ? -3.277  -16.971 6.738   1.00 44.41  ? 28  PRO A CA  1 
ATOM   230  C  C   . PRO A 1 34  ? -2.374  -17.703 7.747   1.00 46.26  ? 28  PRO A C   1 
ATOM   231  O  O   . PRO A 1 34  ? -1.370  -17.115 8.234   1.00 44.12  ? 28  PRO A O   1 
ATOM   232  C  CB  . PRO A 1 34  ? -4.199  -15.976 7.464   1.00 42.57  ? 28  PRO A CB  1 
ATOM   233  C  CG  . PRO A 1 34  ? -5.482  -16.024 6.677   1.00 41.53  ? 28  PRO A CG  1 
ATOM   234  C  CD  . PRO A 1 34  ? -5.611  -17.476 6.276   1.00 39.98  ? 28  PRO A CD  1 
ATOM   235  N  N   . LYS A 1 35  ? -2.730  -18.957 8.062   1.00 45.22  ? 29  LYS A N   1 
ATOM   236  C  CA  . LYS A 1 35  ? -1.926  -19.783 8.967   1.00 46.22  ? 29  LYS A CA  1 
ATOM   237  C  C   . LYS A 1 35  ? -0.729  -20.379 8.217   1.00 41.96  ? 29  LYS A C   1 
ATOM   238  O  O   . LYS A 1 35  ? 0.279   -20.718 8.815   1.00 38.03  ? 29  LYS A O   1 
ATOM   239  C  CB  . LYS A 1 35  ? -2.810  -20.852 9.614   1.00 51.42  ? 29  LYS A CB  1 
ATOM   240  C  CG  . LYS A 1 35  ? -3.450  -20.421 10.930  1.00 57.51  ? 29  LYS A CG  1 
ATOM   241  C  CD  . LYS A 1 35  ? -4.699  -19.578 10.779  1.00 60.13  ? 29  LYS A CD  1 
ATOM   242  C  CE  . LYS A 1 35  ? -5.974  -20.378 10.932  1.00 66.03  ? 29  LYS A CE  1 
ATOM   243  N  NZ  . LYS A 1 35  ? -6.968  -20.002 9.897   1.00 73.40  ? 29  LYS A NZ  1 
ATOM   244  N  N   . ILE A 1 36  ? -0.855  -20.457 6.891   1.00 42.81  ? 30  ILE A N   1 
ATOM   245  C  CA  . ILE A 1 36  ? 0.063   -21.163 6.021   1.00 42.53  ? 30  ILE A CA  1 
ATOM   246  C  C   . ILE A 1 36  ? 0.875   -20.144 5.219   1.00 40.12  ? 30  ILE A C   1 
ATOM   247  O  O   . ILE A 1 36  ? 2.099   -20.184 5.223   1.00 38.72  ? 30  ILE A O   1 
ATOM   248  C  CB  . ILE A 1 36  ? -0.735  -22.111 5.101   1.00 44.49  ? 30  ILE A CB  1 
ATOM   249  C  CG1 . ILE A 1 36  ? -1.360  -23.260 5.898   1.00 43.68  ? 30  ILE A CG1 1 
ATOM   250  C  CG2 . ILE A 1 36  ? 0.113   -22.601 3.927   1.00 43.47  ? 30  ILE A CG2 1 
ATOM   251  C  CD1 . ILE A 1 36  ? -2.472  -23.977 5.150   1.00 47.06  ? 30  ILE A CD1 1 
ATOM   252  N  N   . GLU A 1 37  ? 0.169   -19.267 4.497   1.00 38.23  ? 31  GLU A N   1 
ATOM   253  C  CA  . GLU A 1 37  ? 0.806   -18.202 3.754   1.00 37.98  ? 31  GLU A CA  1 
ATOM   254  C  C   . GLU A 1 37  ? 0.968   -17.010 4.706   1.00 36.68  ? 31  GLU A C   1 
ATOM   255  O  O   . GLU A 1 37  ? 0.339   -15.973 4.551   1.00 37.17  ? 31  GLU A O   1 
ATOM   256  C  CB  . GLU A 1 37  ? 0.007   -17.919 2.482   1.00 39.45  ? 31  GLU A CB  1 
ATOM   257  C  CG  . GLU A 1 37  ? 0.059   -19.060 1.476   1.00 42.82  ? 31  GLU A CG  1 
ATOM   258  C  CD  . GLU A 1 37  ? 1.412   -19.287 0.808   1.00 48.94  ? 31  GLU A CD  1 
ATOM   259  O  OE1 . GLU A 1 37  ? 1.863   -18.392 0.053   1.00 49.04  ? 31  GLU A OE1 1 
ATOM   260  O  OE2 . GLU A 1 37  ? 2.029   -20.357 1.049   1.00 53.21  ? 31  GLU A OE2 1 
ATOM   261  N  N   . THR A 1 38  ? 1.841   -17.191 5.702   1.00 34.17  ? 32  THR A N   1 
ATOM   262  C  CA  . THR A 1 38  ? 1.966   -16.275 6.809   1.00 33.71  ? 32  THR A CA  1 
ATOM   263  C  C   . THR A 1 38  ? 2.697   -15.001 6.377   1.00 33.88  ? 32  THR A C   1 
ATOM   264  O  O   . THR A 1 38  ? 2.222   -13.929 6.685   1.00 34.52  ? 32  THR A O   1 
ATOM   265  C  CB  . THR A 1 38  ? 2.661   -16.929 8.006   1.00 32.67  ? 32  THR A CB  1 
ATOM   266  O  OG1 . THR A 1 38  ? 3.898   -17.490 7.574   1.00 29.84  ? 32  THR A OG1 1 
ATOM   267  C  CG2 . THR A 1 38  ? 1.794   -17.980 8.663   1.00 33.85  ? 32  THR A CG2 1 
ATOM   268  N  N   . ASN A 1 39  ? 3.837   -15.134 5.679   1.00 33.71  ? 33  ASN A N   1 
ATOM   269  C  CA  . ASN A 1 39  ? 4.611   -13.990 5.172   1.00 32.53  ? 33  ASN A CA  1 
ATOM   270  C  C   . ASN A 1 39  ? 3.719   -13.125 4.271   1.00 33.77  ? 33  ASN A C   1 
ATOM   271  O  O   . ASN A 1 39  ? 3.784   -11.903 4.279   1.00 32.69  ? 33  ASN A O   1 
ATOM   272  C  CB  . ASN A 1 39  ? 5.866   -14.417 4.411   1.00 32.72  ? 33  ASN A CB  1 
ATOM   273  C  CG  . ASN A 1 39  ? 6.980   -14.959 5.287   1.00 34.96  ? 33  ASN A CG  1 
ATOM   274  O  OD1 . ASN A 1 39  ? 6.916   -14.904 6.515   1.00 37.37  ? 33  ASN A OD1 1 
ATOM   275  N  ND2 . ASN A 1 39  ? 8.010   -15.510 4.661   1.00 35.22  ? 33  ASN A ND2 1 
ATOM   276  N  N   . LYS A 1 40  ? 2.855   -13.770 3.496   1.00 36.64  ? 34  LYS A N   1 
ATOM   277  C  CA  . LYS A 1 40  ? 1.950   -13.034 2.645   1.00 38.68  ? 34  LYS A CA  1 
ATOM   278  C  C   . LYS A 1 40  ? 0.957   -12.223 3.488   1.00 38.97  ? 34  LYS A C   1 
ATOM   279  O  O   . LYS A 1 40  ? 0.659   -11.058 3.164   1.00 38.73  ? 34  LYS A O   1 
ATOM   280  C  CB  . LYS A 1 40  ? 1.194   -13.989 1.727   1.00 39.95  ? 34  LYS A CB  1 
ATOM   281  C  CG  . LYS A 1 40  ? 0.419   -13.279 0.634   1.00 42.24  ? 34  LYS A CG  1 
ATOM   282  C  CD  . LYS A 1 40  ? 0.174   -14.132 -0.566  1.00 45.70  ? 34  LYS A CD  1 
ATOM   283  C  CE  . LYS A 1 40  ? -0.516  -13.373 -1.674  1.00 49.74  ? 34  LYS A CE  1 
ATOM   284  N  NZ  . LYS A 1 40  ? -0.831  -14.275 -2.807  1.00 53.64  ? 34  LYS A NZ  1 
ATOM   285  N  N   . PHE A 1 41  ? 0.428   -12.861 4.541   1.00 36.85  ? 35  PHE A N   1 
ATOM   286  C  CA  . PHE A 1 41  ? -0.488  -12.240 5.490   1.00 36.05  ? 35  PHE A CA  1 
ATOM   287  C  C   . PHE A 1 41  ? 0.136   -10.920 5.985   1.00 36.24  ? 35  PHE A C   1 
ATOM   288  O  O   . PHE A 1 41  ? -0.481  -9.841  5.888   1.00 36.57  ? 35  PHE A O   1 
ATOM   289  C  CB  . PHE A 1 41  ? -0.799  -13.259 6.592   1.00 35.89  ? 35  PHE A CB  1 
ATOM   290  C  CG  . PHE A 1 41  ? -1.729  -12.833 7.706   1.00 36.55  ? 35  PHE A CG  1 
ATOM   291  C  CD1 . PHE A 1 41  ? -2.748  -11.914 7.497   1.00 38.02  ? 35  PHE A CD1 1 
ATOM   292  C  CD2 . PHE A 1 41  ? -1.629  -13.422 8.962   1.00 35.73  ? 35  PHE A CD2 1 
ATOM   293  C  CE1 . PHE A 1 41  ? -3.601  -11.556 8.536   1.00 39.02  ? 35  PHE A CE1 1 
ATOM   294  C  CE2 . PHE A 1 41  ? -2.488  -13.072 9.996   1.00 34.98  ? 35  PHE A CE2 1 
ATOM   295  C  CZ  . PHE A 1 41  ? -3.473  -12.141 9.779   1.00 36.62  ? 35  PHE A CZ  1 
ATOM   296  N  N   . ALA A 1 42  ? 1.380   -11.012 6.471   1.00 33.35  ? 36  ALA A N   1 
ATOM   297  C  CA  . ALA A 1 42  ? 2.161   -9.873  6.963   1.00 33.13  ? 36  ALA A CA  1 
ATOM   298  C  C   . ALA A 1 42  ? 2.236   -8.759  5.910   1.00 31.02  ? 36  ALA A C   1 
ATOM   299  O  O   . ALA A 1 42  ? 2.039   -7.607  6.229   1.00 29.23  ? 36  ALA A O   1 
ATOM   300  C  CB  . ALA A 1 42  ? 3.545   -10.333 7.351   1.00 33.05  ? 36  ALA A CB  1 
ATOM   301  N  N   . ALA A 1 43  ? 2.536   -9.133  4.662   1.00 30.50  ? 37  ALA A N   1 
ATOM   302  C  CA  . ALA A 1 43  ? 2.726   -8.195  3.577   1.00 28.87  ? 37  ALA A CA  1 
ATOM   303  C  C   . ALA A 1 43  ? 1.423   -7.466  3.269   1.00 29.32  ? 37  ALA A C   1 
ATOM   304  O  O   . ALA A 1 43  ? 1.429   -6.272  3.085   1.00 33.06  ? 37  ALA A O   1 
ATOM   305  C  CB  . ALA A 1 43  ? 3.243   -8.897  2.363   1.00 28.11  ? 37  ALA A CB  1 
ATOM   306  N  N   . ILE A 1 44  ? 0.306   -8.179  3.239   1.00 31.10  ? 38  ILE A N   1 
ATOM   307  C  CA  . ILE A 1 44  ? -0.989  -7.518  2.989   1.00 33.04  ? 38  ILE A CA  1 
ATOM   308  C  C   . ILE A 1 44  ? -1.262  -6.466  4.076   1.00 32.28  ? 38  ILE A C   1 
ATOM   309  O  O   . ILE A 1 44  ? -1.569  -5.314  3.760   1.00 31.36  ? 38  ILE A O   1 
ATOM   310  C  CB  . ILE A 1 44  ? -2.134  -8.544  2.867   1.00 33.33  ? 38  ILE A CB  1 
ATOM   311  C  CG1 . ILE A 1 44  ? -1.953  -9.416  1.624   1.00 33.68  ? 38  ILE A CG1 1 
ATOM   312  C  CG2 . ILE A 1 44  ? -3.491  -7.857  2.860   1.00 32.66  ? 38  ILE A CG2 1 
ATOM   313  C  CD1 . ILE A 1 44  ? -2.677  -10.723 1.697   1.00 35.40  ? 38  ILE A CD1 1 
ATOM   314  N  N   . CYS A 1 45  ? -1.162  -6.872  5.346   1.00 32.34  ? 39  CYS A N   1 
ATOM   315  C  CA  . CYS A 1 45  ? -1.394  -5.963  6.478   1.00 31.76  ? 39  CYS A CA  1 
ATOM   316  C  C   . CYS A 1 45  ? -0.553  -4.705  6.276   1.00 29.10  ? 39  CYS A C   1 
ATOM   317  O  O   . CYS A 1 45  ? -1.073  -3.590  6.266   1.00 27.75  ? 39  CYS A O   1 
ATOM   318  C  CB  . CYS A 1 45  ? -1.056  -6.615  7.817   1.00 33.76  ? 39  CYS A CB  1 
ATOM   319  S  SG  . CYS A 1 45  ? -2.214  -7.924  8.319   1.00 35.19  ? 39  CYS A SG  1 
ATOM   320  N  N   . THR A 1 46  ? 0.744   -4.932  6.049   1.00 28.80  ? 40  THR A N   1 
ATOM   321  C  CA  . THR A 1 46  ? 1.734   -3.875  5.939   1.00 27.45  ? 40  THR A CA  1 
ATOM   322  C  C   . THR A 1 46  ? 1.325   -2.885  4.846   1.00 27.45  ? 40  THR A C   1 
ATOM   323  O  O   . THR A 1 46  ? 1.374   -1.676  5.072   1.00 27.85  ? 40  THR A O   1 
ATOM   324  C  CB  . THR A 1 46  ? 3.134   -4.410  5.623   1.00 26.39  ? 40  THR A CB  1 
ATOM   325  O  OG1 . THR A 1 46  ? 3.517   -5.396  6.577   1.00 26.02  ? 40  THR A OG1 1 
ATOM   326  C  CG2 . THR A 1 46  ? 4.173   -3.313  5.651   1.00 27.98  ? 40  THR A CG2 1 
ATOM   327  N  N   . HIS A 1 47  ? 0.964   -3.408  3.666   1.00 26.07  ? 41  HIS A N   1 
ATOM   328  C  CA  . HIS A 1 47  ? 0.635   -2.558  2.515   1.00 25.33  ? 41  HIS A CA  1 
ATOM   329  C  C   . HIS A 1 47  ? -0.616  -1.757  2.872   1.00 25.55  ? 41  HIS A C   1 
ATOM   330  O  O   . HIS A 1 47  ? -0.665  -0.527  2.707   1.00 23.63  ? 41  HIS A O   1 
ATOM   331  C  CB  . HIS A 1 47  ? 0.500   -3.378  1.215   1.00 22.99  ? 41  HIS A CB  1 
ATOM   332  C  CG  . HIS A 1 47  ? 0.000   -2.609  0.032   1.00 21.45  ? 41  HIS A CG  1 
ATOM   333  N  ND1 . HIS A 1 47  ? -1.338  -2.500  -0.266  1.00 20.95  ? 41  HIS A ND1 1 
ATOM   334  C  CD2 . HIS A 1 47  ? 0.653   -1.916  -0.929  1.00 21.72  ? 41  HIS A CD2 1 
ATOM   335  C  CE1 . HIS A 1 47  ? -1.491  -1.793  -1.371  1.00 21.61  ? 41  HIS A CE1 1 
ATOM   336  N  NE2 . HIS A 1 47  ? -0.281  -1.409  -1.792  1.00 21.50  ? 41  HIS A NE2 1 
ATOM   337  N  N   . LEU A 1 48  ? -1.591  -2.459  3.444   1.00 27.44  ? 42  LEU A N   1 
ATOM   338  C  CA  . LEU A 1 48  ? -2.849  -1.826  3.779   1.00 30.78  ? 42  LEU A CA  1 
ATOM   339  C  C   . LEU A 1 48  ? -2.616  -0.687  4.787   1.00 31.18  ? 42  LEU A C   1 
ATOM   340  O  O   . LEU A 1 48  ? -3.159  0.403   4.617   1.00 29.58  ? 42  LEU A O   1 
ATOM   341  C  CB  . LEU A 1 48  ? -3.833  -2.872  4.313   1.00 31.40  ? 42  LEU A CB  1 
ATOM   342  C  CG  . LEU A 1 48  ? -5.296  -2.431  4.323   1.00 33.12  ? 42  LEU A CG  1 
ATOM   343  C  CD1 . LEU A 1 48  ? -5.756  -1.951  2.957   1.00 34.08  ? 42  LEU A CD1 1 
ATOM   344  C  CD2 . LEU A 1 48  ? -6.195  -3.558  4.794   1.00 35.35  ? 42  LEU A CD2 1 
ATOM   345  N  N   . GLU A 1 49  ? -1.783  -0.929  5.804   1.00 31.64  ? 43  GLU A N   1 
ATOM   346  C  CA  . GLU A 1 49  ? -1.518  0.086   6.792   1.00 33.46  ? 43  GLU A CA  1 
ATOM   347  C  C   . GLU A 1 49  ? -0.893  1.329   6.143   1.00 33.21  ? 43  GLU A C   1 
ATOM   348  O  O   . GLU A 1 49  ? -1.347  2.436   6.408   1.00 37.11  ? 43  GLU A O   1 
ATOM   349  C  CB  . GLU A 1 49  ? -0.591  -0.398  7.901   1.00 36.75  ? 43  GLU A CB  1 
ATOM   350  C  CG  . GLU A 1 49  ? -0.471  0.646   8.995   1.00 38.68  ? 43  GLU A CG  1 
ATOM   351  C  CD  . GLU A 1 49  ? -0.074  0.106   10.344  1.00 41.35  ? 43  GLU A CD  1 
ATOM   352  O  OE1 . GLU A 1 49  ? 1.124   -0.086  10.546  1.00 42.59  ? 43  GLU A OE1 1 
ATOM   353  O  OE2 . GLU A 1 49  ? -0.972  -0.124  11.177  1.00 51.62  ? 43  GLU A OE2 1 
ATOM   354  N  N   . VAL A 1 50  ? 0.143   1.150   5.315   1.00 30.58  ? 44  VAL A N   1 
ATOM   355  C  CA  . VAL A 1 50  ? 0.716   2.261   4.546   1.00 29.34  ? 44  VAL A CA  1 
ATOM   356  C  C   . VAL A 1 50  ? -0.396  2.997   3.791   1.00 29.36  ? 44  VAL A C   1 
ATOM   357  O  O   . VAL A 1 50  ? -0.467  4.211   3.821   1.00 26.95  ? 44  VAL A O   1 
ATOM   358  C  CB  . VAL A 1 50  ? 1.807   1.798   3.565   1.00 29.55  ? 44  VAL A CB  1 
ATOM   359  C  CG1 . VAL A 1 50  ? 2.197   2.907   2.595   1.00 28.74  ? 44  VAL A CG1 1 
ATOM   360  C  CG2 . VAL A 1 50  ? 3.041   1.290   4.294   1.00 31.13  ? 44  VAL A CG2 1 
ATOM   361  N  N   . CYS A 1 51  ? -1.257  2.242   3.101   1.00 31.87  ? 45  CYS A N   1 
ATOM   362  C  CA  . CYS A 1 51  ? -2.306  2.841   2.275   1.00 32.48  ? 45  CYS A CA  1 
ATOM   363  C  C   . CYS A 1 51  ? -3.178  3.763   3.134   1.00 32.73  ? 45  CYS A C   1 
ATOM   364  O  O   . CYS A 1 51  ? -3.571  4.826   2.672   1.00 33.97  ? 45  CYS A O   1 
ATOM   365  C  CB  . CYS A 1 51  ? -3.141  1.790   1.550   1.00 31.91  ? 45  CYS A CB  1 
ATOM   366  S  SG  . CYS A 1 51  ? -2.346  1.192   0.030   1.00 33.33  ? 45  CYS A SG  1 
ATOM   367  N  N   . PHE A 1 52  ? -3.447  3.352   4.378   1.00 32.69  ? 46  PHE A N   1 
ATOM   368  C  CA  . PHE A 1 52  ? -4.280  4.110   5.296   1.00 32.94  ? 46  PHE A CA  1 
ATOM   369  C  C   . PHE A 1 52  ? -3.511  5.331   5.810   1.00 34.14  ? 46  PHE A C   1 
ATOM   370  O  O   . PHE A 1 52  ? -4.011  6.446   5.742   1.00 36.90  ? 46  PHE A O   1 
ATOM   371  C  CB  . PHE A 1 52  ? -4.732  3.243   6.474   1.00 32.75  ? 46  PHE A CB  1 
ATOM   372  C  CG  . PHE A 1 52  ? -5.770  2.197   6.168   1.00 32.42  ? 46  PHE A CG  1 
ATOM   373  C  CD1 . PHE A 1 52  ? -6.535  2.241   5.016   1.00 33.44  ? 46  PHE A CD1 1 
ATOM   374  C  CD2 . PHE A 1 52  ? -6.010  1.174   7.069   1.00 33.70  ? 46  PHE A CD2 1 
ATOM   375  C  CE1 . PHE A 1 52  ? -7.496  1.274   4.764   1.00 34.63  ? 46  PHE A CE1 1 
ATOM   376  C  CE2 . PHE A 1 52  ? -6.974  0.209   6.817   1.00 33.85  ? 46  PHE A CE2 1 
ATOM   377  C  CZ  . PHE A 1 52  ? -7.718  0.264   5.667   1.00 33.61  ? 46  PHE A CZ  1 
ATOM   378  N  N   . MET A 1 53  ? -2.308  5.096   6.342   1.00 34.18  ? 47  MET A N   1 
ATOM   379  C  CA  . MET A 1 53  ? -1.429  6.154   6.846   1.00 34.95  ? 47  MET A CA  1 
ATOM   380  C  C   . MET A 1 53  ? -1.292  7.282   5.809   1.00 34.41  ? 47  MET A C   1 
ATOM   381  O  O   . MET A 1 53  ? -1.374  8.452   6.157   1.00 35.68  ? 47  MET A O   1 
ATOM   382  C  CB  . MET A 1 53  ? -0.028  5.604   7.140   1.00 36.11  ? 47  MET A CB  1 
ATOM   383  C  CG  . MET A 1 53  ? 0.072   4.737   8.384   1.00 35.39  ? 47  MET A CG  1 
ATOM   384  S  SD  . MET A 1 53  ? 1.807   4.268   8.696   1.00 36.99  ? 47  MET A SD  1 
ATOM   385  C  CE  . MET A 1 53  ? 2.454   5.775   9.417   1.00 37.35  ? 47  MET A CE  1 
ATOM   386  N  N   . TYR A 1 54  ? -1.043  6.912   4.548   1.00 32.93  ? 48  TYR A N   1 
ATOM   387  C  CA  . TYR A 1 54  ? -0.880  7.845   3.439   1.00 34.04  ? 48  TYR A CA  1 
ATOM   388  C  C   . TYR A 1 54  ? -2.100  8.773   3.373   1.00 37.36  ? 48  TYR A C   1 
ATOM   389  O  O   . TYR A 1 54  ? -1.961  10.000  3.352   1.00 41.36  ? 48  TYR A O   1 
ATOM   390  C  CB  . TYR A 1 54  ? -0.696  7.060   2.138   1.00 35.01  ? 48  TYR A CB  1 
ATOM   391  C  CG  . TYR A 1 54  ? 0.035   7.749   1.008   1.00 36.32  ? 48  TYR A CG  1 
ATOM   392  C  CD1 . TYR A 1 54  ? -0.496  8.853   0.351   1.00 36.12  ? 48  TYR A CD1 1 
ATOM   393  C  CD2 . TYR A 1 54  ? 1.231   7.235   0.532   1.00 34.73  ? 48  TYR A CD2 1 
ATOM   394  C  CE1 . TYR A 1 54  ? 0.172   9.455   -0.705  1.00 36.37  ? 48  TYR A CE1 1 
ATOM   395  C  CE2 . TYR A 1 54  ? 1.902   7.817   -0.531  1.00 34.99  ? 48  TYR A CE2 1 
ATOM   396  C  CZ  . TYR A 1 54  ? 1.377   8.936   -1.151  1.00 35.67  ? 48  TYR A CZ  1 
ATOM   397  O  OH  . TYR A 1 54  ? 2.061   9.505   -2.191  1.00 36.28  ? 48  TYR A OH  1 
ATOM   398  N  N   . SER A 1 55  ? -3.294  8.171   3.387   1.00 38.71  ? 49  SER A N   1 
ATOM   399  C  CA  . SER A 1 55  ? -4.559  8.867   3.175   1.00 38.83  ? 49  SER A CA  1 
ATOM   400  C  C   . SER A 1 55  ? -4.970  9.660   4.417   1.00 39.94  ? 49  SER A C   1 
ATOM   401  O  O   . SER A 1 55  ? -5.739  10.608  4.291   1.00 48.91  ? 49  SER A O   1 
ATOM   402  C  CB  . SER A 1 55  ? -5.662  7.918   2.768   1.00 38.37  ? 49  SER A CB  1 
ATOM   403  O  OG  . SER A 1 55  ? -6.471  7.577   3.876   1.00 34.91  ? 49  SER A OG  1 
ATOM   404  N  N   . ASP A 1 56  ? -4.479  9.275   5.599   1.00 40.00  ? 50  ASP A N   1 
ATOM   405  C  CA  . ASP A 1 56  ? -4.677  10.081  6.809   1.00 41.95  ? 50  ASP A CA  1 
ATOM   406  C  C   . ASP A 1 56  ? -4.049  11.458  6.633   1.00 45.51  ? 50  ASP A C   1 
ATOM   407  O  O   . ASP A 1 56  ? -4.729  12.441  6.837   1.00 52.31  ? 50  ASP A O   1 
ATOM   408  C  CB  . ASP A 1 56  ? -4.077  9.451   8.058   1.00 42.03  ? 50  ASP A CB  1 
ATOM   409  C  CG  . ASP A 1 56  ? -4.880  8.263   8.540   1.00 43.81  ? 50  ASP A CG  1 
ATOM   410  O  OD1 . ASP A 1 56  ? -6.102  8.294   8.365   1.00 44.68  ? 50  ASP A OD1 1 
ATOM   411  O  OD2 . ASP A 1 56  ? -4.272  7.304   9.058   1.00 48.41  ? 50  ASP A OD2 1 
ATOM   412  N  N   . PHE A 1 57  ? -2.768  11.497  6.244   1.00 50.37  ? 51  PHE A N   1 
ATOM   413  C  CA  . PHE A 1 57  ? -2.013  12.754  6.058   1.00 55.07  ? 51  PHE A CA  1 
ATOM   414  C  C   . PHE A 1 57  ? -2.564  13.513  4.842   1.00 55.04  ? 51  PHE A C   1 
ATOM   415  O  O   . PHE A 1 57  ? -1.980  13.476  3.766   1.00 60.01  ? 51  PHE A O   1 
ATOM   416  C  CB  . PHE A 1 57  ? -0.510  12.481  5.911   1.00 58.54  ? 51  PHE A CB  1 
ATOM   417  C  CG  . PHE A 1 57  ? 0.074   11.505  6.908   1.00 58.48  ? 51  PHE A CG  1 
ATOM   418  C  CD1 . PHE A 1 57  ? -0.220  11.604  8.259   1.00 58.12  ? 51  PHE A CD1 1 
ATOM   419  C  CD2 . PHE A 1 57  ? 0.920   10.485  6.493   1.00 57.61  ? 51  PHE A CD2 1 
ATOM   420  C  CE1 . PHE A 1 57  ? 0.298   10.696  9.172   1.00 59.21  ? 51  PHE A CE1 1 
ATOM   421  C  CE2 . PHE A 1 57  ? 1.440   9.582   7.408   1.00 60.51  ? 51  PHE A CE2 1 
ATOM   422  C  CZ  . PHE A 1 57  ? 1.133   9.689   8.748   1.00 59.04  ? 51  PHE A CZ  1 
ATOM   423  N  N   . GLY A 1 58  ? -3.690  14.205  5.050   1.00 57.82  ? 52  GLY A N   1 
ATOM   424  C  CA  . GLY A 1 58  ? -4.467  14.866  4.004   1.00 57.95  ? 52  GLY A CA  1 
ATOM   425  C  C   . GLY A 1 58  ? -5.948  14.542  4.123   1.00 57.66  ? 52  GLY A C   1 
ATOM   426  O  O   . GLY A 1 58  ? -6.577  14.815  5.151   1.00 58.09  ? 52  GLY A O   1 
ATOM   427  N  N   . ALA A 1 64  ? -5.200  23.007  6.643   1.00 91.43  ? 70  ALA A N   1 
ATOM   428  C  CA  . ALA A 1 64  ? -6.515  23.533  7.003   1.00 91.12  ? 70  ALA A CA  1 
ATOM   429  C  C   . ALA A 1 64  ? -7.132  24.310  5.825   1.00 87.73  ? 70  ALA A C   1 
ATOM   430  O  O   . ALA A 1 64  ? -7.255  25.535  5.908   1.00 78.14  ? 70  ALA A O   1 
ATOM   431  C  CB  . ALA A 1 64  ? -6.391  24.394  8.242   1.00 88.01  ? 70  ALA A CB  1 
ATOM   432  N  N   . LEU A 1 65  ? -7.503  23.592  4.745   1.00 90.89  ? 71  LEU A N   1 
ATOM   433  C  CA  . LEU A 1 65  ? -8.442  24.103  3.694   1.00 99.21  ? 71  LEU A CA  1 
ATOM   434  C  C   . LEU A 1 65  ? -9.007  22.986  2.791   1.00 101.04 ? 71  LEU A C   1 
ATOM   435  O  O   . LEU A 1 65  ? -10.178 23.062  2.412   1.00 101.18 ? 71  LEU A O   1 
ATOM   436  C  CB  . LEU A 1 65  ? -7.767  25.183  2.836   1.00 106.85 ? 71  LEU A CB  1 
ATOM   437  C  CG  . LEU A 1 65  ? -8.700  26.078  2.006   1.00 108.53 ? 71  LEU A CG  1 
ATOM   438  C  CD1 . LEU A 1 65  ? -9.056  25.442  0.663   1.00 101.02 ? 71  LEU A CD1 1 
ATOM   439  C  CD2 . LEU A 1 65  ? -9.968  26.463  2.770   1.00 105.66 ? 71  LEU A CD2 1 
ATOM   440  N  N   . LEU A 1 66  ? -8.192  22.002  2.382   1.00 103.00 ? 72  LEU A N   1 
ATOM   441  C  CA  . LEU A 1 66  ? -8.699  20.824  1.621   1.00 100.64 ? 72  LEU A CA  1 
ATOM   442  C  C   . LEU A 1 66  ? -8.787  19.611  2.562   1.00 95.69  ? 72  LEU A C   1 
ATOM   443  O  O   . LEU A 1 66  ? -7.895  18.768  2.583   1.00 90.49  ? 72  LEU A O   1 
ATOM   444  C  CB  . LEU A 1 66  ? -7.792  20.547  0.411   1.00 100.60 ? 72  LEU A CB  1 
ATOM   445  C  CG  . LEU A 1 66  ? -8.477  20.049  -0.869  1.00 101.58 ? 72  LEU A CG  1 
ATOM   446  C  CD1 . LEU A 1 66  ? -8.965  18.615  -0.730  1.00 98.92  ? 72  LEU A CD1 1 
ATOM   447  C  CD2 . LEU A 1 66  ? -9.624  20.962  -1.292  1.00 101.97 ? 72  LEU A CD2 1 
ATOM   448  N  N   . LYS A 1 67  ? -9.869  19.560  3.354   1.00 98.02  ? 73  LYS A N   1 
ATOM   449  C  CA  . LYS A 1 67  ? -10.209 18.412  4.210   1.00 96.64  ? 73  LYS A CA  1 
ATOM   450  C  C   . LYS A 1 67  ? -10.513 17.214  3.297   1.00 96.38  ? 73  LYS A C   1 
ATOM   451  O  O   . LYS A 1 67  ? -11.228 17.362  2.305   1.00 106.04 ? 73  LYS A O   1 
ATOM   452  C  CB  . LYS A 1 67  ? -11.370 18.760  5.157   1.00 98.09  ? 73  LYS A CB  1 
ATOM   453  C  CG  . LYS A 1 67  ? -12.798 18.672  4.605   1.00 99.05  ? 73  LYS A CG  1 
ATOM   454  C  CD  . LYS A 1 67  ? -13.261 19.859  3.762   1.00 97.15  ? 73  LYS A CD  1 
ATOM   455  C  CE  . LYS A 1 67  ? -13.098 19.655  2.268   1.00 93.18  ? 73  LYS A CE  1 
ATOM   456  N  NZ  . LYS A 1 67  ? -12.761 20.915  1.562   1.00 91.92  ? 73  LYS A NZ  1 
ATOM   457  N  N   . HIS A 1 68  ? -9.932  16.047  3.611   1.00 85.95  ? 74  HIS A N   1 
ATOM   458  C  CA  . HIS A 1 68  ? -10.114 14.817  2.813   1.00 76.65  ? 74  HIS A CA  1 
ATOM   459  C  C   . HIS A 1 68  ? -9.472  15.024  1.426   1.00 66.00  ? 74  HIS A C   1 
ATOM   460  O  O   . HIS A 1 68  ? -10.165 15.168  0.413   1.00 65.49  ? 74  HIS A O   1 
ATOM   461  C  CB  . HIS A 1 68  ? -11.606 14.401  2.869   1.00 76.40  ? 74  HIS A CB  1 
ATOM   462  C  CG  . HIS A 1 68  ? -12.075 13.429  1.832   1.00 80.18  ? 74  HIS A CG  1 
ATOM   463  N  ND1 . HIS A 1 68  ? -12.955 13.791  0.817   1.00 80.37  ? 74  HIS A ND1 1 
ATOM   464  C  CD2 . HIS A 1 68  ? -11.842 12.109  1.663   1.00 81.15  ? 74  HIS A CD2 1 
ATOM   465  C  CE1 . HIS A 1 68  ? -13.228 12.745  0.067   1.00 74.36  ? 74  HIS A CE1 1 
ATOM   466  N  NE2 . HIS A 1 68  ? -12.553 11.704  0.559   1.00 82.48  ? 74  HIS A NE2 1 
ATOM   467  N  N   . ARG A 1 69  ? -8.129  15.054  1.410   1.00 58.09  ? 75  ARG A N   1 
ATOM   468  C  CA  . ARG A 1 69  ? -7.299  15.234  0.194   1.00 55.45  ? 75  ARG A CA  1 
ATOM   469  C  C   . ARG A 1 69  ? -7.301  13.968  -0.669  1.00 52.63  ? 75  ARG A C   1 
ATOM   470  O  O   . ARG A 1 69  ? -7.308  14.034  -1.909  1.00 49.03  ? 75  ARG A O   1 
ATOM   471  C  CB  . ARG A 1 69  ? -5.850  15.545  0.575   1.00 57.38  ? 75  ARG A CB  1 
ATOM   472  C  CG  . ARG A 1 69  ? -4.851  15.483  -0.575  1.00 61.46  ? 75  ARG A CG  1 
ATOM   473  C  CD  . ARG A 1 69  ? -3.422  15.602  -0.063  1.00 72.17  ? 75  ARG A CD  1 
ATOM   474  N  NE  . ARG A 1 69  ? -3.033  16.975  0.266   1.00 83.03  ? 75  ARG A NE  1 
ATOM   475  C  CZ  . ARG A 1 69  ? -1.919  17.337  0.914   1.00 82.86  ? 75  ARG A CZ  1 
ATOM   476  N  NH1 . ARG A 1 69  ? -1.130  16.437  1.483   1.00 79.60  ? 75  ARG A NH1 1 
ATOM   477  N  NH2 . ARG A 1 69  ? -1.599  18.618  0.986   1.00 78.56  ? 75  ARG A NH2 1 
ATOM   478  N  N   . PHE A 1 70  ? -7.245  12.816  0.003   1.00 49.49  ? 76  PHE A N   1 
ATOM   479  C  CA  . PHE A 1 70  ? -7.108  11.541  -0.643  1.00 43.49  ? 76  PHE A CA  1 
ATOM   480  C  C   . PHE A 1 70  ? -8.431  10.778  -0.583  1.00 42.07  ? 76  PHE A C   1 
ATOM   481  O  O   . PHE A 1 70  ? -9.330  11.108  0.182   1.00 41.71  ? 76  PHE A O   1 
ATOM   482  C  CB  . PHE A 1 70  ? -5.958  10.768  -0.003  1.00 40.59  ? 76  PHE A CB  1 
ATOM   483  C  CG  . PHE A 1 70  ? -4.607  11.374  -0.275  1.00 37.68  ? 76  PHE A CG  1 
ATOM   484  C  CD1 . PHE A 1 70  ? -4.086  11.398  -1.559  1.00 37.96  ? 76  PHE A CD1 1 
ATOM   485  C  CD2 . PHE A 1 70  ? -3.846  11.900  0.753   1.00 38.21  ? 76  PHE A CD2 1 
ATOM   486  C  CE1 . PHE A 1 70  ? -2.829  11.929  -1.815  1.00 38.95  ? 76  PHE A CE1 1 
ATOM   487  C  CE2 . PHE A 1 70  ? -2.596  12.444  0.496   1.00 40.94  ? 76  PHE A CE2 1 
ATOM   488  C  CZ  . PHE A 1 70  ? -2.085  12.454  -0.787  1.00 39.90  ? 76  PHE A CZ  1 
ATOM   489  N  N   . GLU A 1 71  ? -8.536  9.788   -1.468  1.00 43.22  ? 77  GLU A N   1 
ATOM   490  C  CA  . GLU A 1 71  ? -9.614  8.813   -1.489  1.00 46.28  ? 77  GLU A CA  1 
ATOM   491  C  C   . GLU A 1 71  ? -8.974  7.421   -1.415  1.00 45.45  ? 77  GLU A C   1 
ATOM   492  O  O   . GLU A 1 71  ? -7.991  7.151   -2.091  1.00 45.89  ? 77  GLU A O   1 
ATOM   493  C  CB  . GLU A 1 71  ? -10.447 8.991   -2.760  1.00 48.27  ? 77  GLU A CB  1 
ATOM   494  C  CG  . GLU A 1 71  ? -11.814 8.336   -2.699  1.00 46.82  ? 77  GLU A CG  1 
ATOM   495  C  CD  . GLU A 1 71  ? -12.846 9.176   -1.979  1.00 47.25  ? 77  GLU A CD  1 
ATOM   496  O  OE1 . GLU A 1 71  ? -13.146 10.298  -2.464  1.00 43.53  ? 77  GLU A OE1 1 
ATOM   497  O  OE2 . GLU A 1 71  ? -13.318 8.712   -0.919  1.00 48.53  ? 77  GLU A OE2 1 
ATOM   498  N  N   . ILE A 1 72  ? -9.513  6.561   -0.555  1.00 46.64  ? 78  ILE A N   1 
ATOM   499  C  CA  . ILE A 1 72  ? -8.958  5.234   -0.331  1.00 47.44  ? 78  ILE A CA  1 
ATOM   500  C  C   . ILE A 1 72  ? -9.732  4.240   -1.213  1.00 48.01  ? 78  ILE A C   1 
ATOM   501  O  O   . ILE A 1 72  ? -10.963 4.172   -1.143  1.00 53.67  ? 78  ILE A O   1 
ATOM   502  C  CB  . ILE A 1 72  ? -8.985  4.879   1.173   1.00 48.31  ? 78  ILE A CB  1 
ATOM   503  C  CG1 . ILE A 1 72  ? -8.354  3.518   1.461   1.00 53.44  ? 78  ILE A CG1 1 
ATOM   504  C  CG2 . ILE A 1 72  ? -10.390 4.939   1.747   1.00 48.97  ? 78  ILE A CG2 1 
ATOM   505  C  CD1 . ILE A 1 72  ? -6.873  3.443   1.158   1.00 57.04  ? 78  ILE A CD1 1 
ATOM   506  N  N   . ILE A 1 73  ? -9.017  3.494   -2.067  1.00 44.90  ? 79  ILE A N   1 
ATOM   507  C  CA  . ILE A 1 73  ? -9.644  2.457   -2.895  1.00 42.20  ? 79  ILE A CA  1 
ATOM   508  C  C   . ILE A 1 73  ? -9.221  1.079   -2.389  1.00 39.37  ? 79  ILE A C   1 
ATOM   509  O  O   . ILE A 1 73  ? -10.046 0.176   -2.319  1.00 41.79  ? 79  ILE A O   1 
ATOM   510  C  CB  . ILE A 1 73  ? -9.323  2.653   -4.385  1.00 45.41  ? 79  ILE A CB  1 
ATOM   511  C  CG1 . ILE A 1 73  ? -9.769  4.035   -4.876  1.00 45.65  ? 79  ILE A CG1 1 
ATOM   512  C  CG2 . ILE A 1 73  ? -9.939  1.539   -5.223  1.00 45.07  ? 79  ILE A CG2 1 
ATOM   513  C  CD1 . ILE A 1 73  ? -8.789  4.679   -5.815  1.00 44.98  ? 79  ILE A CD1 1 
ATOM   514  N  N   . GLU A 1 74  ? -7.943  0.921   -2.034  1.00 38.33  ? 80  GLU A N   1 
ATOM   515  C  CA  . GLU A 1 74  ? -7.494  -0.307  -1.380  1.00 39.03  ? 80  GLU A CA  1 
ATOM   516  C  C   . GLU A 1 74  ? -8.338  -0.504  -0.116  1.00 38.45  ? 80  GLU A C   1 
ATOM   517  O  O   . GLU A 1 74  ? -8.781  0.461   0.499   1.00 40.94  ? 80  GLU A O   1 
ATOM   518  C  CB  . GLU A 1 74  ? -5.999  -0.263  -1.042  1.00 39.46  ? 80  GLU A CB  1 
ATOM   519  C  CG  . GLU A 1 74  ? -5.412  -1.611  -0.636  1.00 38.51  ? 80  GLU A CG  1 
ATOM   520  C  CD  . GLU A 1 74  ? -5.362  -2.652  -1.741  1.00 39.26  ? 80  GLU A CD  1 
ATOM   521  O  OE1 . GLU A 1 74  ? -4.444  -2.583  -2.583  1.00 39.69  ? 80  GLU A OE1 1 
ATOM   522  O  OE2 . GLU A 1 74  ? -6.245  -3.529  -1.757  1.00 41.56  ? 80  GLU A OE2 1 
ATOM   523  N  N   . GLY A 1 75  ? -8.582  -1.767  0.239   1.00 36.96  ? 81  GLY A N   1 
ATOM   524  C  CA  . GLY A 1 75  ? -9.207  -2.114  1.486   1.00 35.72  ? 81  GLY A CA  1 
ATOM   525  C  C   . GLY A 1 75  ? -10.711 -2.190  1.367   1.00 36.37  ? 81  GLY A C   1 
ATOM   526  O  O   . GLY A 1 75  ? -11.329 -2.727  2.254   1.00 39.41  ? 81  GLY A O   1 
ATOM   527  N  N   . ARG A 1 76  ? -11.279 -1.603  0.306   1.00 37.03  ? 82  ARG A N   1 
ATOM   528  C  CA  . ARG A 1 76  ? -12.678 -1.765  -0.039  1.00 38.64  ? 82  ARG A CA  1 
ATOM   529  C  C   . ARG A 1 76  ? -12.828 -3.074  -0.818  1.00 41.52  ? 82  ARG A C   1 
ATOM   530  O  O   . ARG A 1 76  ? -11.846 -3.568  -1.368  1.00 43.92  ? 82  ARG A O   1 
ATOM   531  C  CB  . ARG A 1 76  ? -13.175 -0.627  -0.933  1.00 39.96  ? 82  ARG A CB  1 
ATOM   532  C  CG  . ARG A 1 76  ? -12.939 0.773   -0.390  1.00 42.62  ? 82  ARG A CG  1 
ATOM   533  C  CD  . ARG A 1 76  ? -14.068 1.715   -0.784  1.00 47.63  ? 82  ARG A CD  1 
ATOM   534  N  NE  . ARG A 1 76  ? -13.841 3.086   -0.340  1.00 47.50  ? 82  ARG A NE  1 
ATOM   535  C  CZ  . ARG A 1 76  ? -13.905 3.506   0.925   1.00 50.19  ? 82  ARG A CZ  1 
ATOM   536  N  NH1 . ARG A 1 76  ? -14.222 2.681   1.917   1.00 44.50  ? 82  ARG A NH1 1 
ATOM   537  N  NH2 . ARG A 1 76  ? -13.645 4.774   1.187   1.00 55.43  ? 82  ARG A NH2 1 
ATOM   538  N  N   . ASP A 1 77  ? -14.056 -3.605  -0.872  1.00 44.73  ? 83  ASP A N   1 
ATOM   539  C  CA  . ASP A 1 77  ? -14.416 -4.703  -1.785  1.00 49.24  ? 83  ASP A CA  1 
ATOM   540  C  C   . ASP A 1 77  ? -14.484 -4.139  -3.211  1.00 48.24  ? 83  ASP A C   1 
ATOM   541  O  O   . ASP A 1 77  ? -14.487 -2.933  -3.400  1.00 50.62  ? 83  ASP A O   1 
ATOM   542  C  CB  . ASP A 1 77  ? -15.743 -5.355  -1.381  1.00 53.97  ? 83  ASP A CB  1 
ATOM   543  C  CG  . ASP A 1 77  ? -16.971 -4.614  -1.890  1.00 58.04  ? 83  ASP A CG  1 
ATOM   544  O  OD1 . ASP A 1 77  ? -17.127 -3.421  -1.555  1.00 59.96  ? 83  ASP A OD1 1 
ATOM   545  O  OD2 . ASP A 1 77  ? -17.739 -5.222  -2.648  1.00 60.51  ? 83  ASP A OD2 1 
ATOM   546  N  N   . ARG A 1 78  ? -14.567 -5.011  -4.215  1.00 48.41  ? 84  ARG A N   1 
ATOM   547  C  CA  . ARG A 1 78  ? -14.299 -4.575  -5.600  1.00 49.95  ? 84  ARG A CA  1 
ATOM   548  C  C   . ARG A 1 78  ? -15.510 -3.829  -6.171  1.00 50.43  ? 84  ARG A C   1 
ATOM   549  O  O   . ARG A 1 78  ? -15.343 -2.954  -7.034  1.00 45.61  ? 84  ARG A O   1 
ATOM   550  C  CB  . ARG A 1 78  ? -13.872 -5.761  -6.465  1.00 47.71  ? 84  ARG A CB  1 
ATOM   551  C  CG  . ARG A 1 78  ? -12.481 -6.254  -6.109  1.00 47.66  ? 84  ARG A CG  1 
ATOM   552  C  CD  . ARG A 1 78  ? -12.276 -7.727  -6.340  1.00 49.68  ? 84  ARG A CD  1 
ATOM   553  N  NE  . ARG A 1 78  ? -11.224 -7.928  -7.323  1.00 52.66  ? 84  ARG A NE  1 
ATOM   554  C  CZ  . ARG A 1 78  ? -10.175 -8.726  -7.160  1.00 53.45  ? 84  ARG A CZ  1 
ATOM   555  N  NH1 . ARG A 1 78  ? -10.046 -9.438  -6.052  1.00 56.40  ? 84  ARG A NH1 1 
ATOM   556  N  NH2 . ARG A 1 78  ? -9.265  -8.820  -8.113  1.00 50.53  ? 84  ARG A NH2 1 
ATOM   557  N  N   . ILE A 1 79  ? -16.706 -4.155  -5.666  1.00 50.29  ? 85  ILE A N   1 
ATOM   558  C  CA  . ILE A 1 79  ? -17.929 -3.455  -6.066  1.00 49.64  ? 85  ILE A CA  1 
ATOM   559  C  C   . ILE A 1 79  ? -17.804 -1.994  -5.623  1.00 46.83  ? 85  ILE A C   1 
ATOM   560  O  O   . ILE A 1 79  ? -17.968 -1.088  -6.445  1.00 41.67  ? 85  ILE A O   1 
ATOM   561  C  CB  . ILE A 1 79  ? -19.191 -4.143  -5.501  1.00 49.03  ? 85  ILE A CB  1 
ATOM   562  C  CG1 . ILE A 1 79  ? -19.351 -5.560  -6.063  1.00 50.72  ? 85  ILE A CG1 1 
ATOM   563  C  CG2 . ILE A 1 79  ? -20.428 -3.298  -5.763  1.00 46.30  ? 85  ILE A CG2 1 
ATOM   564  C  CD1 . ILE A 1 79  ? -20.140 -6.505  -5.185  1.00 51.52  ? 85  ILE A CD1 1 
ATOM   565  N  N   . MET A 1 80  ? -17.473 -1.792  -4.339  1.00 47.20  ? 86  MET A N   1 
ATOM   566  C  CA  . MET A 1 80  ? -17.310 -0.441  -3.769  1.00 49.24  ? 86  MET A CA  1 
ATOM   567  C  C   . MET A 1 80  ? -16.150 0.279   -4.460  1.00 42.74  ? 86  MET A C   1 
ATOM   568  O  O   . MET A 1 80  ? -16.273 1.450   -4.772  1.00 38.05  ? 86  MET A O   1 
ATOM   569  C  CB  . MET A 1 80  ? -17.064 -0.465  -2.254  1.00 51.03  ? 86  MET A CB  1 
ATOM   570  C  CG  . MET A 1 80  ? -18.327 -0.730  -1.453  1.00 54.22  ? 86  MET A CG  1 
ATOM   571  S  SD  . MET A 1 80  ? -19.757 0.289   -1.958  1.00 57.19  ? 86  MET A SD  1 
ATOM   572  C  CE  . MET A 1 80  ? -21.071 -0.600  -1.113  1.00 60.44  ? 86  MET A CE  1 
ATOM   573  N  N   . ALA A 1 81  ? -15.067 -0.465  -4.716  1.00 40.41  ? 87  ALA A N   1 
ATOM   574  C  CA  . ALA A 1 81  ? -13.830 0.040   -5.284  1.00 39.07  ? 87  ALA A CA  1 
ATOM   575  C  C   . ALA A 1 81  ? -14.071 0.663   -6.665  1.00 38.67  ? 87  ALA A C   1 
ATOM   576  O  O   . ALA A 1 81  ? -13.802 1.854   -6.897  1.00 35.99  ? 87  ALA A O   1 
ATOM   577  C  CB  . ALA A 1 81  ? -12.845 -1.090  -5.358  1.00 40.39  ? 87  ALA A CB  1 
ATOM   578  N  N   . TRP A 1 82  ? -14.604 -0.151  -7.580  1.00 38.42  ? 88  TRP A N   1 
ATOM   579  C  CA  . TRP A 1 82  ? -14.945 0.313   -8.913  1.00 36.55  ? 88  TRP A CA  1 
ATOM   580  C  C   . TRP A 1 82  ? -16.026 1.385   -8.847  1.00 35.99  ? 88  TRP A C   1 
ATOM   581  O  O   . TRP A 1 82  ? -15.956 2.312   -9.629  1.00 42.79  ? 88  TRP A O   1 
ATOM   582  C  CB  . TRP A 1 82  ? -15.348 -0.851  -9.820  1.00 35.61  ? 88  TRP A CB  1 
ATOM   583  C  CG  . TRP A 1 82  ? -14.139 -1.616  -10.242 1.00 34.54  ? 88  TRP A CG  1 
ATOM   584  C  CD1 . TRP A 1 82  ? -13.727 -2.840  -9.797  1.00 34.73  ? 88  TRP A CD1 1 
ATOM   585  C  CD2 . TRP A 1 82  ? -13.113 -1.143  -11.127 1.00 31.97  ? 88  TRP A CD2 1 
ATOM   586  N  NE1 . TRP A 1 82  ? -12.535 -3.178  -10.384 1.00 34.74  ? 88  TRP A NE1 1 
ATOM   587  C  CE2 . TRP A 1 82  ? -12.130 -2.150  -11.196 1.00 31.60  ? 88  TRP A CE2 1 
ATOM   588  C  CE3 . TRP A 1 82  ? -12.937 0.025   -11.868 1.00 32.30  ? 88  TRP A CE3 1 
ATOM   589  C  CZ2 . TRP A 1 82  ? -11.001 -2.031  -11.995 1.00 29.51  ? 88  TRP A CZ2 1 
ATOM   590  C  CZ3 . TRP A 1 82  ? -11.810 0.155   -12.644 1.00 31.52  ? 88  TRP A CZ3 1 
ATOM   591  C  CH2 . TRP A 1 82  ? -10.865 -0.868  -12.715 1.00 31.27  ? 88  TRP A CH2 1 
ATOM   592  N  N   . THR A 1 83  ? -16.993 1.251   -7.930  1.00 33.47  ? 89  THR A N   1 
ATOM   593  C  CA  . THR A 1 83  ? -17.991 2.303   -7.707  1.00 34.39  ? 89  THR A CA  1 
ATOM   594  C  C   . THR A 1 83  ? -17.312 3.636   -7.375  1.00 33.44  ? 89  THR A C   1 
ATOM   595  O  O   . THR A 1 83  ? -17.746 4.692   -7.843  1.00 33.71  ? 89  THR A O   1 
ATOM   596  C  CB  . THR A 1 83  ? -18.987 1.951   -6.596  1.00 34.55  ? 89  THR A CB  1 
ATOM   597  O  OG1 . THR A 1 83  ? -19.753 0.856   -7.088  1.00 35.89  ? 89  THR A OG1 1 
ATOM   598  C  CG2 . THR A 1 83  ? -19.916 3.091   -6.238  1.00 33.16  ? 89  THR A CG2 1 
ATOM   599  N  N   . VAL A 1 84  ? -16.274 3.588   -6.540  1.00 33.71  ? 90  VAL A N   1 
ATOM   600  C  CA  . VAL A 1 84  ? -15.555 4.797   -6.155  1.00 34.19  ? 90  VAL A CA  1 
ATOM   601  C  C   . VAL A 1 84  ? -14.800 5.291   -7.393  1.00 35.10  ? 90  VAL A C   1 
ATOM   602  O  O   . VAL A 1 84  ? -14.925 6.459   -7.773  1.00 33.89  ? 90  VAL A O   1 
ATOM   603  C  CB  . VAL A 1 84  ? -14.622 4.585   -4.941  1.00 32.14  ? 90  VAL A CB  1 
ATOM   604  C  CG1 . VAL A 1 84  ? -13.706 5.774   -4.724  1.00 32.00  ? 90  VAL A CG1 1 
ATOM   605  C  CG2 . VAL A 1 84  ? -15.387 4.304   -3.652  1.00 31.15  ? 90  VAL A CG2 1 
ATOM   606  N  N   . VAL A 1 85  ? -14.045 4.384   -8.020  1.00 37.10  ? 91  VAL A N   1 
ATOM   607  C  CA  . VAL A 1 85  ? -13.240 4.722   -9.190  1.00 41.12  ? 91  VAL A CA  1 
ATOM   608  C  C   . VAL A 1 85  ? -14.144 5.395   -10.237 1.00 41.94  ? 91  VAL A C   1 
ATOM   609  O  O   . VAL A 1 85  ? -13.801 6.457   -10.768 1.00 41.08  ? 91  VAL A O   1 
ATOM   610  C  CB  . VAL A 1 85  ? -12.507 3.486   -9.757  1.00 42.99  ? 91  VAL A CB  1 
ATOM   611  C  CG1 . VAL A 1 85  ? -11.906 3.739   -11.139 1.00 43.60  ? 91  VAL A CG1 1 
ATOM   612  C  CG2 . VAL A 1 85  ? -11.428 2.987   -8.808  1.00 42.18  ? 91  VAL A CG2 1 
ATOM   613  N  N   . ASN A 1 86  ? -15.301 4.782   -10.508 1.00 43.64  ? 92  ASN A N   1 
ATOM   614  C  CA  . ASN A 1 86  ? -16.203 5.222   -11.565 1.00 46.97  ? 92  ASN A CA  1 
ATOM   615  C  C   . ASN A 1 86  ? -16.769 6.602   -11.218 1.00 49.96  ? 92  ASN A C   1 
ATOM   616  O  O   . ASN A 1 86  ? -16.823 7.500   -12.074 1.00 50.48  ? 92  ASN A O   1 
ATOM   617  C  CB  . ASN A 1 86  ? -17.290 4.184   -11.829 1.00 49.12  ? 92  ASN A CB  1 
ATOM   618  C  CG  . ASN A 1 86  ? -16.830 3.148   -12.831 1.00 53.74  ? 92  ASN A CG  1 
ATOM   619  O  OD1 . ASN A 1 86  ? -16.902 3.390   -14.033 1.00 59.91  ? 92  ASN A OD1 1 
ATOM   620  N  ND2 . ASN A 1 86  ? -16.337 2.011   -12.364 1.00 51.19  ? 92  ASN A ND2 1 
ATOM   621  N  N   . SER A 1 87  ? -17.144 6.773   -9.948  1.00 50.54  ? 93  SER A N   1 
ATOM   622  C  CA  . SER A 1 87  ? -17.626 8.053   -9.438  1.00 49.23  ? 93  SER A CA  1 
ATOM   623  C  C   . SER A 1 87  ? -16.619 9.173   -9.739  1.00 49.06  ? 93  SER A C   1 
ATOM   624  O  O   . SER A 1 87  ? -17.014 10.250  -10.167 1.00 51.59  ? 93  SER A O   1 
ATOM   625  C  CB  . SER A 1 87  ? -17.916 7.968   -7.976  1.00 48.63  ? 93  SER A CB  1 
ATOM   626  O  OG  . SER A 1 87  ? -19.142 8.607   -7.686  1.00 51.13  ? 93  SER A OG  1 
ATOM   627  N  N   . ILE A 1 88  ? -15.327 8.894   -9.525  1.00 49.92  ? 94  ILE A N   1 
ATOM   628  C  CA  . ILE A 1 88  ? -14.230 9.875   -9.694  1.00 52.24  ? 94  ILE A CA  1 
ATOM   629  C  C   . ILE A 1 88  ? -14.012 10.178  -11.184 1.00 52.99  ? 94  ILE A C   1 
ATOM   630  O  O   . ILE A 1 88  ? -13.734 11.328  -11.558 1.00 46.54  ? 94  ILE A O   1 
ATOM   631  C  CB  . ILE A 1 88  ? -12.931 9.375   -9.017  1.00 51.21  ? 94  ILE A CB  1 
ATOM   632  C  CG1 . ILE A 1 88  ? -13.067 9.352   -7.490  1.00 47.77  ? 94  ILE A CG1 1 
ATOM   633  C  CG2 . ILE A 1 88  ? -11.719 10.191  -9.453  1.00 49.17  ? 94  ILE A CG2 1 
ATOM   634  C  CD1 . ILE A 1 88  ? -12.181 8.347   -6.802  1.00 43.98  ? 94  ILE A CD1 1 
ATOM   635  N  N   . CYS A 1 89  ? -14.116 9.142   -12.023 1.00 57.10  ? 95  CYS A N   1 
ATOM   636  C  CA  . CYS A 1 89  ? -13.872 9.272   -13.458 1.00 65.43  ? 95  CYS A CA  1 
ATOM   637  C  C   . CYS A 1 89  ? -14.926 10.189  -14.105 1.00 71.56  ? 95  CYS A C   1 
ATOM   638  O  O   . CYS A 1 89  ? -14.592 11.116  -14.866 1.00 69.95  ? 95  CYS A O   1 
ATOM   639  C  CB  . CYS A 1 89  ? -13.848 7.900   -14.119 1.00 67.94  ? 95  CYS A CB  1 
ATOM   640  S  SG  . CYS A 1 89  ? -12.290 7.018   -13.837 1.00 72.53  ? 95  CYS A SG  1 
ATOM   641  N  N   . ASN A 1 90  ? -16.197 9.944   -13.768 1.00 69.17  ? 96  ASN A N   1 
ATOM   642  C  CA  . ASN A 1 90  ? -17.328 10.640  -14.359 1.00 63.13  ? 96  ASN A CA  1 
ATOM   643  C  C   . ASN A 1 90  ? -17.235 12.152  -14.115 1.00 64.13  ? 96  ASN A C   1 
ATOM   644  O  O   . ASN A 1 90  ? -17.500 12.940  -15.018 1.00 73.58  ? 96  ASN A O   1 
ATOM   645  C  CB  . ASN A 1 90  ? -18.635 10.059  -13.831 1.00 63.98  ? 96  ASN A CB  1 
ATOM   646  C  CG  . ASN A 1 90  ? -18.723 8.580   -14.127 1.00 66.38  ? 96  ASN A CG  1 
ATOM   647  O  OD1 . ASN A 1 90  ? -18.261 8.143   -15.176 1.00 70.31  ? 96  ASN A OD1 1 
ATOM   648  N  ND2 . ASN A 1 90  ? -19.267 7.802   -13.204 1.00 67.73  ? 96  ASN A ND2 1 
ATOM   649  N  N   . THR A 1 91  ? -16.843 12.563  -12.909 1.00 58.27  ? 97  THR A N   1 
ATOM   650  C  CA  . THR A 1 91  ? -17.015 13.951  -12.499 1.00 55.27  ? 97  THR A CA  1 
ATOM   651  C  C   . THR A 1 91  ? -15.657 14.661  -12.374 1.00 52.24  ? 97  THR A C   1 
ATOM   652  O  O   . THR A 1 91  ? -15.513 15.575  -11.575 1.00 52.17  ? 97  THR A O   1 
ATOM   653  C  CB  . THR A 1 91  ? -17.856 13.981  -11.216 1.00 58.16  ? 97  THR A CB  1 
ATOM   654  O  OG1 . THR A 1 91  ? -17.085 13.352  -10.194 1.00 52.19  ? 97  THR A OG1 1 
ATOM   655  C  CG2 . THR A 1 91  ? -19.191 13.274  -11.363 1.00 61.53  ? 97  THR A CG2 1 
ATOM   656  N  N   . THR A 1 92  ? -14.664 14.231  -13.161 1.00 52.61  ? 98  THR A N   1 
ATOM   657  C  CA  . THR A 1 92  ? -13.338 14.902  -13.244 1.00 52.90  ? 98  THR A CA  1 
ATOM   658  C  C   . THR A 1 92  ? -12.774 14.831  -14.670 1.00 53.80  ? 98  THR A C   1 
ATOM   659  O  O   . THR A 1 92  ? -12.089 15.753  -15.115 1.00 54.75  ? 98  THR A O   1 
ATOM   660  C  CB  . THR A 1 92  ? -12.311 14.289  -12.284 1.00 51.90  ? 98  THR A CB  1 
ATOM   661  O  OG1 . THR A 1 92  ? -12.282 12.888  -12.556 1.00 49.67  ? 98  THR A OG1 1 
ATOM   662  C  CG2 . THR A 1 92  ? -12.624 14.545  -10.826 1.00 52.75  ? 98  THR A CG2 1 
ATOM   663  N  N   . GLY A 1 93  ? -13.038 13.718  -15.365 1.00 54.80  ? 99  GLY A N   1 
ATOM   664  C  CA  . GLY A 1 93  ? -12.593 13.496  -16.734 1.00 59.72  ? 99  GLY A CA  1 
ATOM   665  C  C   . GLY A 1 93  ? -11.534 12.401  -16.816 1.00 68.03  ? 99  GLY A C   1 
ATOM   666  O  O   . GLY A 1 93  ? -11.420 11.717  -17.853 1.00 67.92  ? 99  GLY A O   1 
ATOM   667  N  N   . VAL A 1 94  ? -10.791 12.209  -15.711 1.00 68.98  ? 100 VAL A N   1 
ATOM   668  C  CA  . VAL A 1 94  ? -9.580  11.379  -15.678 1.00 65.82  ? 100 VAL A CA  1 
ATOM   669  C  C   . VAL A 1 94  ? -9.940  9.980   -16.187 1.00 62.47  ? 100 VAL A C   1 
ATOM   670  O  O   . VAL A 1 94  ? -10.972 9.418   -15.813 1.00 58.17  ? 100 VAL A O   1 
ATOM   671  C  CB  . VAL A 1 94  ? -8.905  11.341  -14.285 1.00 67.18  ? 100 VAL A CB  1 
ATOM   672  C  CG1 . VAL A 1 94  ? -8.578  12.731  -13.747 1.00 66.17  ? 100 VAL A CG1 1 
ATOM   673  C  CG2 . VAL A 1 94  ? -9.714  10.568  -13.261 1.00 68.57  ? 100 VAL A CG2 1 
ATOM   674  N  N   . GLU A 1 95  ? -9.069  9.455   -17.057 1.00 64.61  ? 101 GLU A N   1 
ATOM   675  C  CA  . GLU A 1 95  ? -9.215  8.157   -17.731 1.00 65.75  ? 101 GLU A CA  1 
ATOM   676  C  C   . GLU A 1 95  ? -9.443  7.076   -16.671 1.00 59.33  ? 101 GLU A C   1 
ATOM   677  O  O   . GLU A 1 95  ? -9.110  7.266   -15.500 1.00 53.09  ? 101 GLU A O   1 
ATOM   678  C  CB  . GLU A 1 95  ? -7.967  7.884   -18.582 1.00 68.49  ? 101 GLU A CB  1 
ATOM   679  C  CG  . GLU A 1 95  ? -8.070  6.697   -19.523 1.00 68.78  ? 101 GLU A CG  1 
ATOM   680  C  CD  . GLU A 1 95  ? -6.876  6.561   -20.454 1.00 71.33  ? 101 GLU A CD  1 
ATOM   681  O  OE1 . GLU A 1 95  ? -6.607  7.519   -21.208 1.00 71.51  ? 101 GLU A OE1 1 
ATOM   682  O  OE2 . GLU A 1 95  ? -6.198  5.509   -20.407 1.00 71.03  ? 101 GLU A OE2 1 
ATOM   683  N  N   . LYS A 1 96  ? -10.037 5.959   -17.099 1.00 60.02  ? 102 LYS A N   1 
ATOM   684  C  CA  . LYS A 1 96  ? -10.329 4.825   -16.216 1.00 61.74  ? 102 LYS A CA  1 
ATOM   685  C  C   . LYS A 1 96  ? -9.111  3.906   -16.156 1.00 57.67  ? 102 LYS A C   1 
ATOM   686  O  O   . LYS A 1 96  ? -8.598  3.487   -17.184 1.00 62.68  ? 102 LYS A O   1 
ATOM   687  C  CB  . LYS A 1 96  ? -11.571 4.081   -16.715 1.00 60.46  ? 102 LYS A CB  1 
ATOM   688  C  CG  . LYS A 1 96  ? -12.366 3.369   -15.633 1.00 63.69  ? 102 LYS A CG  1 
ATOM   689  C  CD  . LYS A 1 96  ? -13.675 2.776   -16.109 1.00 68.16  ? 102 LYS A CD  1 
ATOM   690  C  CE  . LYS A 1 96  ? -14.706 3.805   -16.529 1.00 71.81  ? 102 LYS A CE  1 
ATOM   691  N  NZ  . LYS A 1 96  ? -15.142 4.673   -15.412 1.00 78.92  ? 102 LYS A NZ  1 
ATOM   692  N  N   . PRO A 1 97  ? -8.573  3.577   -14.966 1.00 56.77  ? 103 PRO A N   1 
ATOM   693  C  CA  . PRO A 1 97  ? -7.479  2.615   -14.875 1.00 57.09  ? 103 PRO A CA  1 
ATOM   694  C  C   . PRO A 1 97  ? -7.971  1.176   -15.096 1.00 55.54  ? 103 PRO A C   1 
ATOM   695  O  O   . PRO A 1 97  ? -9.106  0.846   -14.759 1.00 51.62  ? 103 PRO A O   1 
ATOM   696  C  CB  . PRO A 1 97  ? -6.982  2.815   -13.439 1.00 57.95  ? 103 PRO A CB  1 
ATOM   697  C  CG  . PRO A 1 97  ? -8.242  3.166   -12.695 1.00 60.81  ? 103 PRO A CG  1 
ATOM   698  C  CD  . PRO A 1 97  ? -8.979  4.089   -13.649 1.00 60.28  ? 103 PRO A CD  1 
ATOM   699  N  N   . LYS A 1 98  ? -7.101  0.337   -15.665 1.00 55.86  ? 104 LYS A N   1 
ATOM   700  C  CA  . LYS A 1 98  ? -7.430  -1.044  -15.968 1.00 56.68  ? 104 LYS A CA  1 
ATOM   701  C  C   . LYS A 1 98  ? -7.523  -1.819  -14.656 1.00 51.91  ? 104 LYS A C   1 
ATOM   702  O  O   . LYS A 1 98  ? -8.455  -2.577  -14.478 1.00 56.36  ? 104 LYS A O   1 
ATOM   703  C  CB  . LYS A 1 98  ? -6.420  -1.638  -16.958 1.00 63.75  ? 104 LYS A CB  1 
ATOM   704  C  CG  . LYS A 1 98  ? -6.488  -1.035  -18.359 1.00 72.31  ? 104 LYS A CG  1 
ATOM   705  C  CD  . LYS A 1 98  ? -5.165  -1.023  -19.125 1.00 78.63  ? 104 LYS A CD  1 
ATOM   706  C  CE  . LYS A 1 98  ? -5.271  -0.403  -20.508 1.00 80.27  ? 104 LYS A CE  1 
ATOM   707  N  NZ  . LYS A 1 98  ? -5.435  1.073   -20.456 1.00 77.48  ? 104 LYS A NZ  1 
ATOM   708  N  N   . PHE A 1 99  ? -6.567  -1.599  -13.748 1.00 52.37  ? 105 PHE A N   1 
ATOM   709  C  CA  . PHE A 1 99  ? -6.593  -2.207  -12.404 1.00 51.45  ? 105 PHE A CA  1 
ATOM   710  C  C   . PHE A 1 99  ? -7.161  -1.195  -11.394 1.00 45.01  ? 105 PHE A C   1 
ATOM   711  O  O   . PHE A 1 99  ? -7.300  0.000   -11.663 1.00 44.20  ? 105 PHE A O   1 
ATOM   712  C  CB  . PHE A 1 99  ? -5.203  -2.708  -11.986 1.00 56.02  ? 105 PHE A CB  1 
ATOM   713  C  CG  . PHE A 1 99  ? -4.544  -3.700  -12.919 1.00 63.47  ? 105 PHE A CG  1 
ATOM   714  C  CD1 . PHE A 1 99  ? -3.799  -3.263  -14.012 1.00 67.58  ? 105 PHE A CD1 1 
ATOM   715  C  CD2 . PHE A 1 99  ? -4.635  -5.071  -12.697 1.00 63.60  ? 105 PHE A CD2 1 
ATOM   716  C  CE1 . PHE A 1 99  ? -3.189  -4.170  -14.871 1.00 66.32  ? 105 PHE A CE1 1 
ATOM   717  C  CE2 . PHE A 1 99  ? -4.015  -5.974  -13.550 1.00 64.04  ? 105 PHE A CE2 1 
ATOM   718  C  CZ  . PHE A 1 99  ? -3.293  -5.524  -14.635 1.00 65.44  ? 105 PHE A CZ  1 
ATOM   719  N  N   . LEU A 1 100 ? -7.546  -1.715  -10.228 1.00 39.76  ? 106 LEU A N   1 
ATOM   720  C  CA  . LEU A 1 100 ? -7.869  -0.917  -9.089  1.00 34.29  ? 106 LEU A CA  1 
ATOM   721  C  C   . LEU A 1 100 ? -6.564  -0.446  -8.461  1.00 34.25  ? 106 LEU A C   1 
ATOM   722  O  O   . LEU A 1 100 ? -5.764  -1.265  -8.004  1.00 32.81  ? 106 LEU A O   1 
ATOM   723  C  CB  . LEU A 1 100 ? -8.658  -1.758  -8.089  1.00 33.26  ? 106 LEU A CB  1 
ATOM   724  C  CG  . LEU A 1 100 ? -10.132 -1.951  -8.412  1.00 33.20  ? 106 LEU A CG  1 
ATOM   725  C  CD1 . LEU A 1 100 ? -10.775 -2.854  -7.380  1.00 34.85  ? 106 LEU A CD1 1 
ATOM   726  C  CD2 . LEU A 1 100 ? -10.868 -0.626  -8.468  1.00 34.09  ? 106 LEU A CD2 1 
ATOM   727  N  N   . PRO A 1 101 ? -6.311  0.882   -8.446  1.00 32.60  ? 107 PRO A N   1 
ATOM   728  C  CA  . PRO A 1 101 ? -5.194  1.458   -7.703  1.00 31.13  ? 107 PRO A CA  1 
ATOM   729  C  C   . PRO A 1 101 ? -5.597  1.723   -6.246  1.00 29.61  ? 107 PRO A C   1 
ATOM   730  O  O   . PRO A 1 101 ? -6.740  1.448   -5.880  1.00 27.18  ? 107 PRO A O   1 
ATOM   731  C  CB  . PRO A 1 101 ? -4.900  2.759   -8.471  1.00 31.67  ? 107 PRO A CB  1 
ATOM   732  C  CG  . PRO A 1 101 ? -6.231  3.159   -9.084  1.00 32.11  ? 107 PRO A CG  1 
ATOM   733  C  CD  . PRO A 1 101 ? -7.086  1.908   -9.160  1.00 32.52  ? 107 PRO A CD  1 
ATOM   734  N  N   . ASP A 1 102 ? -4.665  2.301   -5.474  1.00 29.55  ? 108 ASP A N   1 
ATOM   735  C  CA  . ASP A 1 102 ? -4.702  2.355   -3.997  1.00 29.15  ? 108 ASP A CA  1 
ATOM   736  C  C   . ASP A 1 102 ? -5.404  3.631   -3.493  1.00 29.38  ? 108 ASP A C   1 
ATOM   737  O  O   . ASP A 1 102 ? -6.198  3.556   -2.551  1.00 25.84  ? 108 ASP A O   1 
ATOM   738  C  CB  . ASP A 1 102 ? -3.289  2.194   -3.423  1.00 27.47  ? 108 ASP A CB  1 
ATOM   739  C  CG  . ASP A 1 102 ? -2.705  0.805   -3.621  1.00 26.32  ? 108 ASP A CG  1 
ATOM   740  O  OD1 . ASP A 1 102 ? -3.474  -0.160  -3.623  1.00 26.73  ? 108 ASP A OD1 1 
ATOM   741  O  OD2 . ASP A 1 102 ? -1.491  0.702   -3.795  1.00 25.18  ? 108 ASP A OD2 1 
ATOM   742  N  N   . LEU A 1 103 ? -5.109  4.784   -4.115  1.00 31.65  ? 109 LEU A N   1 
ATOM   743  C  CA  . LEU A 1 103 ? -5.651  6.103   -3.691  1.00 33.39  ? 109 LEU A CA  1 
ATOM   744  C  C   . LEU A 1 103 ? -5.971  6.961   -4.923  1.00 34.35  ? 109 LEU A C   1 
ATOM   745  O  O   . LEU A 1 103 ? -5.460  6.732   -6.040  1.00 34.65  ? 109 LEU A O   1 
ATOM   746  C  CB  . LEU A 1 103 ? -4.651  6.852   -2.789  1.00 34.14  ? 109 LEU A CB  1 
ATOM   747  C  CG  . LEU A 1 103 ? -4.060  6.093   -1.589  1.00 33.82  ? 109 LEU A CG  1 
ATOM   748  C  CD1 . LEU A 1 103 ? -2.962  6.893   -0.905  1.00 33.73  ? 109 LEU A CD1 1 
ATOM   749  C  CD2 . LEU A 1 103 ? -5.115  5.752   -0.564  1.00 34.34  ? 109 LEU A CD2 1 
ATOM   750  N  N   . TYR A 1 104 ? -6.835  7.959   -4.707  1.00 36.53  ? 110 TYR A N   1 
ATOM   751  C  CA  . TYR A 1 104 ? -7.010  9.089   -5.642  1.00 37.94  ? 110 TYR A CA  1 
ATOM   752  C  C   . TYR A 1 104 ? -6.653  10.379  -4.893  1.00 36.48  ? 110 TYR A C   1 
ATOM   753  O  O   . TYR A 1 104 ? -6.962  10.529  -3.710  1.00 34.49  ? 110 TYR A O   1 
ATOM   754  C  CB  . TYR A 1 104 ? -8.420  9.158   -6.253  1.00 37.38  ? 110 TYR A CB  1 
ATOM   755  C  CG  . TYR A 1 104 ? -8.570  10.296  -7.232  1.00 38.14  ? 110 TYR A CG  1 
ATOM   756  C  CD1 . TYR A 1 104 ? -8.088  10.188  -8.522  1.00 41.62  ? 110 TYR A CD1 1 
ATOM   757  C  CD2 . TYR A 1 104 ? -9.124  11.507  -6.854  1.00 37.37  ? 110 TYR A CD2 1 
ATOM   758  C  CE1 . TYR A 1 104 ? -8.184  11.240  -9.420  1.00 44.05  ? 110 TYR A CE1 1 
ATOM   759  C  CE2 . TYR A 1 104 ? -9.218  12.570  -7.733  1.00 38.11  ? 110 TYR A CE2 1 
ATOM   760  C  CZ  . TYR A 1 104 ? -8.749  12.440  -9.024  1.00 41.95  ? 110 TYR A CZ  1 
ATOM   761  O  OH  . TYR A 1 104 ? -8.848  13.478  -9.911  1.00 46.28  ? 110 TYR A OH  1 
ATOM   762  N  N   . ASP A 1 105 ? -6.006  11.299  -5.611  1.00 36.02  ? 111 ASP A N   1 
ATOM   763  C  CA  . ASP A 1 105 ? -5.526  12.548  -5.076  1.00 37.79  ? 111 ASP A CA  1 
ATOM   764  C  C   . ASP A 1 105 ? -6.308  13.686  -5.746  1.00 43.38  ? 111 ASP A C   1 
ATOM   765  O  O   . ASP A 1 105 ? -6.313  13.793  -6.984  1.00 43.47  ? 111 ASP A O   1 
ATOM   766  C  CB  . ASP A 1 105 ? -4.019  12.623  -5.302  1.00 36.65  ? 111 ASP A CB  1 
ATOM   767  C  CG  . ASP A 1 105 ? -3.393  13.946  -4.936  1.00 36.62  ? 111 ASP A CG  1 
ATOM   768  O  OD1 . ASP A 1 105 ? -4.155  14.859  -4.562  1.00 32.88  ? 111 ASP A OD1 1 
ATOM   769  O  OD2 . ASP A 1 105 ? -2.144  14.045  -5.051  1.00 39.77  ? 111 ASP A OD2 1 
ATOM   770  N  N   . TYR A 1 106 ? -6.978  14.508  -4.924  1.00 46.46  ? 112 TYR A N   1 
ATOM   771  C  CA  . TYR A 1 106 ? -7.842  15.604  -5.404  1.00 47.58  ? 112 TYR A CA  1 
ATOM   772  C  C   . TYR A 1 106 ? -7.035  16.903  -5.622  1.00 47.48  ? 112 TYR A C   1 
ATOM   773  O  O   . TYR A 1 106 ? -7.415  17.712  -6.477  1.00 49.30  ? 112 TYR A O   1 
ATOM   774  C  CB  . TYR A 1 106 ? -9.017  15.848  -4.448  1.00 47.03  ? 112 TYR A CB  1 
ATOM   775  C  CG  . TYR A 1 106 ? -10.067 14.763  -4.384  1.00 43.22  ? 112 TYR A CG  1 
ATOM   776  C  CD1 . TYR A 1 106 ? -10.866 14.453  -5.476  1.00 43.16  ? 112 TYR A CD1 1 
ATOM   777  C  CD2 . TYR A 1 106 ? -10.302 14.075  -3.206  1.00 41.85  ? 112 TYR A CD2 1 
ATOM   778  C  CE1 . TYR A 1 106 ? -11.838 13.464  -5.416  1.00 39.28  ? 112 TYR A CE1 1 
ATOM   779  C  CE2 . TYR A 1 106 ? -11.262 13.081  -3.128  1.00 41.45  ? 112 TYR A CE2 1 
ATOM   780  C  CZ  . TYR A 1 106 ? -12.035 12.774  -4.233  1.00 39.78  ? 112 TYR A CZ  1 
ATOM   781  O  OH  . TYR A 1 106 ? -12.977 11.794  -4.117  1.00 38.42  ? 112 TYR A OH  1 
ATOM   782  N  N   . LYS A 1 107 ? -5.946  17.131  -4.876  1.00 45.92  ? 113 LYS A N   1 
ATOM   783  C  CA  . LYS A 1 107 ? -5.145  18.335  -5.148  1.00 51.47  ? 113 LYS A CA  1 
ATOM   784  C  C   . LYS A 1 107 ? -4.472  18.194  -6.525  1.00 53.09  ? 113 LYS A C   1 
ATOM   785  O  O   . LYS A 1 107 ? -4.548  19.122  -7.307  1.00 58.84  ? 113 LYS A O   1 
ATOM   786  C  CB  . LYS A 1 107 ? -4.169  18.711  -4.020  1.00 53.72  ? 113 LYS A CB  1 
ATOM   787  C  CG  . LYS A 1 107 ? -2.840  17.964  -3.959  1.00 60.42  ? 113 LYS A CG  1 
ATOM   788  C  CD  . LYS A 1 107 ? -2.819  16.816  -2.928  1.00 60.57  ? 113 LYS A CD  1 
ATOM   789  C  CE  . LYS A 1 107 ? -1.692  15.813  -3.097  1.00 51.23  ? 113 LYS A CE  1 
ATOM   790  N  NZ  . LYS A 1 107 ? -0.525  16.147  -2.260  1.00 48.46  ? 113 LYS A NZ  1 
ATOM   791  N  N   . GLU A 1 108 ? -3.858  17.042  -6.839  1.00 53.58  ? 114 GLU A N   1 
ATOM   792  C  CA  . GLU A 1 108 ? -3.071  16.875  -8.088  1.00 51.35  ? 114 GLU A CA  1 
ATOM   793  C  C   . GLU A 1 108 ? -3.877  16.118  -9.153  1.00 51.39  ? 114 GLU A C   1 
ATOM   794  O  O   . GLU A 1 108 ? -3.392  15.937  -10.268 1.00 50.66  ? 114 GLU A O   1 
ATOM   795  C  CB  . GLU A 1 108 ? -1.755  16.134  -7.836  1.00 52.79  ? 114 GLU A CB  1 
ATOM   796  C  CG  . GLU A 1 108 ? -0.818  16.823  -6.850  1.00 57.63  ? 114 GLU A CG  1 
ATOM   797  C  CD  . GLU A 1 108 ? -0.123  18.103  -7.316  1.00 59.45  ? 114 GLU A CD  1 
ATOM   798  O  OE1 . GLU A 1 108 ? 0.569   18.071  -8.359  1.00 60.80  ? 114 GLU A OE1 1 
ATOM   799  O  OE2 . GLU A 1 108 ? -0.240  19.131  -6.614  1.00 56.49  ? 114 GLU A OE2 1 
ATOM   800  N  N   . ASN A 1 109 ? -5.085  15.661  -8.796  1.00 53.20  ? 115 ASN A N   1 
ATOM   801  C  CA  . ASN A 1 109 ? -6.066  15.044  -9.726  1.00 53.19  ? 115 ASN A CA  1 
ATOM   802  C  C   . ASN A 1 109 ? -5.455  13.873  -10.498 1.00 53.99  ? 115 ASN A C   1 
ATOM   803  O  O   . ASN A 1 109 ? -5.415  13.896  -11.729 1.00 59.31  ? 115 ASN A O   1 
ATOM   804  C  CB  . ASN A 1 109 ? -6.647  16.078  -10.682 1.00 49.66  ? 115 ASN A CB  1 
ATOM   805  C  CG  . ASN A 1 109 ? -7.372  17.142  -9.898  1.00 53.08  ? 115 ASN A CG  1 
ATOM   806  O  OD1 . ASN A 1 109 ? -6.804  18.200  -9.650  1.00 54.19  ? 115 ASN A OD1 1 
ATOM   807  N  ND2 . ASN A 1 109 ? -8.575  16.826  -9.428  1.00 53.10  ? 115 ASN A ND2 1 
ATOM   808  N  N   . ARG A 1 110 ? -5.025  12.845  -9.758  1.00 50.88  ? 116 ARG A N   1 
ATOM   809  C  CA  . ARG A 1 110 ? -4.413  11.646  -10.322 1.00 45.99  ? 116 ARG A CA  1 
ATOM   810  C  C   . ARG A 1 110 ? -4.587  10.509  -9.317  1.00 42.09  ? 116 ARG A C   1 
ATOM   811  O  O   . ARG A 1 110 ? -4.627  10.773  -8.129  1.00 44.76  ? 116 ARG A O   1 
ATOM   812  C  CB  . ARG A 1 110 ? -2.930  11.904  -10.628 1.00 47.16  ? 116 ARG A CB  1 
ATOM   813  C  CG  . ARG A 1 110 ? -2.046  12.104  -9.405  1.00 45.50  ? 116 ARG A CG  1 
ATOM   814  C  CD  . ARG A 1 110 ? -0.707  12.760  -9.711  1.00 45.25  ? 116 ARG A CD  1 
ATOM   815  N  NE  . ARG A 1 110 ? -0.068  13.193  -8.471  1.00 48.21  ? 116 ARG A NE  1 
ATOM   816  C  CZ  . ARG A 1 110 ? 1.115   13.801  -8.361  1.00 44.71  ? 116 ARG A CZ  1 
ATOM   817  N  NH1 . ARG A 1 110 ? 1.786   14.181  -9.430  1.00 39.53  ? 116 ARG A NH1 1 
ATOM   818  N  NH2 . ARG A 1 110 ? 1.634   14.014  -7.164  1.00 45.62  ? 116 ARG A NH2 1 
ATOM   819  N  N   . PHE A 1 111 ? -4.691  9.268   -9.806  1.00 40.38  ? 117 PHE A N   1 
ATOM   820  C  CA  . PHE A 1 111 ? -4.652  8.060   -8.945  1.00 38.48  ? 117 PHE A CA  1 
ATOM   821  C  C   . PHE A 1 111 ? -3.219  7.783   -8.475  1.00 38.96  ? 117 PHE A C   1 
ATOM   822  O  O   . PHE A 1 111 ? -2.242  8.203   -9.111  1.00 39.68  ? 117 PHE A O   1 
ATOM   823  C  CB  . PHE A 1 111 ? -5.170  6.829   -9.684  1.00 36.29  ? 117 PHE A CB  1 
ATOM   824  C  CG  . PHE A 1 111 ? -6.636  6.900   -10.002 1.00 37.70  ? 117 PHE A CG  1 
ATOM   825  C  CD1 . PHE A 1 111 ? -7.077  7.528   -11.153 1.00 37.22  ? 117 PHE A CD1 1 
ATOM   826  C  CD2 . PHE A 1 111 ? -7.574  6.367   -9.136  1.00 37.44  ? 117 PHE A CD2 1 
ATOM   827  C  CE1 . PHE A 1 111 ? -8.426  7.622   -11.434 1.00 37.19  ? 117 PHE A CE1 1 
ATOM   828  C  CE2 . PHE A 1 111 ? -8.923  6.449   -9.426  1.00 37.54  ? 117 PHE A CE2 1 
ATOM   829  C  CZ  . PHE A 1 111 ? -9.346  7.091   -10.566 1.00 38.82  ? 117 PHE A CZ  1 
ATOM   830  N  N   . ILE A 1 112 ? -3.111  7.040   -7.372  1.00 37.89  ? 118 ILE A N   1 
ATOM   831  C  CA  . ILE A 1 112 ? -1.833  6.623   -6.827  1.00 37.43  ? 118 ILE A CA  1 
ATOM   832  C  C   . ILE A 1 112 ? -1.854  5.104   -6.619  1.00 36.21  ? 118 ILE A C   1 
ATOM   833  O  O   . ILE A 1 112 ? -2.850  4.536   -6.129  1.00 33.11  ? 118 ILE A O   1 
ATOM   834  C  CB  . ILE A 1 112 ? -1.517  7.376   -5.519  1.00 39.57  ? 118 ILE A CB  1 
ATOM   835  C  CG1 . ILE A 1 112 ? -1.662  8.890   -5.706  1.00 39.99  ? 118 ILE A CG1 1 
ATOM   836  C  CG2 . ILE A 1 112 ? -0.142  6.987   -4.984  1.00 38.53  ? 118 ILE A CG2 1 
ATOM   837  C  CD1 . ILE A 1 112 ? -1.364  9.695   -4.465  1.00 42.58  ? 118 ILE A CD1 1 
ATOM   838  N  N   . GLU A 1 113 ? -0.742  4.469   -7.017  1.00 34.96  ? 119 GLU A N   1 
ATOM   839  C  CA  . GLU A 1 113 ? -0.434  3.089   -6.708  1.00 31.70  ? 119 GLU A CA  1 
ATOM   840  C  C   . GLU A 1 113 ? 0.689   3.084   -5.679  1.00 30.07  ? 119 GLU A C   1 
ATOM   841  O  O   . GLU A 1 113 ? 1.770   3.592   -5.952  1.00 29.94  ? 119 GLU A O   1 
ATOM   842  C  CB  . GLU A 1 113 ? 0.003   2.314   -7.952  1.00 31.45  ? 119 GLU A CB  1 
ATOM   843  C  CG  . GLU A 1 113 ? 0.380   0.869   -7.664  1.00 31.07  ? 119 GLU A CG  1 
ATOM   844  C  CD  . GLU A 1 113 ? -0.658  0.121   -6.847  1.00 30.40  ? 119 GLU A CD  1 
ATOM   845  O  OE1 . GLU A 1 113 ? -1.854  0.418   -7.034  1.00 28.46  ? 119 GLU A OE1 1 
ATOM   846  O  OE2 . GLU A 1 113 ? -0.266  -0.740  -6.022  1.00 28.85  ? 119 GLU A OE2 1 
ATOM   847  N  N   . ILE A 1 114 ? 0.394   2.500   -4.518  1.00 29.38  ? 120 ILE A N   1 
ATOM   848  C  CA  . ILE A 1 114 ? 1.313   2.409   -3.393  1.00 30.67  ? 120 ILE A CA  1 
ATOM   849  C  C   . ILE A 1 114 ? 2.063   1.075   -3.479  1.00 29.28  ? 120 ILE A C   1 
ATOM   850  O  O   . ILE A 1 114 ? 1.435   0.011   -3.519  1.00 29.41  ? 120 ILE A O   1 
ATOM   851  C  CB  . ILE A 1 114 ? 0.549   2.540   -2.053  1.00 32.27  ? 120 ILE A CB  1 
ATOM   852  C  CG1 . ILE A 1 114 ? -0.184  3.877   -1.923  1.00 32.63  ? 120 ILE A CG1 1 
ATOM   853  C  CG2 . ILE A 1 114 ? 1.472   2.306   -0.872  1.00 32.40  ? 120 ILE A CG2 1 
ATOM   854  C  CD1 . ILE A 1 114 ? 0.696   5.080   -2.168  1.00 34.07  ? 120 ILE A CD1 1 
ATOM   855  N  N   . GLY A 1 115 ? 3.400   1.151   -3.460  1.00 27.98  ? 121 GLY A N   1 
ATOM   856  C  CA  . GLY A 1 115 ? 4.257   -0.028  -3.451  1.00 27.29  ? 121 GLY A CA  1 
ATOM   857  C  C   . GLY A 1 115 ? 5.125   -0.083  -2.203  1.00 26.91  ? 121 GLY A C   1 
ATOM   858  O  O   . GLY A 1 115 ? 5.703   0.932   -1.824  1.00 25.95  ? 121 GLY A O   1 
ATOM   859  N  N   . VAL A 1 116 ? 5.198   -1.280  -1.584  1.00 26.55  ? 122 VAL A N   1 
ATOM   860  C  CA  . VAL A 1 116 ? 6.093   -1.597  -0.461  1.00 26.15  ? 122 VAL A CA  1 
ATOM   861  C  C   . VAL A 1 116 ? 6.860   -2.875  -0.800  1.00 26.07  ? 122 VAL A C   1 
ATOM   862  O  O   . VAL A 1 116 ? 6.255   -3.866  -1.148  1.00 26.49  ? 122 VAL A O   1 
ATOM   863  C  CB  . VAL A 1 116 ? 5.320   -1.746  0.863   1.00 25.99  ? 122 VAL A CB  1 
ATOM   864  C  CG1 . VAL A 1 116 ? 6.243   -1.818  2.080   1.00 24.02  ? 122 VAL A CG1 1 
ATOM   865  C  CG2 . VAL A 1 116 ? 4.301   -0.625  1.022   1.00 27.81  ? 122 VAL A CG2 1 
ATOM   866  N  N   . THR A 1 117 ? 8.185   -2.831  -0.654  1.00 27.13  ? 123 THR A N   1 
ATOM   867  C  CA  . THR A 1 117 ? 9.057   -3.829  -1.206  1.00 30.12  ? 123 THR A CA  1 
ATOM   868  C  C   . THR A 1 117 ? 10.234  -4.090  -0.265  1.00 32.06  ? 123 THR A C   1 
ATOM   869  O  O   . THR A 1 117 ? 10.799  -3.156  0.298   1.00 34.19  ? 123 THR A O   1 
ATOM   870  C  CB  . THR A 1 117 ? 9.595   -3.377  -2.571  1.00 32.63  ? 123 THR A CB  1 
ATOM   871  O  OG1 . THR A 1 117 ? 10.088  -4.516  -3.287  1.00 34.99  ? 123 THR A OG1 1 
ATOM   872  C  CG2 . THR A 1 117 ? 10.687  -2.333  -2.454  1.00 33.24  ? 123 THR A CG2 1 
ATOM   873  N  N   . ARG A 1 118 ? 10.634  -5.361  -0.175  1.00 32.63  ? 124 ARG A N   1 
ATOM   874  C  CA  . ARG A 1 118 ? 11.849  -5.740  0.497   1.00 33.79  ? 124 ARG A CA  1 
ATOM   875  C  C   . ARG A 1 118 ? 13.000  -5.881  -0.512  1.00 34.77  ? 124 ARG A C   1 
ATOM   876  O  O   . ARG A 1 118 ? 14.064  -6.359  -0.144  1.00 36.34  ? 124 ARG A O   1 
ATOM   877  C  CB  . ARG A 1 118 ? 11.678  -7.011  1.345   1.00 35.82  ? 124 ARG A CB  1 
ATOM   878  C  CG  . ARG A 1 118 ? 10.564  -7.964  0.948   1.00 36.53  ? 124 ARG A CG  1 
ATOM   879  C  CD  . ARG A 1 118 ? 9.320   -7.823  1.803   1.00 36.44  ? 124 ARG A CD  1 
ATOM   880  N  NE  . ARG A 1 118 ? 8.671   -9.123  1.927   1.00 37.04  ? 124 ARG A NE  1 
ATOM   881  C  CZ  . ARG A 1 118 ? 7.640   -9.544  1.198   1.00 36.57  ? 124 ARG A CZ  1 
ATOM   882  N  NH1 . ARG A 1 118 ? 7.007   -8.721  0.377   1.00 32.35  ? 124 ARG A NH1 1 
ATOM   883  N  NH2 . ARG A 1 118 ? 7.234   -10.796 1.320   1.00 39.26  ? 124 ARG A NH2 1 
ATOM   884  N  N   . ARG A 1 119 ? 12.826  -5.403  -1.752  1.00 36.17  ? 125 ARG A N   1 
ATOM   885  C  CA  . ARG A 1 119 ? 13.905  -5.409  -2.741  1.00 37.51  ? 125 ARG A CA  1 
ATOM   886  C  C   . ARG A 1 119 ? 14.569  -4.020  -2.774  1.00 41.02  ? 125 ARG A C   1 
ATOM   887  O  O   . ARG A 1 119 ? 14.660  -3.355  -1.746  1.00 43.12  ? 125 ARG A O   1 
ATOM   888  C  CB  . ARG A 1 119 ? 13.339  -5.905  -4.073  1.00 37.55  ? 125 ARG A CB  1 
ATOM   889  C  CG  . ARG A 1 119 ? 12.974  -7.382  -4.047  1.00 38.04  ? 125 ARG A CG  1 
ATOM   890  C  CD  . ARG A 1 119 ? 12.605  -7.926  -5.411  1.00 38.66  ? 125 ARG A CD  1 
ATOM   891  N  NE  . ARG A 1 119 ? 11.185  -7.810  -5.688  1.00 40.39  ? 125 ARG A NE  1 
ATOM   892  C  CZ  . ARG A 1 119 ? 10.657  -7.896  -6.901  1.00 44.71  ? 125 ARG A CZ  1 
ATOM   893  N  NH1 . ARG A 1 119 ? 11.449  -8.046  -7.952  1.00 46.38  ? 125 ARG A NH1 1 
ATOM   894  N  NH2 . ARG A 1 119 ? 9.343   -7.836  -7.057  1.00 47.73  ? 125 ARG A NH2 1 
ATOM   895  N  N   . GLU A 1 120 ? 15.134  -3.637  -3.923  1.00 44.33  ? 126 GLU A N   1 
ATOM   896  C  CA  . GLU A 1 120 ? 15.534  -2.266  -4.177  1.00 48.40  ? 126 GLU A CA  1 
ATOM   897  C  C   . GLU A 1 120 ? 14.320  -1.517  -4.736  1.00 48.74  ? 126 GLU A C   1 
ATOM   898  O  O   . GLU A 1 120 ? 13.460  -2.109  -5.389  1.00 48.80  ? 126 GLU A O   1 
ATOM   899  C  CB  . GLU A 1 120 ? 16.713  -2.180  -5.156  1.00 54.35  ? 126 GLU A CB  1 
ATOM   900  C  CG  . GLU A 1 120 ? 18.083  -2.157  -4.493  1.00 58.39  ? 126 GLU A CG  1 
ATOM   901  C  CD  . GLU A 1 120 ? 18.853  -3.466  -4.533  1.00 67.01  ? 126 GLU A CD  1 
ATOM   902  O  OE1 . GLU A 1 120 ? 18.242  -4.518  -4.854  1.00 70.11  ? 126 GLU A OE1 1 
ATOM   903  O  OE2 . GLU A 1 120 ? 20.073  -3.435  -4.245  1.00 74.18  ? 126 GLU A OE2 1 
ATOM   904  N  N   . VAL A 1 121 ? 14.283  -0.201  -4.499  1.00 47.78  ? 127 VAL A N   1 
ATOM   905  C  CA  . VAL A 1 121 ? 13.123  0.606   -4.819  1.00 44.68  ? 127 VAL A CA  1 
ATOM   906  C  C   . VAL A 1 121 ? 12.993  0.736   -6.345  1.00 43.73  ? 127 VAL A C   1 
ATOM   907  O  O   . VAL A 1 121 ? 11.924  0.502   -6.868  1.00 41.76  ? 127 VAL A O   1 
ATOM   908  C  CB  . VAL A 1 121 ? 13.137  1.956   -4.071  1.00 44.12  ? 127 VAL A CB  1 
ATOM   909  C  CG1 . VAL A 1 121 ? 13.157  1.755   -2.564  1.00 43.44  ? 127 VAL A CG1 1 
ATOM   910  C  CG2 . VAL A 1 121 ? 14.274  2.869   -4.479  1.00 46.29  ? 127 VAL A CG2 1 
ATOM   911  N  N   . HIS A 1 122 ? 14.085  1.055   -7.050  1.00 48.56  ? 128 HIS A N   1 
ATOM   912  C  CA  . HIS A 1 122 ? 14.066  1.228   -8.526  1.00 51.80  ? 128 HIS A CA  1 
ATOM   913  C  C   . HIS A 1 122 ? 13.696  -0.088  -9.216  1.00 47.86  ? 128 HIS A C   1 
ATOM   914  O  O   . HIS A 1 122 ? 13.035  -0.081  -10.238 1.00 45.74  ? 128 HIS A O   1 
ATOM   915  C  CB  . HIS A 1 122 ? 15.393  1.800   -9.061  1.00 59.54  ? 128 HIS A CB  1 
ATOM   916  C  CG  . HIS A 1 122 ? 16.607  1.046   -8.630  1.00 70.53  ? 128 HIS A CG  1 
ATOM   917  N  ND1 . HIS A 1 122 ? 17.088  1.087   -7.326  1.00 74.27  ? 128 HIS A ND1 1 
ATOM   918  C  CD2 . HIS A 1 122 ? 17.453  0.248   -9.319  1.00 74.62  ? 128 HIS A CD2 1 
ATOM   919  C  CE1 . HIS A 1 122 ? 18.166  0.335   -7.235  1.00 75.25  ? 128 HIS A CE1 1 
ATOM   920  N  NE2 . HIS A 1 122 ? 18.414  -0.187  -8.444  1.00 73.87  ? 128 HIS A NE2 1 
ATOM   921  N  N   . ILE A 1 123 ? 14.112  -1.214  -8.635  1.00 48.50  ? 129 ILE A N   1 
ATOM   922  C  CA  . ILE A 1 123 ? 13.712  -2.540  -9.120  1.00 48.53  ? 129 ILE A CA  1 
ATOM   923  C  C   . ILE A 1 123 ? 12.187  -2.695  -9.045  1.00 44.95  ? 129 ILE A C   1 
ATOM   924  O  O   . ILE A 1 123 ? 11.558  -3.050  -10.021 1.00 44.72  ? 129 ILE A O   1 
ATOM   925  C  CB  . ILE A 1 123 ? 14.439  -3.657  -8.339  1.00 52.07  ? 129 ILE A CB  1 
ATOM   926  C  CG1 . ILE A 1 123 ? 15.882  -3.823  -8.829  1.00 53.47  ? 129 ILE A CG1 1 
ATOM   927  C  CG2 . ILE A 1 123 ? 13.656  -4.968  -8.401  1.00 52.36  ? 129 ILE A CG2 1 
ATOM   928  C  CD1 . ILE A 1 123 ? 16.708  -4.839  -8.053  1.00 54.63  ? 129 ILE A CD1 1 
ATOM   929  N  N   . TYR A 1 124 ? 11.610  -2.473  -7.860  1.00 45.83  ? 130 TYR A N   1 
ATOM   930  C  CA  . TYR A 1 124 ? 10.179  -2.683  -7.657  1.00 44.92  ? 130 TYR A CA  1 
ATOM   931  C  C   . TYR A 1 124 ? 9.402   -1.648  -8.491  1.00 44.27  ? 130 TYR A C   1 
ATOM   932  O  O   . TYR A 1 124 ? 8.406   -1.981  -9.140  1.00 46.74  ? 130 TYR A O   1 
ATOM   933  C  CB  . TYR A 1 124 ? 9.822   -2.674  -6.160  1.00 44.58  ? 130 TYR A CB  1 
ATOM   934  C  CG  . TYR A 1 124 ? 8.457   -3.248  -5.860  1.00 44.57  ? 130 TYR A CG  1 
ATOM   935  C  CD1 . TYR A 1 124 ? 8.109   -4.520  -6.291  1.00 44.81  ? 130 TYR A CD1 1 
ATOM   936  C  CD2 . TYR A 1 124 ? 7.492   -2.512  -5.196  1.00 43.16  ? 130 TYR A CD2 1 
ATOM   937  C  CE1 . TYR A 1 124 ? 6.850   -5.050  -6.069  1.00 44.04  ? 130 TYR A CE1 1 
ATOM   938  C  CE2 . TYR A 1 124 ? 6.227   -3.031  -4.962  1.00 46.48  ? 130 TYR A CE2 1 
ATOM   939  C  CZ  . TYR A 1 124 ? 5.903   -4.307  -5.393  1.00 43.62  ? 130 TYR A CZ  1 
ATOM   940  O  OH  . TYR A 1 124 ? 4.656   -4.820  -5.166  1.00 40.33  ? 130 TYR A OH  1 
ATOM   941  N  N   . TYR A 1 125 ? 9.882   -0.400  -8.489  1.00 42.26  ? 131 TYR A N   1 
ATOM   942  C  CA  . TYR A 1 125 ? 9.252   0.684   -9.224  1.00 42.54  ? 131 TYR A CA  1 
ATOM   943  C  C   . TYR A 1 125 ? 9.011   0.262   -10.678 1.00 43.90  ? 131 TYR A C   1 
ATOM   944  O  O   . TYR A 1 125 ? 7.890   0.400   -11.178 1.00 47.63  ? 131 TYR A O   1 
ATOM   945  C  CB  . TYR A 1 125 ? 10.084  1.973   -9.202  1.00 42.44  ? 131 TYR A CB  1 
ATOM   946  C  CG  . TYR A 1 125 ? 9.439   3.071   -10.007 1.00 41.41  ? 131 TYR A CG  1 
ATOM   947  C  CD1 . TYR A 1 125 ? 9.583   3.112   -11.382 1.00 41.23  ? 131 TYR A CD1 1 
ATOM   948  C  CD2 . TYR A 1 125 ? 8.617   4.013   -9.412  1.00 41.79  ? 131 TYR A CD2 1 
ATOM   949  C  CE1 . TYR A 1 125 ? 8.948   4.073   -12.147 1.00 42.31  ? 131 TYR A CE1 1 
ATOM   950  C  CE2 . TYR A 1 125 ? 7.983   4.991   -10.160 1.00 43.38  ? 131 TYR A CE2 1 
ATOM   951  C  CZ  . TYR A 1 125 ? 8.145   5.015   -11.535 1.00 43.72  ? 131 TYR A CZ  1 
ATOM   952  O  OH  . TYR A 1 125 ? 7.544   5.965   -12.306 1.00 43.18  ? 131 TYR A OH  1 
ATOM   953  N  N   . LEU A 1 126 ? 10.076  -0.206  -11.342 1.00 42.40  ? 132 LEU A N   1 
ATOM   954  C  CA  . LEU A 1 126 ? 10.037  -0.614  -12.753 1.00 44.65  ? 132 LEU A CA  1 
ATOM   955  C  C   . LEU A 1 126 ? 8.951   -1.681  -12.964 1.00 43.99  ? 132 LEU A C   1 
ATOM   956  O  O   . LEU A 1 126 ? 8.150   -1.561  -13.886 1.00 40.28  ? 132 LEU A O   1 
ATOM   957  C  CB  . LEU A 1 126 ? 11.412  -1.155  -13.179 1.00 45.54  ? 132 LEU A CB  1 
ATOM   958  C  CG  . LEU A 1 126 ? 12.521  -0.125  -13.404 1.00 42.80  ? 132 LEU A CG  1 
ATOM   959  C  CD1 . LEU A 1 126 ? 13.856  -0.822  -13.580 1.00 41.19  ? 132 LEU A CD1 1 
ATOM   960  C  CD2 . LEU A 1 126 ? 12.230  0.754   -14.610 1.00 44.14  ? 132 LEU A CD2 1 
ATOM   961  N  N   . GLU A 1 127 ? 8.957   -2.714  -12.109 1.00 43.94  ? 133 GLU A N   1 
ATOM   962  C  CA  . GLU A 1 127 ? 8.066   -3.868  -12.212 1.00 46.91  ? 133 GLU A CA  1 
ATOM   963  C  C   . GLU A 1 127 ? 6.601   -3.411  -12.222 1.00 46.56  ? 133 GLU A C   1 
ATOM   964  O  O   . GLU A 1 127 ? 5.784   -3.943  -12.971 1.00 44.78  ? 133 GLU A O   1 
ATOM   965  C  CB  . GLU A 1 127 ? 8.308   -4.838  -11.052 1.00 51.56  ? 133 GLU A CB  1 
ATOM   966  C  CG  . GLU A 1 127 ? 7.811   -6.252  -11.321 1.00 53.89  ? 133 GLU A CG  1 
ATOM   967  C  CD  . GLU A 1 127 ? 8.075   -7.225  -10.181 1.00 57.69  ? 133 GLU A CD  1 
ATOM   968  O  OE1 . GLU A 1 127 ? 7.267   -7.242  -9.219  1.00 65.25  ? 133 GLU A OE1 1 
ATOM   969  O  OE2 . GLU A 1 127 ? 9.097   -7.950  -10.244 1.00 53.53  ? 133 GLU A OE2 1 
ATOM   970  N  N   . LYS A 1 128 ? 6.277   -2.427  -11.378 1.00 47.26  ? 134 LYS A N   1 
ATOM   971  C  CA  . LYS A 1 128 ? 4.920   -1.900  -11.291 1.00 49.44  ? 134 LYS A CA  1 
ATOM   972  C  C   . LYS A 1 128 ? 4.611   -1.039  -12.516 1.00 48.53  ? 134 LYS A C   1 
ATOM   973  O  O   . LYS A 1 128 ? 3.517   -1.142  -13.054 1.00 52.57  ? 134 LYS A O   1 
ATOM   974  C  CB  . LYS A 1 128 ? 4.702   -1.088  -10.012 1.00 52.68  ? 134 LYS A CB  1 
ATOM   975  C  CG  . LYS A 1 128 ? 4.388   -1.930  -8.785  1.00 55.68  ? 134 LYS A CG  1 
ATOM   976  C  CD  . LYS A 1 128 ? 3.567   -1.230  -7.735  1.00 57.15  ? 134 LYS A CD  1 
ATOM   977  C  CE  . LYS A 1 128 ? 3.142   -2.166  -6.627  1.00 58.87  ? 134 LYS A CE  1 
ATOM   978  N  NZ  . LYS A 1 128 ? 1.959   -2.960  -7.030  1.00 61.35  ? 134 LYS A NZ  1 
ATOM   979  N  N   . ALA A 1 129 ? 5.569   -0.203  -12.943 1.00 45.57  ? 135 ALA A N   1 
ATOM   980  C  CA  . ALA A 1 129 ? 5.364   0.683   -14.095 1.00 43.52  ? 135 ALA A CA  1 
ATOM   981  C  C   . ALA A 1 129 ? 5.204   -0.154  -15.366 1.00 42.34  ? 135 ALA A C   1 
ATOM   982  O  O   . ALA A 1 129 ? 4.602   0.297   -16.317 1.00 45.41  ? 135 ALA A O   1 
ATOM   983  C  CB  . ALA A 1 129 ? 6.488   1.676   -14.229 1.00 42.75  ? 135 ALA A CB  1 
ATOM   984  N  N   . ASN A 1 130 ? 5.746   -1.375  -15.357 1.00 44.01  ? 136 ASN A N   1 
ATOM   985  C  CA  . ASN A 1 130 ? 5.621   -2.291  -16.480 1.00 43.51  ? 136 ASN A CA  1 
ATOM   986  C  C   . ASN A 1 130 ? 4.239   -2.935  -16.447 1.00 43.87  ? 136 ASN A C   1 
ATOM   987  O  O   . ASN A 1 130 ? 3.694   -3.254  -17.482 1.00 52.16  ? 136 ASN A O   1 
ATOM   988  C  CB  . ASN A 1 130 ? 6.703   -3.375  -16.502 1.00 42.46  ? 136 ASN A CB  1 
ATOM   989  C  CG  . ASN A 1 130 ? 6.587   -4.264  -17.720 1.00 42.70  ? 136 ASN A CG  1 
ATOM   990  O  OD1 . ASN A 1 130 ? 6.160   -3.817  -18.774 1.00 48.38  ? 136 ASN A OD1 1 
ATOM   991  N  ND2 . ASN A 1 130 ? 6.944   -5.528  -17.596 1.00 44.41  ? 136 ASN A ND2 1 
ATOM   992  N  N   . LYS A 1 131 ? 3.692   -3.140  -15.250 1.00 43.28  ? 137 LYS A N   1 
ATOM   993  C  CA  . LYS A 1 131 ? 2.401   -3.793  -15.103 1.00 45.73  ? 137 LYS A CA  1 
ATOM   994  C  C   . LYS A 1 131 ? 1.260   -2.817  -15.425 1.00 44.84  ? 137 LYS A C   1 
ATOM   995  O  O   . LYS A 1 131 ? 0.170   -3.276  -15.688 1.00 42.51  ? 137 LYS A O   1 
ATOM   996  C  CB  . LYS A 1 131 ? 2.277   -4.376  -13.692 1.00 50.08  ? 137 LYS A CB  1 
ATOM   997  C  CG  . LYS A 1 131 ? 0.932   -4.993  -13.346 1.00 52.43  ? 137 LYS A CG  1 
ATOM   998  C  CD  . LYS A 1 131 ? 0.902   -5.600  -11.957 1.00 58.52  ? 137 LYS A CD  1 
ATOM   999  C  CE  . LYS A 1 131 ? -0.502  -5.917  -11.473 1.00 64.11  ? 137 LYS A CE  1 
ATOM   1000 N  NZ  . LYS A 1 131 ? -1.198  -6.889  -12.356 1.00 65.71  ? 137 LYS A NZ  1 
ATOM   1001 N  N   . ILE A 1 132 ? 1.517   -1.495  -15.398 1.00 46.44  ? 138 ILE A N   1 
ATOM   1002 C  CA  . ILE A 1 132 ? 0.473   -0.449  -15.577 1.00 49.80  ? 138 ILE A CA  1 
ATOM   1003 C  C   . ILE A 1 132 ? 0.927   0.597   -16.610 1.00 55.77  ? 138 ILE A C   1 
ATOM   1004 O  O   . ILE A 1 132 ? 0.546   1.775   -16.523 1.00 53.31  ? 138 ILE A O   1 
ATOM   1005 C  CB  . ILE A 1 132 ? 0.125   0.212   -14.226 1.00 50.78  ? 138 ILE A CB  1 
ATOM   1006 C  CG1 . ILE A 1 132 ? 1.245   1.126   -13.710 1.00 48.49  ? 138 ILE A CG1 1 
ATOM   1007 C  CG2 . ILE A 1 132 ? -0.264  -0.845  -13.203 1.00 50.96  ? 138 ILE A CG2 1 
ATOM   1008 C  CD1 . ILE A 1 132 ? 1.018   1.657   -12.321 1.00 45.98  ? 138 ILE A CD1 1 
ATOM   1009 N  N   . LYS A 1 133 ? 1.703   0.143   -17.604 1.00 63.14  ? 139 LYS A N   1 
ATOM   1010 C  CA  . LYS A 1 133 ? 2.329   0.973   -18.639 1.00 64.35  ? 139 LYS A CA  1 
ATOM   1011 C  C   . LYS A 1 133 ? 1.323   1.965   -19.241 1.00 72.24  ? 139 LYS A C   1 
ATOM   1012 O  O   . LYS A 1 133 ? 1.679   3.117   -19.494 1.00 76.11  ? 139 LYS A O   1 
ATOM   1013 C  CB  . LYS A 1 133 ? 2.858   0.092   -19.773 1.00 66.28  ? 139 LYS A CB  1 
ATOM   1014 C  CG  . LYS A 1 133 ? 4.050   -0.800  -19.447 1.00 64.43  ? 139 LYS A CG  1 
ATOM   1015 C  CD  . LYS A 1 133 ? 4.594   -1.567  -20.655 1.00 63.85  ? 139 LYS A CD  1 
ATOM   1016 C  CE  . LYS A 1 133 ? 3.602   -2.527  -21.282 1.00 63.75  ? 139 LYS A CE  1 
ATOM   1017 N  NZ  . LYS A 1 133 ? 3.236   -3.629  -20.359 1.00 62.60  ? 139 LYS A NZ  1 
ATOM   1018 N  N   . SER A 1 134 ? 0.083   1.495   -19.469 1.00 77.88  ? 140 SER A N   1 
ATOM   1019 C  CA  . SER A 1 134 ? -0.966  2.217   -20.231 1.00 78.90  ? 140 SER A CA  1 
ATOM   1020 C  C   . SER A 1 134 ? -1.661  3.309   -19.401 1.00 79.16  ? 140 SER A C   1 
ATOM   1021 O  O   . SER A 1 134 ? -2.516  4.021   -19.942 1.00 82.31  ? 140 SER A O   1 
ATOM   1022 C  CB  . SER A 1 134 ? -2.000  1.252   -20.777 1.00 80.05  ? 140 SER A CB  1 
ATOM   1023 O  OG  . SER A 1 134 ? -1.498  0.532   -21.891 1.00 87.16  ? 140 SER A OG  1 
ATOM   1024 N  N   . GLU A 1 135 ? -1.314  3.441   -18.111 1.00 74.86  ? 141 GLU A N   1 
ATOM   1025 C  CA  . GLU A 1 135 ? -2.061  4.284   -17.173 1.00 72.42  ? 141 GLU A CA  1 
ATOM   1026 C  C   . GLU A 1 135 ? -1.220  5.499   -16.763 1.00 67.05  ? 141 GLU A C   1 
ATOM   1027 O  O   . GLU A 1 135 ? -0.004  5.395   -16.649 1.00 68.81  ? 141 GLU A O   1 
ATOM   1028 C  CB  . GLU A 1 135 ? -2.469  3.452   -15.957 1.00 75.37  ? 141 GLU A CB  1 
ATOM   1029 C  CG  . GLU A 1 135 ? -3.704  2.600   -16.198 1.00 73.86  ? 141 GLU A CG  1 
ATOM   1030 C  CD  . GLU A 1 135 ? -4.039  1.638   -15.071 1.00 78.41  ? 141 GLU A CD  1 
ATOM   1031 O  OE1 . GLU A 1 135 ? -3.911  2.029   -13.889 1.00 81.32  ? 141 GLU A OE1 1 
ATOM   1032 O  OE2 . GLU A 1 135 ? -4.426  0.493   -15.377 1.00 79.08  ? 141 GLU A OE2 1 
ATOM   1033 N  N   . LYS A 1 136 ? -1.896  6.631   -16.519 1.00 63.65  ? 142 LYS A N   1 
ATOM   1034 C  CA  . LYS A 1 136 ? -1.261  7.912   -16.089 1.00 63.42  ? 142 LYS A CA  1 
ATOM   1035 C  C   . LYS A 1 136 ? -1.216  7.988   -14.551 1.00 57.88  ? 142 LYS A C   1 
ATOM   1036 O  O   . LYS A 1 136 ? -1.329  9.073   -13.952 1.00 49.15  ? 142 LYS A O   1 
ATOM   1037 C  CB  . LYS A 1 136 ? -2.044  9.106   -16.652 1.00 64.63  ? 142 LYS A CB  1 
ATOM   1038 C  CG  . LYS A 1 136 ? -2.350  9.047   -18.144 1.00 69.62  ? 142 LYS A CG  1 
ATOM   1039 C  CD  . LYS A 1 136 ? -3.637  9.746   -18.544 1.00 71.31  ? 142 LYS A CD  1 
ATOM   1040 C  CE  . LYS A 1 136 ? -4.021  9.506   -19.988 1.00 71.22  ? 142 LYS A CE  1 
ATOM   1041 N  NZ  . LYS A 1 136 ? -3.118  10.231  -20.910 1.00 70.27  ? 142 LYS A NZ  1 
ATOM   1042 N  N   . THR A 1 137 ? -1.044  6.821   -13.919 1.00 52.13  ? 143 THR A N   1 
ATOM   1043 C  CA  . THR A 1 137 ? -1.162  6.649   -12.486 1.00 49.10  ? 143 THR A CA  1 
ATOM   1044 C  C   . THR A 1 137 ? 0.180   6.984   -11.825 1.00 45.69  ? 143 THR A C   1 
ATOM   1045 O  O   . THR A 1 137 ? 1.233   6.536   -12.248 1.00 41.41  ? 143 THR A O   1 
ATOM   1046 C  CB  . THR A 1 137 ? -1.605  5.217   -12.160 1.00 51.41  ? 143 THR A CB  1 
ATOM   1047 O  OG1 . THR A 1 137 ? -2.885  4.995   -12.750 1.00 50.54  ? 143 THR A OG1 1 
ATOM   1048 C  CG2 . THR A 1 137 ? -1.673  4.923   -10.677 1.00 51.03  ? 143 THR A CG2 1 
ATOM   1049 N  N   . HIS A 1 138 ? 0.121   7.782   -10.763 1.00 45.84  ? 144 HIS A N   1 
ATOM   1050 C  CA  . HIS A 1 138 ? 1.305   8.107   -10.001 1.00 43.59  ? 144 HIS A CA  1 
ATOM   1051 C  C   . HIS A 1 138 ? 1.717   6.861   -9.206  1.00 41.48  ? 144 HIS A C   1 
ATOM   1052 O  O   . HIS A 1 138 ? 0.878   6.230   -8.557  1.00 40.60  ? 144 HIS A O   1 
ATOM   1053 C  CB  . HIS A 1 138 ? 1.037   9.337   -9.121  1.00 43.44  ? 144 HIS A CB  1 
ATOM   1054 C  CG  . HIS A 1 138 ? 2.271   10.100  -8.784  1.00 46.81  ? 144 HIS A CG  1 
ATOM   1055 N  ND1 . HIS A 1 138 ? 2.786   11.065  -9.628  1.00 48.05  ? 144 HIS A ND1 1 
ATOM   1056 C  CD2 . HIS A 1 138 ? 3.106   10.030  -7.721  1.00 48.59  ? 144 HIS A CD2 1 
ATOM   1057 C  CE1 . HIS A 1 138 ? 3.884   11.566  -9.098  1.00 48.37  ? 144 HIS A CE1 1 
ATOM   1058 N  NE2 . HIS A 1 138 ? 4.109   10.937  -7.931  1.00 49.35  ? 144 HIS A NE2 1 
ATOM   1059 N  N   . ILE A 1 139 ? 3.005   6.507   -9.281  1.00 38.24  ? 145 ILE A N   1 
ATOM   1060 C  CA  . ILE A 1 139 ? 3.575   5.415   -8.489  1.00 35.51  ? 145 ILE A CA  1 
ATOM   1061 C  C   . ILE A 1 139 ? 4.447   6.016   -7.379  1.00 33.34  ? 145 ILE A C   1 
ATOM   1062 O  O   . ILE A 1 139 ? 5.237   6.913   -7.621  1.00 33.65  ? 145 ILE A O   1 
ATOM   1063 C  CB  . ILE A 1 139 ? 4.356   4.422   -9.371  1.00 35.18  ? 145 ILE A CB  1 
ATOM   1064 C  CG1 . ILE A 1 139 ? 3.511   3.945   -10.558 1.00 35.09  ? 145 ILE A CG1 1 
ATOM   1065 C  CG2 . ILE A 1 139 ? 4.869   3.257   -8.528  1.00 36.14  ? 145 ILE A CG2 1 
ATOM   1066 C  CD1 . ILE A 1 139 ? 4.151   2.860   -11.401 1.00 34.83  ? 145 ILE A CD1 1 
ATOM   1067 N  N   . HIS A 1 140 ? 4.253   5.518   -6.156  1.00 31.94  ? 146 HIS A N   1 
ATOM   1068 C  CA  . HIS A 1 140 ? 5.090   5.813   -5.001  1.00 30.39  ? 146 HIS A CA  1 
ATOM   1069 C  C   . HIS A 1 140 ? 5.449   4.466   -4.342  1.00 30.12  ? 146 HIS A C   1 
ATOM   1070 O  O   . HIS A 1 140 ? 4.572   3.612   -4.077  1.00 26.85  ? 146 HIS A O   1 
ATOM   1071 C  CB  . HIS A 1 140 ? 4.372   6.815   -4.080  1.00 29.74  ? 146 HIS A CB  1 
ATOM   1072 C  CG  . HIS A 1 140 ? 5.245   7.505   -3.081  1.00 30.27  ? 146 HIS A CG  1 
ATOM   1073 N  ND1 . HIS A 1 140 ? 4.983   8.798   -2.638  1.00 30.52  ? 146 HIS A ND1 1 
ATOM   1074 C  CD2 . HIS A 1 140 ? 6.364   7.103   -2.429  1.00 29.22  ? 146 HIS A CD2 1 
ATOM   1075 C  CE1 . HIS A 1 140 ? 5.900   9.152   -1.758  1.00 29.86  ? 146 HIS A CE1 1 
ATOM   1076 N  NE2 . HIS A 1 140 ? 6.768   8.135   -1.623  1.00 28.83  ? 146 HIS A NE2 1 
ATOM   1077 N  N   . ILE A 1 141 ? 6.755   4.269   -4.121  1.00 28.83  ? 147 ILE A N   1 
ATOM   1078 C  CA  . ILE A 1 141 ? 7.331   3.005   -3.669  1.00 28.86  ? 147 ILE A CA  1 
ATOM   1079 C  C   . ILE A 1 141 ? 8.132   3.265   -2.390  1.00 28.35  ? 147 ILE A C   1 
ATOM   1080 O  O   . ILE A 1 141 ? 9.001   4.134   -2.377  1.00 25.12  ? 147 ILE A O   1 
ATOM   1081 C  CB  . ILE A 1 141 ? 8.249   2.398   -4.750  1.00 29.80  ? 147 ILE A CB  1 
ATOM   1082 C  CG1 . ILE A 1 141 ? 7.552   2.256   -6.106  1.00 29.62  ? 147 ILE A CG1 1 
ATOM   1083 C  CG2 . ILE A 1 141 ? 8.871   1.096   -4.270  1.00 28.91  ? 147 ILE A CG2 1 
ATOM   1084 C  CD1 . ILE A 1 141 ? 6.561   1.136   -6.196  1.00 30.07  ? 147 ILE A CD1 1 
ATOM   1085 N  N   . PHE A 1 142 ? 7.832   2.481   -1.350  1.00 28.53  ? 148 PHE A N   1 
ATOM   1086 C  CA  . PHE A 1 142 ? 8.478   2.556   -0.056  1.00 29.58  ? 148 PHE A CA  1 
ATOM   1087 C  C   . PHE A 1 142 ? 9.189   1.228   0.190   1.00 30.86  ? 148 PHE A C   1 
ATOM   1088 O  O   . PHE A 1 142 ? 8.661   0.171   -0.174  1.00 30.81  ? 148 PHE A O   1 
ATOM   1089 C  CB  . PHE A 1 142 ? 7.468   2.808   1.068   1.00 30.60  ? 148 PHE A CB  1 
ATOM   1090 C  CG  . PHE A 1 142 ? 6.724   4.118   0.979   1.00 31.15  ? 148 PHE A CG  1 
ATOM   1091 C  CD1 . PHE A 1 142 ? 5.533   4.214   0.278   1.00 30.52  ? 148 PHE A CD1 1 
ATOM   1092 C  CD2 . PHE A 1 142 ? 7.208   5.250   1.616   1.00 32.98  ? 148 PHE A CD2 1 
ATOM   1093 C  CE1 . PHE A 1 142 ? 4.845   5.413   0.206   1.00 31.69  ? 148 PHE A CE1 1 
ATOM   1094 C  CE2 . PHE A 1 142 ? 6.524   6.452   1.541   1.00 34.36  ? 148 PHE A CE2 1 
ATOM   1095 C  CZ  . PHE A 1 142 ? 5.343   6.530   0.835   1.00 34.60  ? 148 PHE A CZ  1 
ATOM   1096 N  N   . SER A 1 143 ? 10.394  1.296   0.769   1.00 29.45  ? 149 SER A N   1 
ATOM   1097 C  CA  . SER A 1 143 ? 11.115  0.121   1.167   1.00 28.65  ? 149 SER A CA  1 
ATOM   1098 C  C   . SER A 1 143 ? 10.990  0.006   2.684   1.00 27.83  ? 149 SER A C   1 
ATOM   1099 O  O   . SER A 1 143 ? 10.284  0.790   3.263   1.00 30.01  ? 149 SER A O   1 
ATOM   1100 C  CB  . SER A 1 143 ? 12.532  0.209   0.714   1.00 28.93  ? 149 SER A CB  1 
ATOM   1101 O  OG  . SER A 1 143 ? 13.210  1.208   1.443   1.00 28.90  ? 149 SER A OG  1 
ATOM   1102 N  N   . PHE A 1 144 ? 11.677  -0.953  3.306   1.00 27.23  ? 150 PHE A N   1 
ATOM   1103 C  CA  . PHE A 1 144 ? 11.796  -0.995  4.751   1.00 26.73  ? 150 PHE A CA  1 
ATOM   1104 C  C   . PHE A 1 144 ? 13.142  -0.383  5.160   1.00 26.98  ? 150 PHE A C   1 
ATOM   1105 O  O   . PHE A 1 144 ? 13.658  -0.678  6.233   1.00 25.14  ? 150 PHE A O   1 
ATOM   1106 C  CB  . PHE A 1 144 ? 11.668  -2.430  5.260   1.00 26.95  ? 150 PHE A CB  1 
ATOM   1107 C  CG  . PHE A 1 144 ? 10.342  -3.100  5.004   1.00 26.75  ? 150 PHE A CG  1 
ATOM   1108 C  CD1 . PHE A 1 144 ? 10.029  -3.605  3.751   1.00 26.50  ? 150 PHE A CD1 1 
ATOM   1109 C  CD2 . PHE A 1 144 ? 9.429   -3.279  6.032   1.00 26.28  ? 150 PHE A CD2 1 
ATOM   1110 C  CE1 . PHE A 1 144 ? 8.812   -4.229  3.524   1.00 26.49  ? 150 PHE A CE1 1 
ATOM   1111 C  CE2 . PHE A 1 144 ? 8.214   -3.907  5.805   1.00 25.35  ? 150 PHE A CE2 1 
ATOM   1112 C  CZ  . PHE A 1 144 ? 7.907   -4.380  4.554   1.00 25.70  ? 150 PHE A CZ  1 
ATOM   1113 N  N   . THR A 1 145 ? 13.710  0.472   4.300   1.00 28.65  ? 151 THR A N   1 
ATOM   1114 C  CA  . THR A 1 145 ? 15.055  1.014   4.530   1.00 31.81  ? 151 THR A CA  1 
ATOM   1115 C  C   . THR A 1 145 ? 15.043  2.549   4.534   1.00 33.18  ? 151 THR A C   1 
ATOM   1116 O  O   . THR A 1 145 ? 16.081  3.184   4.663   1.00 31.60  ? 151 THR A O   1 
ATOM   1117 C  CB  . THR A 1 145 ? 16.065  0.447   3.518   1.00 31.69  ? 151 THR A CB  1 
ATOM   1118 O  OG1 . THR A 1 145 ? 15.799  1.007   2.230   1.00 29.70  ? 151 THR A OG1 1 
ATOM   1119 C  CG2 . THR A 1 145 ? 16.058  -1.071  3.467   1.00 31.66  ? 151 THR A CG2 1 
ATOM   1120 N  N   . GLY A 1 146 ? 13.856  3.148   4.443   1.00 37.41  ? 152 GLY A N   1 
ATOM   1121 C  CA  . GLY A 1 146 ? 13.739  4.598   4.405   1.00 38.66  ? 152 GLY A CA  1 
ATOM   1122 C  C   . GLY A 1 146 ? 14.008  5.134   3.017   1.00 36.74  ? 152 GLY A C   1 
ATOM   1123 O  O   . GLY A 1 146 ? 14.265  6.330   2.826   1.00 37.94  ? 152 GLY A O   1 
ATOM   1124 N  N   . GLU A 1 147 ? 13.948  4.229   2.047   1.00 38.25  ? 153 GLU A N   1 
ATOM   1125 C  CA  . GLU A 1 147 ? 14.115  4.563   0.656   1.00 43.76  ? 153 GLU A CA  1 
ATOM   1126 C  C   . GLU A 1 147 ? 12.727  4.588   0.021   1.00 42.09  ? 153 GLU A C   1 
ATOM   1127 O  O   . GLU A 1 147 ? 11.919  3.687   0.234   1.00 43.43  ? 153 GLU A O   1 
ATOM   1128 C  CB  . GLU A 1 147 ? 15.025  3.563   -0.059  1.00 48.17  ? 153 GLU A CB  1 
ATOM   1129 C  CG  . GLU A 1 147 ? 16.505  3.873   0.063   1.00 53.60  ? 153 GLU A CG  1 
ATOM   1130 C  CD  . GLU A 1 147 ? 17.363  2.942   -0.773  1.00 62.03  ? 153 GLU A CD  1 
ATOM   1131 O  OE1 . GLU A 1 147 ? 17.285  1.712   -0.553  1.00 69.73  ? 153 GLU A OE1 1 
ATOM   1132 O  OE2 . GLU A 1 147 ? 18.076  3.441   -1.673  1.00 71.84  ? 153 GLU A OE2 1 
ATOM   1133 N  N   . GLU A 1 148 ? 12.459  5.651   -0.731  1.00 39.99  ? 154 GLU A N   1 
ATOM   1134 C  CA  . GLU A 1 148 ? 11.275  5.728   -1.506  1.00 39.78  ? 154 GLU A CA  1 
ATOM   1135 C  C   . GLU A 1 148 ? 11.696  5.928   -2.965  1.00 40.79  ? 154 GLU A C   1 
ATOM   1136 O  O   . GLU A 1 148 ? 12.902  6.008   -3.264  1.00 38.66  ? 154 GLU A O   1 
ATOM   1137 C  CB  . GLU A 1 148 ? 10.325  6.790   -0.942  1.00 41.13  ? 154 GLU A CB  1 
ATOM   1138 C  CG  . GLU A 1 148 ? 10.910  8.183   -0.806  1.00 41.37  ? 154 GLU A CG  1 
ATOM   1139 C  CD  . GLU A 1 148 ? 10.080  9.139   0.036   1.00 41.95  ? 154 GLU A CD  1 
ATOM   1140 O  OE1 . GLU A 1 148 ? 8.859   8.922   0.190   1.00 41.41  ? 154 GLU A OE1 1 
ATOM   1141 O  OE2 . GLU A 1 148 ? 10.665  10.093  0.555   1.00 43.21  ? 154 GLU A OE2 1 
ATOM   1142 N  N   . MET A 1 149 ? 10.696  5.874   -3.855  1.00 40.30  ? 155 MET A N   1 
ATOM   1143 C  CA  . MET A 1 149 ? 10.812  6.275   -5.240  1.00 40.79  ? 155 MET A CA  1 
ATOM   1144 C  C   . MET A 1 149 ? 9.401   6.594   -5.755  1.00 42.38  ? 155 MET A C   1 
ATOM   1145 O  O   . MET A 1 149 ? 8.473   5.815   -5.532  1.00 46.19  ? 155 MET A O   1 
ATOM   1146 C  CB  . MET A 1 149 ? 11.465  5.175   -6.086  1.00 39.69  ? 155 MET A CB  1 
ATOM   1147 C  CG  . MET A 1 149 ? 11.481  5.506   -7.564  1.00 41.08  ? 155 MET A CG  1 
ATOM   1148 S  SD  . MET A 1 149 ? 12.780  4.677   -8.497  1.00 42.85  ? 155 MET A SD  1 
ATOM   1149 C  CE  . MET A 1 149 ? 14.205  5.690   -8.105  1.00 44.63  ? 155 MET A CE  1 
ATOM   1150 N  N   . ALA A 1 150 ? 9.243   7.750   -6.409  1.00 42.07  ? 156 ALA A N   1 
ATOM   1151 C  CA  . ALA A 1 150 ? 7.942   8.216   -6.904  1.00 41.01  ? 156 ALA A CA  1 
ATOM   1152 C  C   . ALA A 1 150 ? 8.096   8.716   -8.348  1.00 42.62  ? 156 ALA A C   1 
ATOM   1153 O  O   . ALA A 1 150 ? 9.090   9.391   -8.637  1.00 43.10  ? 156 ALA A O   1 
ATOM   1154 C  CB  . ALA A 1 150 ? 7.432   9.300   -5.986  1.00 39.35  ? 156 ALA A CB  1 
ATOM   1155 N  N   . THR A 1 151 ? 7.128   8.413   -9.235  1.00 43.89  ? 157 THR A N   1 
ATOM   1156 C  CA  . THR A 1 151 ? 7.209   8.869   -10.654 1.00 45.92  ? 157 THR A CA  1 
ATOM   1157 C  C   . THR A 1 151 ? 7.482   10.377  -10.714 1.00 47.55  ? 157 THR A C   1 
ATOM   1158 O  O   . THR A 1 151 ? 6.840   11.197  -10.006 1.00 39.83  ? 157 THR A O   1 
ATOM   1159 C  CB  . THR A 1 151 ? 5.946   8.688   -11.508 1.00 46.07  ? 157 THR A CB  1 
ATOM   1160 O  OG1 . THR A 1 151 ? 4.940   9.545   -10.975 1.00 49.54  ? 157 THR A OG1 1 
ATOM   1161 C  CG2 . THR A 1 151 ? 5.432   7.268   -11.591 1.00 47.44  ? 157 THR A CG2 1 
ATOM   1162 N  N   . LYS A 1 152 ? 8.445   10.729  -11.574 1.00 51.72  ? 158 LYS A N   1 
ATOM   1163 C  CA  . LYS A 1 152 ? 8.796   12.099  -11.842 1.00 55.38  ? 158 LYS A CA  1 
ATOM   1164 C  C   . LYS A 1 152 ? 9.183   12.739  -10.496 1.00 56.16  ? 158 LYS A C   1 
ATOM   1165 O  O   . LYS A 1 152 ? 9.043   13.955  -10.303 1.00 59.86  ? 158 LYS A O   1 
ATOM   1166 C  CB  . LYS A 1 152 ? 7.625   12.723  -12.620 1.00 57.79  ? 158 LYS A CB  1 
ATOM   1167 C  CG  . LYS A 1 152 ? 7.755   14.178  -13.049 1.00 63.36  ? 158 LYS A CG  1 
ATOM   1168 C  CD  . LYS A 1 152 ? 9.097   14.593  -13.627 1.00 67.39  ? 158 LYS A CD  1 
ATOM   1169 C  CE  . LYS A 1 152 ? 9.159   16.090  -13.857 1.00 70.38  ? 158 LYS A CE  1 
ATOM   1170 N  NZ  . LYS A 1 152 ? 10.097  16.457  -14.942 1.00 74.93  ? 158 LYS A NZ  1 
ATOM   1171 N  N   . ALA A 1 153 ? 9.685   11.892  -9.577  1.00 50.49  ? 159 ALA A N   1 
ATOM   1172 C  CA  . ALA A 1 153 ? 10.123  12.257  -8.215  1.00 47.52  ? 159 ALA A CA  1 
ATOM   1173 C  C   . ALA A 1 153 ? 9.192   13.295  -7.573  1.00 48.52  ? 159 ALA A C   1 
ATOM   1174 O  O   . ALA A 1 153 ? 9.650   14.214  -6.909  1.00 51.58  ? 159 ALA A O   1 
ATOM   1175 C  CB  . ALA A 1 153 ? 11.549  12.750  -8.251  1.00 44.32  ? 159 ALA A CB  1 
ATOM   1176 N  N   . ASP A 1 154 ? 7.880   13.128  -7.758  1.00 50.22  ? 160 ASP A N   1 
ATOM   1177 C  CA  . ASP A 1 154 ? 6.892   13.975  -7.112  1.00 47.43  ? 160 ASP A CA  1 
ATOM   1178 C  C   . ASP A 1 154 ? 6.289   13.164  -5.963  1.00 43.65  ? 160 ASP A C   1 
ATOM   1179 O  O   . ASP A 1 154 ? 5.481   12.278  -6.154  1.00 45.18  ? 160 ASP A O   1 
ATOM   1180 C  CB  . ASP A 1 154 ? 5.859   14.486  -8.117  1.00 47.26  ? 160 ASP A CB  1 
ATOM   1181 C  CG  . ASP A 1 154 ? 4.633   15.083  -7.459  1.00 49.99  ? 160 ASP A CG  1 
ATOM   1182 O  OD1 . ASP A 1 154 ? 4.648   15.238  -6.213  1.00 51.54  ? 160 ASP A OD1 1 
ATOM   1183 O  OD2 . ASP A 1 154 ? 3.670   15.379  -8.191  1.00 56.00  ? 160 ASP A OD2 1 
ATOM   1184 N  N   . TYR A 1 155 ? 6.725   13.476  -4.751  1.00 44.01  ? 161 TYR A N   1 
ATOM   1185 C  CA  . TYR A 1 155 ? 6.517   12.589  -3.620  1.00 42.71  ? 161 TYR A CA  1 
ATOM   1186 C  C   . TYR A 1 155 ? 5.169   12.875  -2.952  1.00 37.43  ? 161 TYR A C   1 
ATOM   1187 O  O   . TYR A 1 155 ? 4.827   12.228  -1.977  1.00 37.02  ? 161 TYR A O   1 
ATOM   1188 C  CB  . TYR A 1 155 ? 7.726   12.681  -2.686  1.00 42.81  ? 161 TYR A CB  1 
ATOM   1189 C  CG  . TYR A 1 155 ? 8.954   12.016  -3.250  1.00 45.48  ? 161 TYR A CG  1 
ATOM   1190 C  CD1 . TYR A 1 155 ? 8.986   10.640  -3.415  1.00 50.50  ? 161 TYR A CD1 1 
ATOM   1191 C  CD2 . TYR A 1 155 ? 10.063  12.743  -3.653  1.00 43.83  ? 161 TYR A CD2 1 
ATOM   1192 C  CE1 . TYR A 1 155 ? 10.100  9.995   -3.930  1.00 51.86  ? 161 TYR A CE1 1 
ATOM   1193 C  CE2 . TYR A 1 155 ? 11.191  12.115  -4.160  1.00 46.84  ? 161 TYR A CE2 1 
ATOM   1194 C  CZ  . TYR A 1 155 ? 11.211  10.733  -4.294  1.00 50.54  ? 161 TYR A CZ  1 
ATOM   1195 O  OH  . TYR A 1 155 ? 12.295  10.074  -4.797  1.00 49.23  ? 161 TYR A OH  1 
ATOM   1196 N  N   . THR A 1 156 ? 4.413   13.830  -3.499  1.00 35.66  ? 162 THR A N   1 
ATOM   1197 C  CA  . THR A 1 156 ? 3.005   14.013  -3.183  1.00 36.76  ? 162 THR A CA  1 
ATOM   1198 C  C   . THR A 1 156 ? 2.849   14.553  -1.747  1.00 36.22  ? 162 THR A C   1 
ATOM   1199 O  O   . THR A 1 156 ? 2.194   15.551  -1.543  1.00 34.36  ? 162 THR A O   1 
ATOM   1200 C  CB  . THR A 1 156 ? 2.225   12.712  -3.440  1.00 39.99  ? 162 THR A CB  1 
ATOM   1201 O  OG1 . THR A 1 156 ? 2.644   12.044  -4.637  1.00 39.60  ? 162 THR A OG1 1 
ATOM   1202 C  CG2 . THR A 1 156 ? 0.738   12.954  -3.543  1.00 42.83  ? 162 THR A CG2 1 
ATOM   1203 N  N   . LEU A 1 157 ? 3.455   13.887  -0.754  1.00 38.23  ? 163 LEU A N   1 
ATOM   1204 C  CA  . LEU A 1 157 ? 3.355   14.239  0.676   1.00 37.05  ? 163 LEU A CA  1 
ATOM   1205 C  C   . LEU A 1 157 ? 4.515   15.151  1.100   1.00 38.58  ? 163 LEU A C   1 
ATOM   1206 O  O   . LEU A 1 157 ? 5.571   15.178  0.457   1.00 40.66  ? 163 LEU A O   1 
ATOM   1207 C  CB  . LEU A 1 157 ? 3.395   12.944  1.492   1.00 36.98  ? 163 LEU A CB  1 
ATOM   1208 C  CG  . LEU A 1 157 ? 2.244   11.966  1.274   1.00 39.08  ? 163 LEU A CG  1 
ATOM   1209 C  CD1 . LEU A 1 157 ? 2.420   10.732  2.145   1.00 39.86  ? 163 LEU A CD1 1 
ATOM   1210 C  CD2 . LEU A 1 157 ? 0.895   12.611  1.569   1.00 40.91  ? 163 LEU A CD2 1 
ATOM   1211 N  N   . ASP A 1 158 ? 4.326   15.864  2.217   1.00 39.29  ? 164 ASP A N   1 
ATOM   1212 C  CA  . ASP A 1 158 ? 5.410   16.618  2.867   1.00 43.95  ? 164 ASP A CA  1 
ATOM   1213 C  C   . ASP A 1 158 ? 6.364   15.616  3.540   1.00 44.17  ? 164 ASP A C   1 
ATOM   1214 O  O   . ASP A 1 158 ? 5.972   14.483  3.773   1.00 42.12  ? 164 ASP A O   1 
ATOM   1215 C  CB  . ASP A 1 158 ? 4.838   17.648  3.846   1.00 46.97  ? 164 ASP A CB  1 
ATOM   1216 C  CG  . ASP A 1 158 ? 3.934   17.063  4.923   1.00 50.86  ? 164 ASP A CG  1 
ATOM   1217 O  OD1 . ASP A 1 158 ? 3.889   15.827  5.051   1.00 51.82  ? 164 ASP A OD1 1 
ATOM   1218 O  OD2 . ASP A 1 158 ? 3.278   17.854  5.628   1.00 57.57  ? 164 ASP A OD2 1 
ATOM   1219 N  N   . GLU A 1 159 ? 7.596   16.028  3.870   1.00 45.86  ? 165 GLU A N   1 
ATOM   1220 C  CA  . GLU A 1 159 ? 8.568   15.066  4.399   1.00 52.13  ? 165 GLU A CA  1 
ATOM   1221 C  C   . GLU A 1 159 ? 8.081   14.508  5.749   1.00 50.00  ? 165 GLU A C   1 
ATOM   1222 O  O   . GLU A 1 159 ? 8.248   13.315  6.022   1.00 50.38  ? 165 GLU A O   1 
ATOM   1223 C  CB  . GLU A 1 159 ? 9.991   15.631  4.503   1.00 57.89  ? 165 GLU A CB  1 
ATOM   1224 C  CG  . GLU A 1 159 ? 11.016  14.611  5.049   1.00 65.22  ? 165 GLU A CG  1 
ATOM   1225 C  CD  . GLU A 1 159 ? 11.253  13.300  4.276   1.00 65.95  ? 165 GLU A CD  1 
ATOM   1226 O  OE1 . GLU A 1 159 ? 11.269  13.347  3.023   1.00 62.88  ? 165 GLU A OE1 1 
ATOM   1227 O  OE2 . GLU A 1 159 ? 11.447  12.219  4.922   1.00 55.45  ? 165 GLU A OE2 1 
ATOM   1228 N  N   . GLU A 1 160 ? 7.473   15.352  6.582   1.00 48.31  ? 166 GLU A N   1 
ATOM   1229 C  CA  . GLU A 1 160 ? 6.980   14.927  7.891   1.00 46.61  ? 166 GLU A CA  1 
ATOM   1230 C  C   . GLU A 1 160 ? 6.177   13.632  7.735   1.00 43.22  ? 166 GLU A C   1 
ATOM   1231 O  O   . GLU A 1 160 ? 6.446   12.660  8.439   1.00 40.68  ? 166 GLU A O   1 
ATOM   1232 C  CB  . GLU A 1 160 ? 6.136   16.039  8.519   1.00 50.13  ? 166 GLU A CB  1 
ATOM   1233 C  CG  . GLU A 1 160 ? 5.626   15.724  9.916   1.00 50.65  ? 166 GLU A CG  1 
ATOM   1234 C  CD  . GLU A 1 160 ? 4.312   16.402  10.273  1.00 54.98  ? 166 GLU A CD  1 
ATOM   1235 O  OE1 . GLU A 1 160 ? 3.430   16.540  9.375   1.00 57.54  ? 166 GLU A OE1 1 
ATOM   1236 O  OE2 . GLU A 1 160 ? 4.161   16.782  11.450  1.00 55.08  ? 166 GLU A OE2 1 
ATOM   1237 N  N   . SER A 1 161 ? 5.215   13.646  6.799   1.00 41.79  ? 167 SER A N   1 
ATOM   1238 C  CA  . SER A 1 161 ? 4.278   12.537  6.546   1.00 42.09  ? 167 SER A CA  1 
ATOM   1239 C  C   . SER A 1 161 ? 5.025   11.290  6.048   1.00 42.53  ? 167 SER A C   1 
ATOM   1240 O  O   . SER A 1 161 ? 4.711   10.161  6.444   1.00 41.85  ? 167 SER A O   1 
ATOM   1241 C  CB  . SER A 1 161 ? 3.210   12.947  5.571   1.00 41.47  ? 167 SER A CB  1 
ATOM   1242 O  OG  . SER A 1 161 ? 2.384   13.945  6.142   1.00 43.34  ? 167 SER A OG  1 
ATOM   1243 N  N   . ARG A 1 162 ? 6.016   11.511  5.179   1.00 40.96  ? 168 ARG A N   1 
ATOM   1244 C  CA  . ARG A 1 162 ? 6.864   10.457  4.635   1.00 36.80  ? 168 ARG A CA  1 
ATOM   1245 C  C   . ARG A 1 162 ? 7.805   9.915   5.717   1.00 33.78  ? 168 ARG A C   1 
ATOM   1246 O  O   . ARG A 1 162 ? 8.066   8.740   5.739   1.00 34.01  ? 168 ARG A O   1 
ATOM   1247 C  CB  . ARG A 1 162 ? 7.629   10.978  3.418   1.00 37.07  ? 168 ARG A CB  1 
ATOM   1248 C  CG  . ARG A 1 162 ? 6.713   11.423  2.287   1.00 37.60  ? 168 ARG A CG  1 
ATOM   1249 C  CD  . ARG A 1 162 ? 7.459   11.654  0.992   1.00 38.18  ? 168 ARG A CD  1 
ATOM   1250 N  NE  . ARG A 1 162 ? 7.978   13.010  0.880   1.00 40.19  ? 168 ARG A NE  1 
ATOM   1251 C  CZ  . ARG A 1 162 ? 9.256   13.336  0.666   1.00 38.64  ? 168 ARG A CZ  1 
ATOM   1252 N  NH1 . ARG A 1 162 ? 10.205  12.421  0.663   1.00 35.50  ? 168 ARG A NH1 1 
ATOM   1253 N  NH2 . ARG A 1 162 ? 9.586   14.590  0.442   1.00 42.35  ? 168 ARG A NH2 1 
ATOM   1254 N  N   . ALA A 1 163 ? 8.301   10.762  6.617   1.00 33.13  ? 169 ALA A N   1 
ATOM   1255 C  CA  . ALA A 1 163 ? 9.144   10.272  7.714   1.00 33.12  ? 169 ALA A CA  1 
ATOM   1256 C  C   . ALA A 1 163 ? 8.344   9.263   8.537   1.00 33.87  ? 169 ALA A C   1 
ATOM   1257 O  O   . ALA A 1 163 ? 8.860   8.214   8.915   1.00 36.24  ? 169 ALA A O   1 
ATOM   1258 C  CB  . ALA A 1 163 ? 9.638   11.404  8.586   1.00 32.18  ? 169 ALA A CB  1 
ATOM   1259 N  N   . ARG A 1 164 ? 7.082   9.602   8.806   1.00 33.25  ? 170 ARG A N   1 
ATOM   1260 C  CA  . ARG A 1 164 ? 6.247   8.801   9.661   1.00 34.24  ? 170 ARG A CA  1 
ATOM   1261 C  C   . ARG A 1 164 ? 6.105   7.395   9.063   1.00 32.04  ? 170 ARG A C   1 
ATOM   1262 O  O   . ARG A 1 164 ? 6.291   6.397   9.753   1.00 30.65  ? 170 ARG A O   1 
ATOM   1263 C  CB  . ARG A 1 164 ? 4.893   9.487   9.855   1.00 39.23  ? 170 ARG A CB  1 
ATOM   1264 C  CG  . ARG A 1 164 ? 4.728   10.082  11.241  1.00 45.71  ? 170 ARG A CG  1 
ATOM   1265 C  CD  . ARG A 1 164 ? 3.401   10.777  11.438  1.00 54.37  ? 170 ARG A CD  1 
ATOM   1266 N  NE  . ARG A 1 164 ? 3.581   11.909  12.342  1.00 66.41  ? 170 ARG A NE  1 
ATOM   1267 C  CZ  . ARG A 1 164 ? 3.595   13.192  11.971  1.00 76.66  ? 170 ARG A CZ  1 
ATOM   1268 N  NH1 . ARG A 1 164 ? 3.157   13.548  10.772  1.00 84.46  ? 170 ARG A NH1 1 
ATOM   1269 N  NH2 . ARG A 1 164 ? 4.039   14.117  12.807  1.00 73.52  ? 170 ARG A NH2 1 
ATOM   1270 N  N   . ILE A 1 165 ? 5.791   7.339   7.769   1.00 29.51  ? 171 ILE A N   1 
ATOM   1271 C  CA  . ILE A 1 165 ? 5.614   6.092   7.049   1.00 30.46  ? 171 ILE A CA  1 
ATOM   1272 C  C   . ILE A 1 165 ? 6.906   5.253   7.067   1.00 29.32  ? 171 ILE A C   1 
ATOM   1273 O  O   . ILE A 1 165 ? 6.883   4.043   7.377   1.00 27.35  ? 171 ILE A O   1 
ATOM   1274 C  CB  . ILE A 1 165 ? 5.126   6.379   5.614   1.00 32.47  ? 171 ILE A CB  1 
ATOM   1275 C  CG1 . ILE A 1 165 ? 3.674   6.859   5.624   1.00 33.33  ? 171 ILE A CG1 1 
ATOM   1276 C  CG2 . ILE A 1 165 ? 5.296   5.162   4.712   1.00 33.20  ? 171 ILE A CG2 1 
ATOM   1277 C  CD1 . ILE A 1 165 ? 3.130   7.206   4.264   1.00 33.98  ? 171 ILE A CD1 1 
ATOM   1278 N  N   . LYS A 1 166 ? 8.024   5.875   6.691   1.00 28.49  ? 172 LYS A N   1 
ATOM   1279 C  CA  . LYS A 1 166 ? 9.298   5.184   6.637   1.00 29.06  ? 172 LYS A CA  1 
ATOM   1280 C  C   . LYS A 1 166 ? 9.581   4.537   7.994   1.00 29.74  ? 172 LYS A C   1 
ATOM   1281 O  O   . LYS A 1 166 ? 9.985   3.363   8.062   1.00 28.21  ? 172 LYS A O   1 
ATOM   1282 C  CB  . LYS A 1 166 ? 10.421  6.148   6.251   1.00 30.47  ? 172 LYS A CB  1 
ATOM   1283 C  CG  . LYS A 1 166 ? 10.335  6.685   4.828   1.00 31.15  ? 172 LYS A CG  1 
ATOM   1284 C  CD  . LYS A 1 166 ? 11.408  7.688   4.512   1.00 31.96  ? 172 LYS A CD  1 
ATOM   1285 C  CE  . LYS A 1 166 ? 11.306  8.218   3.103   1.00 33.89  ? 172 LYS A CE  1 
ATOM   1286 N  NZ  . LYS A 1 166 ? 11.645  9.658   3.078   1.00 38.31  ? 172 LYS A NZ  1 
ATOM   1287 N  N   . THR A 1 167 ? 9.341   5.301   9.069   1.00 29.47  ? 173 THR A N   1 
ATOM   1288 C  CA  . THR A 1 167 ? 9.595   4.825   10.435  1.00 29.18  ? 173 THR A CA  1 
ATOM   1289 C  C   . THR A 1 167 ? 8.708   3.609   10.771  1.00 30.30  ? 173 THR A C   1 
ATOM   1290 O  O   . THR A 1 167 ? 9.174   2.654   11.435  1.00 31.85  ? 173 THR A O   1 
ATOM   1291 C  CB  . THR A 1 167 ? 9.409   5.942   11.465  1.00 26.50  ? 173 THR A CB  1 
ATOM   1292 O  OG1 . THR A 1 167 ? 10.226  7.022   11.021  1.00 28.73  ? 173 THR A OG1 1 
ATOM   1293 C  CG2 . THR A 1 167 ? 9.797   5.522   12.864  1.00 24.63  ? 173 THR A CG2 1 
ATOM   1294 N  N   . ARG A 1 168 ? 7.436   3.642   10.357  1.00 28.02  ? 174 ARG A N   1 
ATOM   1295 C  CA  . ARG A 1 168 ? 6.551   2.563   10.690  1.00 27.84  ? 174 ARG A CA  1 
ATOM   1296 C  C   . ARG A 1 168 ? 7.123   1.286   10.078  1.00 27.52  ? 174 ARG A C   1 
ATOM   1297 O  O   . ARG A 1 168 ? 7.240   0.264   10.766  1.00 28.97  ? 174 ARG A O   1 
ATOM   1298 C  CB  . ARG A 1 168 ? 5.130   2.851   10.211  1.00 30.13  ? 174 ARG A CB  1 
ATOM   1299 C  CG  . ARG A 1 168 ? 4.131   1.744   10.513  1.00 30.23  ? 174 ARG A CG  1 
ATOM   1300 C  CD  . ARG A 1 168 ? 3.993   1.462   11.988  1.00 30.81  ? 174 ARG A CD  1 
ATOM   1301 N  NE  . ARG A 1 168 ? 2.837   0.615   12.248  1.00 32.49  ? 174 ARG A NE  1 
ATOM   1302 C  CZ  . ARG A 1 168 ? 2.891   -0.650  12.674  1.00 33.15  ? 174 ARG A CZ  1 
ATOM   1303 N  NH1 . ARG A 1 168 ? 4.021   -1.156  13.134  1.00 29.29  ? 174 ARG A NH1 1 
ATOM   1304 N  NH2 . ARG A 1 168 ? 1.802   -1.406  12.632  1.00 34.98  ? 174 ARG A NH2 1 
ATOM   1305 N  N   . LEU A 1 169 ? 7.531   1.389   8.810   1.00 25.74  ? 175 LEU A N   1 
ATOM   1306 C  CA  . LEU A 1 169 ? 8.051   0.253   8.043   1.00 25.09  ? 175 LEU A CA  1 
ATOM   1307 C  C   . LEU A 1 169 ? 9.341   -0.276  8.681   1.00 25.57  ? 175 LEU A C   1 
ATOM   1308 O  O   . LEU A 1 169 ? 9.505   -1.481  8.864   1.00 26.72  ? 175 LEU A O   1 
ATOM   1309 C  CB  . LEU A 1 169 ? 8.282   0.683   6.588   1.00 22.91  ? 175 LEU A CB  1 
ATOM   1310 C  CG  . LEU A 1 169 ? 7.013   1.002   5.814   1.00 22.28  ? 175 LEU A CG  1 
ATOM   1311 C  CD1 . LEU A 1 169 ? 7.318   1.526   4.423   1.00 22.08  ? 175 LEU A CD1 1 
ATOM   1312 C  CD2 . LEU A 1 169 ? 6.124   -0.223  5.739   1.00 22.83  ? 175 LEU A CD2 1 
ATOM   1313 N  N   . PHE A 1 170 ? 10.264  0.636   8.987   1.00 26.11  ? 176 PHE A N   1 
ATOM   1314 C  CA  . PHE A 1 170 ? 11.530  0.266   9.594   1.00 25.41  ? 176 PHE A CA  1 
ATOM   1315 C  C   . PHE A 1 170 ? 11.256  -0.458  10.916  1.00 24.37  ? 176 PHE A C   1 
ATOM   1316 O  O   . PHE A 1 170 ? 11.930  -1.427  11.218  1.00 24.55  ? 176 PHE A O   1 
ATOM   1317 C  CB  . PHE A 1 170 ? 12.428  1.489   9.806   1.00 25.38  ? 176 PHE A CB  1 
ATOM   1318 C  CG  . PHE A 1 170 ? 13.825  1.125   10.221  1.00 25.43  ? 176 PHE A CG  1 
ATOM   1319 C  CD1 . PHE A 1 170 ? 14.135  0.914   11.553  1.00 27.46  ? 176 PHE A CD1 1 
ATOM   1320 C  CD2 . PHE A 1 170 ? 14.809  0.916   9.280   1.00 26.21  ? 176 PHE A CD2 1 
ATOM   1321 C  CE1 . PHE A 1 170 ? 15.414  0.532   11.939  1.00 28.14  ? 176 PHE A CE1 1 
ATOM   1322 C  CE2 . PHE A 1 170 ? 16.082  0.523   9.665   1.00 27.90  ? 176 PHE A CE2 1 
ATOM   1323 C  CZ  . PHE A 1 170 ? 16.391  0.337   10.992  1.00 27.41  ? 176 PHE A CZ  1 
ATOM   1324 N  N   . THR A 1 171 ? 10.258  0.016   11.672  1.00 23.58  ? 177 THR A N   1 
ATOM   1325 C  CA  . THR A 1 171 ? 9.891   -0.595  12.952  1.00 25.42  ? 177 THR A CA  1 
ATOM   1326 C  C   . THR A 1 171 ? 9.367   -2.024  12.724  1.00 25.15  ? 177 THR A C   1 
ATOM   1327 O  O   . THR A 1 171 ? 9.755   -2.967  13.432  1.00 24.27  ? 177 THR A O   1 
ATOM   1328 C  CB  . THR A 1 171 ? 8.860   0.247   13.722  1.00 25.58  ? 177 THR A CB  1 
ATOM   1329 O  OG1 . THR A 1 171 ? 9.370   1.572   13.931  1.00 25.51  ? 177 THR A OG1 1 
ATOM   1330 C  CG2 . THR A 1 171 ? 8.495   -0.379  15.051  1.00 24.14  ? 177 THR A CG2 1 
ATOM   1331 N  N   . ILE A 1 172 ? 8.484   -2.180  11.733  1.00 24.03  ? 178 ILE A N   1 
ATOM   1332 C  CA  . ILE A 1 172 ? 7.969   -3.495  11.384  1.00 23.12  ? 178 ILE A CA  1 
ATOM   1333 C  C   . ILE A 1 172 ? 9.136   -4.440  11.104  1.00 22.19  ? 178 ILE A C   1 
ATOM   1334 O  O   . ILE A 1 172 ? 9.107   -5.566  11.551  1.00 21.33  ? 178 ILE A O   1 
ATOM   1335 C  CB  . ILE A 1 172 ? 6.998   -3.435  10.195  1.00 22.72  ? 178 ILE A CB  1 
ATOM   1336 C  CG1 . ILE A 1 172 ? 5.585   -3.067  10.650  1.00 22.12  ? 178 ILE A CG1 1 
ATOM   1337 C  CG2 . ILE A 1 172 ? 7.009   -4.751  9.441   1.00 23.45  ? 178 ILE A CG2 1 
ATOM   1338 C  CD1 . ILE A 1 172 ? 4.683   -2.614  9.529   1.00 21.87  ? 178 ILE A CD1 1 
ATOM   1339 N  N   . ARG A 1 173 ? 10.128  -3.963  10.344  1.00 23.51  ? 179 ARG A N   1 
ATOM   1340 C  CA  . ARG A 1 173 ? 11.312  -4.759  9.956   1.00 24.53  ? 179 ARG A CA  1 
ATOM   1341 C  C   . ARG A 1 173 ? 12.056  -5.211  11.214  1.00 24.30  ? 179 ARG A C   1 
ATOM   1342 O  O   . ARG A 1 173 ? 12.480  -6.350  11.322  1.00 24.40  ? 179 ARG A O   1 
ATOM   1343 C  CB  . ARG A 1 173 ? 12.262  -3.980  9.035   1.00 25.04  ? 179 ARG A CB  1 
ATOM   1344 C  CG  . ARG A 1 173 ? 13.602  -4.672  8.784   1.00 26.55  ? 179 ARG A CG  1 
ATOM   1345 C  CD  . ARG A 1 173 ? 14.416  -4.068  7.639   1.00 27.92  ? 179 ARG A CD  1 
ATOM   1346 N  NE  . ARG A 1 173 ? 15.882  -4.141  7.776   1.00 28.87  ? 179 ARG A NE  1 
ATOM   1347 C  CZ  . ARG A 1 173 ? 16.725  -3.107  7.615   1.00 28.44  ? 179 ARG A CZ  1 
ATOM   1348 N  NH1 . ARG A 1 173 ? 16.289  -1.944  7.150   1.00 28.73  ? 179 ARG A NH1 1 
ATOM   1349 N  NH2 . ARG A 1 173 ? 18.000  -3.231  7.937   1.00 25.54  ? 179 ARG A NH2 1 
ATOM   1350 N  N   . GLN A 1 174 ? 12.209  -4.289  12.157  1.00 24.63  ? 180 GLN A N   1 
ATOM   1351 C  CA  . GLN A 1 174 ? 13.052  -4.519  13.291  1.00 24.88  ? 180 GLN A CA  1 
ATOM   1352 C  C   . GLN A 1 174 ? 12.304  -5.380  14.301  1.00 25.79  ? 180 GLN A C   1 
ATOM   1353 O  O   . GLN A 1 174 ? 12.915  -6.093  15.051  1.00 25.71  ? 180 GLN A O   1 
ATOM   1354 C  CB  . GLN A 1 174 ? 13.527  -3.184  13.851  1.00 23.63  ? 180 GLN A CB  1 
ATOM   1355 C  CG  . GLN A 1 174 ? 14.488  -2.488  12.904  1.00 22.84  ? 180 GLN A CG  1 
ATOM   1356 C  CD  . GLN A 1 174 ? 15.817  -3.196  12.779  1.00 22.34  ? 180 GLN A CD  1 
ATOM   1357 O  OE1 . GLN A 1 174 ? 16.293  -3.849  13.702  1.00 22.90  ? 180 GLN A OE1 1 
ATOM   1358 N  NE2 . GLN A 1 174 ? 16.466  -3.032  11.642  1.00 22.08  ? 180 GLN A NE2 1 
ATOM   1359 N  N   . GLU A 1 175 ? 10.978  -5.295  14.303  1.00 29.98  ? 181 GLU A N   1 
ATOM   1360 C  CA  . GLU A 1 175 ? 10.183  -6.170  15.134  1.00 33.42  ? 181 GLU A CA  1 
ATOM   1361 C  C   . GLU A 1 175 ? 10.319  -7.593  14.593  1.00 31.83  ? 181 GLU A C   1 
ATOM   1362 O  O   . GLU A 1 175 ? 10.499  -8.518  15.360  1.00 31.18  ? 181 GLU A O   1 
ATOM   1363 C  CB  . GLU A 1 175 ? 8.718   -5.727  15.198  1.00 38.22  ? 181 GLU A CB  1 
ATOM   1364 C  CG  . GLU A 1 175 ? 8.403   -4.857  16.405  1.00 43.11  ? 181 GLU A CG  1 
ATOM   1365 C  CD  . GLU A 1 175 ? 8.682   -5.541  17.736  1.00 50.50  ? 181 GLU A CD  1 
ATOM   1366 O  OE1 . GLU A 1 175 ? 8.321   -6.753  17.870  1.00 51.32  ? 181 GLU A OE1 1 
ATOM   1367 O  OE2 . GLU A 1 175 ? 9.286   -4.881  18.630  1.00 58.69  ? 181 GLU A OE2 1 
ATOM   1368 N  N   . MET A 1 176 ? 10.257  -7.741  13.269  1.00 31.38  ? 182 MET A N   1 
ATOM   1369 C  CA  . MET A 1 176 ? 10.336  -9.045  12.657  1.00 31.46  ? 182 MET A CA  1 
ATOM   1370 C  C   . MET A 1 176 ? 11.727  -9.619  12.918  1.00 31.27  ? 182 MET A C   1 
ATOM   1371 O  O   . MET A 1 176 ? 11.864  -10.745 13.392  1.00 31.66  ? 182 MET A O   1 
ATOM   1372 C  CB  . MET A 1 176 ? 10.085  -8.989  11.150  1.00 31.68  ? 182 MET A CB  1 
ATOM   1373 C  CG  . MET A 1 176 ? 8.634   -8.843  10.784  1.00 32.85  ? 182 MET A CG  1 
ATOM   1374 S  SD  . MET A 1 176 ? 8.359   -9.009  8.993   1.00 36.81  ? 182 MET A SD  1 
ATOM   1375 C  CE  . MET A 1 176 ? 6.650   -8.485  8.865   1.00 35.59  ? 182 MET A CE  1 
ATOM   1376 N  N   . ALA A 1 177 ? 12.748  -8.824  12.613  1.00 30.74  ? 183 ALA A N   1 
ATOM   1377 C  CA  . ALA A 1 177 ? 14.121  -9.203  12.851  1.00 32.37  ? 183 ALA A CA  1 
ATOM   1378 C  C   . ALA A 1 177 ? 14.294  -9.661  14.307  1.00 34.55  ? 183 ALA A C   1 
ATOM   1379 O  O   . ALA A 1 177 ? 14.919  -10.669 14.560  1.00 34.63  ? 183 ALA A O   1 
ATOM   1380 C  CB  . ALA A 1 177 ? 15.015  -8.033  12.523  1.00 33.29  ? 183 ALA A CB  1 
ATOM   1381 N  N   . SER A 1 178 ? 13.706  -8.903  15.244  1.00 39.38  ? 184 SER A N   1 
ATOM   1382 C  CA  . SER A 1 178 ? 13.689  -9.166  16.695  1.00 38.70  ? 184 SER A CA  1 
ATOM   1383 C  C   . SER A 1 178 ? 13.188  -10.579 17.032  1.00 40.50  ? 184 SER A C   1 
ATOM   1384 O  O   . SER A 1 178 ? 13.627  -11.143 18.024  1.00 42.10  ? 184 SER A O   1 
ATOM   1385 C  CB  . SER A 1 178 ? 12.836  -8.148  17.387  1.00 37.71  ? 184 SER A CB  1 
ATOM   1386 O  OG  . SER A 1 178 ? 12.982  -8.250  18.786  1.00 41.75  ? 184 SER A OG  1 
ATOM   1387 N  N   . ARG A 1 179 ? 12.268  -11.117 16.216  1.00 41.10  ? 185 ARG A N   1 
ATOM   1388 C  CA  . ARG A 1 179 ? 11.618  -12.433 16.403  1.00 39.64  ? 185 ARG A CA  1 
ATOM   1389 C  C   . ARG A 1 179 ? 12.174  -13.498 15.425  1.00 38.73  ? 185 ARG A C   1 
ATOM   1390 O  O   . ARG A 1 179 ? 11.622  -14.595 15.282  1.00 35.42  ? 185 ARG A O   1 
ATOM   1391 C  CB  . ARG A 1 179 ? 10.110  -12.253 16.201  1.00 40.03  ? 185 ARG A CB  1 
ATOM   1392 C  CG  . ARG A 1 179 ? 9.432   -11.314 17.190  1.00 40.85  ? 185 ARG A CG  1 
ATOM   1393 C  CD  . ARG A 1 179 ? 8.093   -10.844 16.646  1.00 45.39  ? 185 ARG A CD  1 
ATOM   1394 N  NE  . ARG A 1 179 ? 7.165   -10.270 17.615  1.00 49.64  ? 185 ARG A NE  1 
ATOM   1395 C  CZ  . ARG A 1 179 ? 6.011   -10.835 17.986  1.00 56.14  ? 185 ARG A CZ  1 
ATOM   1396 N  NH1 . ARG A 1 179 ? 5.721   -12.079 17.626  1.00 55.07  ? 185 ARG A NH1 1 
ATOM   1397 N  NH2 . ARG A 1 179 ? 5.143   -10.150 18.713  1.00 57.74  ? 185 ARG A NH2 1 
ATOM   1398 N  N   . SER A 1 180 ? 13.274  -13.171 14.743  1.00 39.43  ? 186 SER A N   1 
ATOM   1399 C  CA  . SER A 1 180 ? 13.914  -14.026 13.727  1.00 41.02  ? 186 SER A CA  1 
ATOM   1400 C  C   . SER A 1 180 ? 12.963  -14.334 12.568  1.00 41.66  ? 186 SER A C   1 
ATOM   1401 O  O   . SER A 1 180 ? 13.066  -15.425 11.997  1.00 44.75  ? 186 SER A O   1 
ATOM   1402 C  CB  . SER A 1 180 ? 14.438  -15.291 14.330  1.00 41.83  ? 186 SER A CB  1 
ATOM   1403 O  OG  . SER A 1 180 ? 15.164  -15.011 15.518  1.00 45.75  ? 186 SER A OG  1 
ATOM   1404 N  N   . LEU A 1 181 ? 12.103  -13.361 12.200  1.00 38.20  ? 187 LEU A N   1 
ATOM   1405 C  CA  . LEU A 1 181 ? 11.083  -13.516 11.145  1.00 34.46  ? 187 LEU A CA  1 
ATOM   1406 C  C   . LEU A 1 181 ? 11.474  -12.798 9.849   1.00 32.42  ? 187 LEU A C   1 
ATOM   1407 O  O   . LEU A 1 181 ? 10.885  -13.081 8.795   1.00 30.47  ? 187 LEU A O   1 
ATOM   1408 C  CB  . LEU A 1 181 ? 9.749   -12.978 11.657  1.00 35.26  ? 187 LEU A CB  1 
ATOM   1409 C  CG  . LEU A 1 181 ? 9.089   -13.788 12.771  1.00 35.88  ? 187 LEU A CG  1 
ATOM   1410 C  CD1 . LEU A 1 181 ? 7.717   -13.207 13.088  1.00 35.67  ? 187 LEU A CD1 1 
ATOM   1411 C  CD2 . LEU A 1 181 ? 8.981   -15.269 12.408  1.00 34.19  ? 187 LEU A CD2 1 
ATOM   1412 N  N   . TRP A 1 182 ? 12.479  -11.919 9.926   1.00 31.58  ? 188 TRP A N   1 
ATOM   1413 C  CA  . TRP A 1 182 ? 12.810  -10.978 8.848   1.00 30.26  ? 188 TRP A CA  1 
ATOM   1414 C  C   . TRP A 1 182 ? 13.406  -11.683 7.630   1.00 29.53  ? 188 TRP A C   1 
ATOM   1415 O  O   . TRP A 1 182 ? 13.075  -11.317 6.513   1.00 29.09  ? 188 TRP A O   1 
ATOM   1416 C  CB  . TRP A 1 182 ? 13.762  -9.878  9.331   1.00 29.14  ? 188 TRP A CB  1 
ATOM   1417 C  CG  . TRP A 1 182 ? 14.162  -8.971  8.212   1.00 27.17  ? 188 TRP A CG  1 
ATOM   1418 C  CD1 . TRP A 1 182 ? 15.395  -8.852  7.649   1.00 25.92  ? 188 TRP A CD1 1 
ATOM   1419 C  CD2 . TRP A 1 182 ? 13.286  -8.119  7.456   1.00 27.14  ? 188 TRP A CD2 1 
ATOM   1420 N  NE1 . TRP A 1 182 ? 15.351  -7.958  6.616   1.00 26.72  ? 188 TRP A NE1 1 
ATOM   1421 C  CE2 . TRP A 1 182 ? 14.073  -7.493  6.471   1.00 26.52  ? 188 TRP A CE2 1 
ATOM   1422 C  CE3 . TRP A 1 182 ? 11.918  -7.819  7.518   1.00 27.78  ? 188 TRP A CE3 1 
ATOM   1423 C  CZ2 . TRP A 1 182 ? 13.540  -6.579  5.562   1.00 27.92  ? 188 TRP A CZ2 1 
ATOM   1424 C  CZ3 . TRP A 1 182 ? 11.390  -6.914  6.621   1.00 28.14  ? 188 TRP A CZ3 1 
ATOM   1425 C  CH2 . TRP A 1 182 ? 12.196  -6.296  5.659   1.00 28.66  ? 188 TRP A CH2 1 
ATOM   1426 N  N   . ASP A 1 183 ? 14.305  -12.645 7.863   1.00 32.21  ? 189 ASP A N   1 
ATOM   1427 C  CA  . ASP A 1 183 ? 15.057  -13.317 6.784   1.00 35.86  ? 189 ASP A CA  1 
ATOM   1428 C  C   . ASP A 1 183 ? 14.121  -14.147 5.898   1.00 35.61  ? 189 ASP A C   1 
ATOM   1429 O  O   . ASP A 1 183 ? 14.269  -14.173 4.667   1.00 30.96  ? 189 ASP A O   1 
ATOM   1430 C  CB  . ASP A 1 183 ? 16.162  -14.207 7.344   1.00 38.58  ? 189 ASP A CB  1 
ATOM   1431 C  CG  . ASP A 1 183 ? 17.531  -13.572 7.214   1.00 43.56  ? 189 ASP A CG  1 
ATOM   1432 O  OD1 . ASP A 1 183 ? 17.977  -13.387 6.047   1.00 51.46  ? 189 ASP A OD1 1 
ATOM   1433 O  OD2 . ASP A 1 183 ? 18.135  -13.257 8.270   1.00 41.66  ? 189 ASP A OD2 1 
ATOM   1434 N  N   . SER A 1 184 ? 13.167  -14.825 6.542   1.00 36.52  ? 190 SER A N   1 
ATOM   1435 C  CA  . SER A 1 184 ? 12.118  -15.507 5.817   1.00 37.73  ? 190 SER A CA  1 
ATOM   1436 C  C   . SER A 1 184 ? 11.370  -14.486 4.952   1.00 39.29  ? 190 SER A C   1 
ATOM   1437 O  O   . SER A 1 184 ? 11.264  -14.638 3.711   1.00 44.20  ? 190 SER A O   1 
ATOM   1438 C  CB  . SER A 1 184 ? 11.196  -16.234 6.754   1.00 36.77  ? 190 SER A CB  1 
ATOM   1439 O  OG  . SER A 1 184 ? 10.093  -16.764 6.042   1.00 37.79  ? 190 SER A OG  1 
ATOM   1440 N  N   . PHE A 1 185 ? 10.894  -13.434 5.618   1.00 35.33  ? 191 PHE A N   1 
ATOM   1441 C  CA  . PHE A 1 185 ? 10.033  -12.463 5.020   1.00 35.43  ? 191 PHE A CA  1 
ATOM   1442 C  C   . PHE A 1 185 ? 10.738  -11.798 3.842   1.00 36.61  ? 191 PHE A C   1 
ATOM   1443 O  O   . PHE A 1 185 ? 10.132  -11.561 2.797   1.00 39.44  ? 191 PHE A O   1 
ATOM   1444 C  CB  . PHE A 1 185 ? 9.623   -11.399 6.041   1.00 35.38  ? 191 PHE A CB  1 
ATOM   1445 C  CG  . PHE A 1 185 ? 8.570   -10.439 5.543   1.00 34.69  ? 191 PHE A CG  1 
ATOM   1446 C  CD1 . PHE A 1 185 ? 7.323   -10.896 5.127   1.00 35.52  ? 191 PHE A CD1 1 
ATOM   1447 C  CD2 . PHE A 1 185 ? 8.823   -9.080  5.490   1.00 32.15  ? 191 PHE A CD2 1 
ATOM   1448 C  CE1 . PHE A 1 185 ? 6.356   -10.011 4.665   1.00 35.32  ? 191 PHE A CE1 1 
ATOM   1449 C  CE2 . PHE A 1 185 ? 7.861   -8.202  5.011   1.00 33.53  ? 191 PHE A CE2 1 
ATOM   1450 C  CZ  . PHE A 1 185 ? 6.630   -8.666  4.599   1.00 34.04  ? 191 PHE A CZ  1 
ATOM   1451 N  N   . ARG A 1 186 ? 12.008  -11.457 4.048   1.00 39.89  ? 192 ARG A N   1 
ATOM   1452 C  CA  . ARG A 1 186 ? 12.748  -10.625 3.107   1.00 42.60  ? 192 ARG A CA  1 
ATOM   1453 C  C   . ARG A 1 186 ? 12.817  -11.357 1.759   1.00 42.45  ? 192 ARG A C   1 
ATOM   1454 O  O   . ARG A 1 186 ? 12.567  -10.744 0.719   1.00 41.95  ? 192 ARG A O   1 
ATOM   1455 C  CB  . ARG A 1 186 ? 14.128  -10.288 3.687   1.00 44.02  ? 192 ARG A CB  1 
ATOM   1456 C  CG  . ARG A 1 186 ? 15.139  -9.795  2.661   1.00 45.97  ? 192 ARG A CG  1 
ATOM   1457 C  CD  . ARG A 1 186 ? 16.540  -9.758  3.238   1.00 50.81  ? 192 ARG A CD  1 
ATOM   1458 N  NE  . ARG A 1 186 ? 17.079  -11.055 3.652   1.00 56.25  ? 192 ARG A NE  1 
ATOM   1459 C  CZ  . ARG A 1 186 ? 17.770  -11.902 2.872   1.00 58.64  ? 192 ARG A CZ  1 
ATOM   1460 N  NH1 . ARG A 1 186 ? 17.811  -11.744 1.555   1.00 53.80  ? 192 ARG A NH1 1 
ATOM   1461 N  NH2 . ARG A 1 186 ? 18.403  -12.922 3.427   1.00 55.44  ? 192 ARG A NH2 1 
ATOM   1462 N  N   . GLN A 1 187 ? 13.102  -12.672 1.818   1.00 40.44  ? 193 GLN A N   1 
ATOM   1463 C  CA  . GLN A 1 187 ? 13.417  -13.516 0.659   1.00 37.54  ? 193 GLN A CA  1 
ATOM   1464 C  C   . GLN A 1 187 ? 12.144  -14.090 0.017   1.00 36.63  ? 193 GLN A C   1 
ATOM   1465 O  O   . GLN A 1 187 ? 12.241  -14.976 -0.832  1.00 35.31  ? 193 GLN A O   1 
ATOM   1466 C  CB  . GLN A 1 187 ? 14.309  -14.686 1.085   1.00 37.87  ? 193 GLN A CB  1 
ATOM   1467 C  CG  . GLN A 1 187 ? 15.710  -14.297 1.539   1.00 37.66  ? 193 GLN A CG  1 
ATOM   1468 C  CD  . GLN A 1 187 ? 16.532  -15.514 1.895   1.00 36.16  ? 193 GLN A CD  1 
ATOM   1469 O  OE1 . GLN A 1 187 ? 17.044  -16.221 1.028   1.00 35.51  ? 193 GLN A OE1 1 
ATOM   1470 N  NE2 . GLN A 1 187 ? 16.658  -15.776 3.184   1.00 35.13  ? 193 GLN A NE2 1 
ATOM   1471 N  N   . SER A 1 188 ? 10.970  -13.576 0.399   1.00 36.18  ? 194 SER A N   1 
ATOM   1472 C  CA  . SER A 1 188 ? 9.680   -14.170 0.046   1.00 39.01  ? 194 SER A CA  1 
ATOM   1473 C  C   . SER A 1 188 ? 8.867   -13.240 -0.873  1.00 43.47  ? 194 SER A C   1 
ATOM   1474 O  O   . SER A 1 188 ? 7.724   -13.534 -1.212  1.00 42.96  ? 194 SER A O   1 
ATOM   1475 C  CB  . SER A 1 188 ? 8.932   -14.554 1.320   1.00 38.66  ? 194 SER A CB  1 
ATOM   1476 O  OG  . SER A 1 188 ? 7.530   -14.344 1.217   1.00 36.95  ? 194 SER A OG  1 
ATOM   1477 N  N   . GLU A 1 189 ? 9.458   -12.122 -1.307  1.00 50.97  ? 195 GLU A N   1 
ATOM   1478 C  CA  . GLU A 1 189 ? 8.718   -11.180 -2.116  1.00 56.70  ? 195 GLU A CA  1 
ATOM   1479 C  C   . GLU A 1 189 ? 8.604   -11.702 -3.552  1.00 63.24  ? 195 GLU A C   1 
ATOM   1480 O  O   . GLU A 1 189 ? 9.628   -11.978 -4.200  1.00 61.69  ? 195 GLU A O   1 
ATOM   1481 C  CB  . GLU A 1 189 ? 9.338   -9.779  -2.114  1.00 58.24  ? 195 GLU A CB  1 
ATOM   1482 C  CG  . GLU A 1 189 ? 8.361   -8.743  -2.673  1.00 58.28  ? 195 GLU A CG  1 
ATOM   1483 C  CD  . GLU A 1 189 ? 8.776   -7.288  -2.646  1.00 50.71  ? 195 GLU A CD  1 
ATOM   1484 O  OE1 . GLU A 1 189 ? 9.827   -6.994  -2.087  1.00 48.80  ? 195 GLU A OE1 1 
ATOM   1485 O  OE2 . GLU A 1 189 ? 8.035   -6.466  -3.197  1.00 49.00  ? 195 GLU A OE2 1 
ATOM   1486 N  N   . ARG A 1 190 ? 7.348   -11.801 -4.025  1.00 75.41  ? 196 ARG A N   1 
ATOM   1487 C  CA  . ARG A 1 190 ? 6.973   -12.006 -5.453  1.00 82.57  ? 196 ARG A CA  1 
ATOM   1488 C  C   . ARG A 1 190 ? 7.391   -13.416 -5.894  1.00 83.20  ? 196 ARG A C   1 
ATOM   1489 O  O   . ARG A 1 190 ? 6.620   -14.377 -5.765  1.00 75.39  ? 196 ARG A O   1 
ATOM   1490 C  CB  . ARG A 1 190 ? 7.572   -10.888 -6.323  1.00 85.71  ? 196 ARG A CB  1 
ATOM   1491 C  CG  . ARG A 1 190 ? 7.321   -11.002 -7.825  1.00 84.13  ? 196 ARG A CG  1 
ATOM   1492 C  CD  . ARG A 1 190 ? 8.437   -11.687 -8.602  1.00 83.03  ? 196 ARG A CD  1 
ATOM   1493 N  NE  . ARG A 1 190 ? 9.786   -11.286 -8.200  1.00 80.68  ? 196 ARG A NE  1 
ATOM   1494 C  CZ  . ARG A 1 190 ? 10.869  -11.449 -8.949  1.00 76.27  ? 196 ARG A CZ  1 
ATOM   1495 N  NH1 . ARG A 1 190 ? 10.748  -11.971 -10.159 1.00 71.65  ? 196 ARG A NH1 1 
ATOM   1496 N  NH2 . ARG A 1 190 ? 12.059  -11.088 -8.492  1.00 63.78  ? 196 ARG A NH2 1 
HETATM 1497 O  OAI . G5Y B 2 .   ? -4.309  -3.917  -5.016  1.00 35.32  ? 301 G5Y A OAI 1 
HETATM 1498 C  CAH . G5Y B 2 .   ? -3.519  -4.886  -5.126  1.00 35.39  ? 301 G5Y A CAH 1 
HETATM 1499 O  OAK . G5Y B 2 .   ? -3.980  -5.987  -5.429  1.00 35.58  ? 301 G5Y A OAK 1 
HETATM 1500 C  CAG . G5Y B 2 .   ? -2.143  -4.805  -4.908  1.00 35.47  ? 301 G5Y A CAG 1 
HETATM 1501 O  OAC . G5Y B 2 .   ? -1.460  -6.000  -4.997  1.00 36.62  ? 301 G5Y A OAC 1 
HETATM 1502 C  CAB . G5Y B 2 .   ? -0.103  -6.064  -4.762  1.00 34.77  ? 301 G5Y A CAB 1 
HETATM 1503 C  CAA . G5Y B 2 .   ? 0.616   -4.920  -4.436  1.00 35.18  ? 301 G5Y A CAA 1 
HETATM 1504 C  CAE . G5Y B 2 .   ? -0.056  -3.703  -4.321  1.00 35.65  ? 301 G5Y A CAE 1 
HETATM 1505 O  OAD . G5Y B 2 .   ? 0.566   -2.690  -4.002  1.00 35.64  ? 301 G5Y A OAD 1 
HETATM 1506 C  CAF . G5Y B 2 .   ? -1.421  -3.670  -4.565  1.00 34.85  ? 301 G5Y A CAF 1 
HETATM 1507 O  OAJ . G5Y B 2 .   ? -2.068  -2.491  -4.446  1.00 34.72  ? 301 G5Y A OAJ 1 
HETATM 1508 MN MN  . MN  C 3 .   ? -3.934  -2.065  -4.318  1.00 34.40  ? 302 MN  A MN  1 
HETATM 1509 MN MN  . MN  D 3 .   ? -0.434  -0.967  -3.910  1.00 29.18  ? 303 MN  A MN  1 
HETATM 1510 O  O   . HOH E 4 .   ? -5.709  -0.698  -4.541  1.00 21.56  ? 401 HOH A O   1 
HETATM 1511 O  O   . HOH E 4 .   ? -3.715  -1.241  -6.309  1.00 24.74  ? 402 HOH A O   1 
HETATM 1512 O  O   . HOH E 4 .   ? -7.852  -5.629  -3.641  1.00 23.47  ? 403 HOH A O   1 
HETATM 1513 O  O   . HOH E 4 .   ? -1.247  -2.974  -8.206  1.00 24.19  ? 404 HOH A O   1 
# 
loop_
_pdbx_poly_seq_scheme.asym_id 
_pdbx_poly_seq_scheme.entity_id 
_pdbx_poly_seq_scheme.seq_id 
_pdbx_poly_seq_scheme.mon_id 
_pdbx_poly_seq_scheme.ndb_seq_num 
_pdbx_poly_seq_scheme.pdb_seq_num 
_pdbx_poly_seq_scheme.auth_seq_num 
_pdbx_poly_seq_scheme.pdb_mon_id 
_pdbx_poly_seq_scheme.auth_mon_id 
_pdbx_poly_seq_scheme.pdb_strand_id 
_pdbx_poly_seq_scheme.pdb_ins_code 
_pdbx_poly_seq_scheme.hetero 
A 1 1   MET 1   -5  ?   ?   ?   A . n 
A 1 2   GLY 2   -4  ?   ?   ?   A . n 
A 1 3   SER 3   -3  ?   ?   ?   A . n 
A 1 4   GLY 4   -2  ?   ?   ?   A . n 
A 1 5   MET 5   -1  ?   ?   ?   A . n 
A 1 6   ALA 6   0   0   ALA ALA A . n 
A 1 7   MET 7   1   1   MET MET A . n 
A 1 8   GLU 8   2   2   GLU GLU A . n 
A 1 9   ASP 9   3   3   ASP ASP A . n 
A 1 10  PHE 10  4   4   PHE PHE A . n 
A 1 11  VAL 11  5   5   VAL VAL A . n 
A 1 12  ARG 12  6   6   ARG ARG A . n 
A 1 13  GLN 13  7   7   GLN GLN A . n 
A 1 14  CYS 14  8   8   CYS CYS A . n 
A 1 15  PHE 15  9   9   PHE PHE A . n 
A 1 16  ASN 16  10  10  ASN ASN A . n 
A 1 17  PRO 17  11  11  PRO PRO A . n 
A 1 18  MET 18  12  12  MET MET A . n 
A 1 19  ILE 19  13  13  ILE ILE A . n 
A 1 20  VAL 20  14  14  VAL VAL A . n 
A 1 21  GLU 21  15  15  GLU GLU A . n 
A 1 22  LEU 22  16  16  LEU LEU A . n 
A 1 23  ALA 23  17  17  ALA ALA A . n 
A 1 24  GLU 24  18  18  GLU GLU A . n 
A 1 25  LYS 25  19  19  LYS LYS A . n 
A 1 26  ALA 26  20  20  ALA ALA A . n 
A 1 27  MET 27  21  21  MET MET A . n 
A 1 28  LYS 28  22  22  LYS LYS A . n 
A 1 29  GLU 29  23  23  GLU GLU A . n 
A 1 30  TYR 30  24  24  TYR TYR A . n 
A 1 31  GLY 31  25  25  GLY GLY A . n 
A 1 32  GLU 32  26  26  GLU GLU A . n 
A 1 33  ASP 33  27  27  ASP ASP A . n 
A 1 34  PRO 34  28  28  PRO PRO A . n 
A 1 35  LYS 35  29  29  LYS LYS A . n 
A 1 36  ILE 36  30  30  ILE ILE A . n 
A 1 37  GLU 37  31  31  GLU GLU A . n 
A 1 38  THR 38  32  32  THR THR A . n 
A 1 39  ASN 39  33  33  ASN ASN A . n 
A 1 40  LYS 40  34  34  LYS LYS A . n 
A 1 41  PHE 41  35  35  PHE PHE A . n 
A 1 42  ALA 42  36  36  ALA ALA A . n 
A 1 43  ALA 43  37  37  ALA ALA A . n 
A 1 44  ILE 44  38  38  ILE ILE A . n 
A 1 45  CYS 45  39  39  CYS CYS A . n 
A 1 46  THR 46  40  40  THR THR A . n 
A 1 47  HIS 47  41  41  HIS HIS A . n 
A 1 48  LEU 48  42  42  LEU LEU A . n 
A 1 49  GLU 49  43  43  GLU GLU A . n 
A 1 50  VAL 50  44  44  VAL VAL A . n 
A 1 51  CYS 51  45  45  CYS CYS A . n 
A 1 52  PHE 52  46  46  PHE PHE A . n 
A 1 53  MET 53  47  47  MET MET A . n 
A 1 54  TYR 54  48  48  TYR TYR A . n 
A 1 55  SER 55  49  49  SER SER A . n 
A 1 56  ASP 56  50  50  ASP ASP A . n 
A 1 57  PHE 57  51  51  PHE PHE A . n 
A 1 58  GLY 58  52  52  GLY GLY A . n 
A 1 59  SER 59  65  ?   ?   ?   A . n 
A 1 60  GLY 60  66  ?   ?   ?   A . n 
A 1 61  ASP 61  67  ?   ?   ?   A . n 
A 1 62  PRO 62  68  ?   ?   ?   A . n 
A 1 63  ASN 63  69  ?   ?   ?   A . n 
A 1 64  ALA 64  70  70  ALA ALA A . n 
A 1 65  LEU 65  71  71  LEU LEU A . n 
A 1 66  LEU 66  72  72  LEU LEU A . n 
A 1 67  LYS 67  73  73  LYS LYS A . n 
A 1 68  HIS 68  74  74  HIS HIS A . n 
A 1 69  ARG 69  75  75  ARG ARG A . n 
A 1 70  PHE 70  76  76  PHE PHE A . n 
A 1 71  GLU 71  77  77  GLU GLU A . n 
A 1 72  ILE 72  78  78  ILE ILE A . n 
A 1 73  ILE 73  79  79  ILE ILE A . n 
A 1 74  GLU 74  80  80  GLU GLU A . n 
A 1 75  GLY 75  81  81  GLY GLY A . n 
A 1 76  ARG 76  82  82  ARG ARG A . n 
A 1 77  ASP 77  83  83  ASP ASP A . n 
A 1 78  ARG 78  84  84  ARG ARG A . n 
A 1 79  ILE 79  85  85  ILE ILE A . n 
A 1 80  MET 80  86  86  MET MET A . n 
A 1 81  ALA 81  87  87  ALA ALA A . n 
A 1 82  TRP 82  88  88  TRP TRP A . n 
A 1 83  THR 83  89  89  THR THR A . n 
A 1 84  VAL 84  90  90  VAL VAL A . n 
A 1 85  VAL 85  91  91  VAL VAL A . n 
A 1 86  ASN 86  92  92  ASN ASN A . n 
A 1 87  SER 87  93  93  SER SER A . n 
A 1 88  ILE 88  94  94  ILE ILE A . n 
A 1 89  CYS 89  95  95  CYS CYS A . n 
A 1 90  ASN 90  96  96  ASN ASN A . n 
A 1 91  THR 91  97  97  THR THR A . n 
A 1 92  THR 92  98  98  THR THR A . n 
A 1 93  GLY 93  99  99  GLY GLY A . n 
A 1 94  VAL 94  100 100 VAL VAL A . n 
A 1 95  GLU 95  101 101 GLU GLU A . n 
A 1 96  LYS 96  102 102 LYS LYS A . n 
A 1 97  PRO 97  103 103 PRO PRO A . n 
A 1 98  LYS 98  104 104 LYS LYS A . n 
A 1 99  PHE 99  105 105 PHE PHE A . n 
A 1 100 LEU 100 106 106 LEU LEU A . n 
A 1 101 PRO 101 107 107 PRO PRO A . n 
A 1 102 ASP 102 108 108 ASP ASP A . n 
A 1 103 LEU 103 109 109 LEU LEU A . n 
A 1 104 TYR 104 110 110 TYR TYR A . n 
A 1 105 ASP 105 111 111 ASP ASP A . n 
A 1 106 TYR 106 112 112 TYR TYR A . n 
A 1 107 LYS 107 113 113 LYS LYS A . n 
A 1 108 GLU 108 114 114 GLU GLU A . n 
A 1 109 ASN 109 115 115 ASN ASN A . n 
A 1 110 ARG 110 116 116 ARG ARG A . n 
A 1 111 PHE 111 117 117 PHE PHE A . n 
A 1 112 ILE 112 118 118 ILE ILE A . n 
A 1 113 GLU 113 119 119 GLU GLU A . n 
A 1 114 ILE 114 120 120 ILE ILE A . n 
A 1 115 GLY 115 121 121 GLY GLY A . n 
A 1 116 VAL 116 122 122 VAL VAL A . n 
A 1 117 THR 117 123 123 THR THR A . n 
A 1 118 ARG 118 124 124 ARG ARG A . n 
A 1 119 ARG 119 125 125 ARG ARG A . n 
A 1 120 GLU 120 126 126 GLU GLU A . n 
A 1 121 VAL 121 127 127 VAL VAL A . n 
A 1 122 HIS 122 128 128 HIS HIS A . n 
A 1 123 ILE 123 129 129 ILE ILE A . n 
A 1 124 TYR 124 130 130 TYR TYR A . n 
A 1 125 TYR 125 131 131 TYR TYR A . n 
A 1 126 LEU 126 132 132 LEU LEU A . n 
A 1 127 GLU 127 133 133 GLU GLU A . n 
A 1 128 LYS 128 134 134 LYS LYS A . n 
A 1 129 ALA 129 135 135 ALA ALA A . n 
A 1 130 ASN 130 136 136 ASN ASN A . n 
A 1 131 LYS 131 137 137 LYS LYS A . n 
A 1 132 ILE 132 138 138 ILE ILE A . n 
A 1 133 LYS 133 139 139 LYS LYS A . n 
A 1 134 SER 134 140 140 SER SER A . n 
A 1 135 GLU 135 141 141 GLU GLU A . n 
A 1 136 LYS 136 142 142 LYS LYS A . n 
A 1 137 THR 137 143 143 THR THR A . n 
A 1 138 HIS 138 144 144 HIS HIS A . n 
A 1 139 ILE 139 145 145 ILE ILE A . n 
A 1 140 HIS 140 146 146 HIS HIS A . n 
A 1 141 ILE 141 147 147 ILE ILE A . n 
A 1 142 PHE 142 148 148 PHE PHE A . n 
A 1 143 SER 143 149 149 SER SER A . n 
A 1 144 PHE 144 150 150 PHE PHE A . n 
A 1 145 THR 145 151 151 THR THR A . n 
A 1 146 GLY 146 152 152 GLY GLY A . n 
A 1 147 GLU 147 153 153 GLU GLU A . n 
A 1 148 GLU 148 154 154 GLU GLU A . n 
A 1 149 MET 149 155 155 MET MET A . n 
A 1 150 ALA 150 156 156 ALA ALA A . n 
A 1 151 THR 151 157 157 THR THR A . n 
A 1 152 LYS 152 158 158 LYS LYS A . n 
A 1 153 ALA 153 159 159 ALA ALA A . n 
A 1 154 ASP 154 160 160 ASP ASP A . n 
A 1 155 TYR 155 161 161 TYR TYR A . n 
A 1 156 THR 156 162 162 THR THR A . n 
A 1 157 LEU 157 163 163 LEU LEU A . n 
A 1 158 ASP 158 164 164 ASP ASP A . n 
A 1 159 GLU 159 165 165 GLU GLU A . n 
A 1 160 GLU 160 166 166 GLU GLU A . n 
A 1 161 SER 161 167 167 SER SER A . n 
A 1 162 ARG 162 168 168 ARG ARG A . n 
A 1 163 ALA 163 169 169 ALA ALA A . n 
A 1 164 ARG 164 170 170 ARG ARG A . n 
A 1 165 ILE 165 171 171 ILE ILE A . n 
A 1 166 LYS 166 172 172 LYS LYS A . n 
A 1 167 THR 167 173 173 THR THR A . n 
A 1 168 ARG 168 174 174 ARG ARG A . n 
A 1 169 LEU 169 175 175 LEU LEU A . n 
A 1 170 PHE 170 176 176 PHE PHE A . n 
A 1 171 THR 171 177 177 THR THR A . n 
A 1 172 ILE 172 178 178 ILE ILE A . n 
A 1 173 ARG 173 179 179 ARG ARG A . n 
A 1 174 GLN 174 180 180 GLN GLN A . n 
A 1 175 GLU 175 181 181 GLU GLU A . n 
A 1 176 MET 176 182 182 MET MET A . n 
A 1 177 ALA 177 183 183 ALA ALA A . n 
A 1 178 SER 178 184 184 SER SER A . n 
A 1 179 ARG 179 185 185 ARG ARG A . n 
A 1 180 SER 180 186 186 SER SER A . n 
A 1 181 LEU 181 187 187 LEU LEU A . n 
A 1 182 TRP 182 188 188 TRP TRP A . n 
A 1 183 ASP 183 189 189 ASP ASP A . n 
A 1 184 SER 184 190 190 SER SER A . n 
A 1 185 PHE 185 191 191 PHE PHE A . n 
A 1 186 ARG 186 192 192 ARG ARG A . n 
A 1 187 GLN 187 193 193 GLN GLN A . n 
A 1 188 SER 188 194 194 SER SER A . n 
A 1 189 GLU 189 195 195 GLU GLU A . n 
A 1 190 ARG 190 196 196 ARG ARG A . n 
A 1 191 GLY 191 197 ?   ?   ?   A . n 
A 1 192 GLU 192 198 ?   ?   ?   A . n 
# 
loop_
_pdbx_nonpoly_scheme.asym_id 
_pdbx_nonpoly_scheme.entity_id 
_pdbx_nonpoly_scheme.mon_id 
_pdbx_nonpoly_scheme.ndb_seq_num 
_pdbx_nonpoly_scheme.pdb_seq_num 
_pdbx_nonpoly_scheme.auth_seq_num 
_pdbx_nonpoly_scheme.pdb_mon_id 
_pdbx_nonpoly_scheme.auth_mon_id 
_pdbx_nonpoly_scheme.pdb_strand_id 
_pdbx_nonpoly_scheme.pdb_ins_code 
B 2 G5Y 1 301 301 G5Y DRG A . 
C 3 MN  1 302 401 MN  MN  A . 
D 3 MN  1 303 402 MN  MN  A . 
E 4 HOH 1 401 503 HOH HOH A . 
E 4 HOH 2 402 504 HOH HOH A . 
E 4 HOH 3 403 502 HOH HOH A . 
E 4 HOH 4 404 501 HOH HOH A . 
# 
_pdbx_struct_assembly.id                   1 
_pdbx_struct_assembly.details              author_and_software_defined_assembly 
_pdbx_struct_assembly.method_details       PISA 
_pdbx_struct_assembly.oligomeric_details   monomeric 
_pdbx_struct_assembly.oligomeric_count     1 
# 
_pdbx_struct_assembly_gen.assembly_id       1 
_pdbx_struct_assembly_gen.oper_expression   1 
_pdbx_struct_assembly_gen.asym_id_list      A,B,C,D,E 
# 
loop_
_pdbx_struct_assembly_prop.biol_id 
_pdbx_struct_assembly_prop.type 
_pdbx_struct_assembly_prop.value 
_pdbx_struct_assembly_prop.details 
1 'ABSA (A^2)' 150  ? 
1 MORE         -7   ? 
1 'SSA (A^2)'  9930 ? 
# 
_pdbx_struct_oper_list.id                   1 
_pdbx_struct_oper_list.type                 'identity operation' 
_pdbx_struct_oper_list.name                 1_555 
_pdbx_struct_oper_list.symmetry_operation   x,y,z 
_pdbx_struct_oper_list.matrix[1][1]         1.0000000000 
_pdbx_struct_oper_list.matrix[1][2]         0.0000000000 
_pdbx_struct_oper_list.matrix[1][3]         0.0000000000 
_pdbx_struct_oper_list.vector[1]            0.0000000000 
_pdbx_struct_oper_list.matrix[2][1]         0.0000000000 
_pdbx_struct_oper_list.matrix[2][2]         1.0000000000 
_pdbx_struct_oper_list.matrix[2][3]         0.0000000000 
_pdbx_struct_oper_list.vector[2]            0.0000000000 
_pdbx_struct_oper_list.matrix[3][1]         0.0000000000 
_pdbx_struct_oper_list.matrix[3][2]         0.0000000000 
_pdbx_struct_oper_list.matrix[3][3]         1.0000000000 
_pdbx_struct_oper_list.vector[3]            0.0000000000 
# 
loop_
_pdbx_struct_conn_angle.id 
_pdbx_struct_conn_angle.ptnr1_label_atom_id 
_pdbx_struct_conn_angle.ptnr1_label_alt_id 
_pdbx_struct_conn_angle.ptnr1_label_asym_id 
_pdbx_struct_conn_angle.ptnr1_label_comp_id 
_pdbx_struct_conn_angle.ptnr1_label_seq_id 
_pdbx_struct_conn_angle.ptnr1_auth_atom_id 
_pdbx_struct_conn_angle.ptnr1_auth_asym_id 
_pdbx_struct_conn_angle.ptnr1_auth_comp_id 
_pdbx_struct_conn_angle.ptnr1_auth_seq_id 
_pdbx_struct_conn_angle.ptnr1_PDB_ins_code 
_pdbx_struct_conn_angle.ptnr1_symmetry 
_pdbx_struct_conn_angle.ptnr2_label_atom_id 
_pdbx_struct_conn_angle.ptnr2_label_alt_id 
_pdbx_struct_conn_angle.ptnr2_label_asym_id 
_pdbx_struct_conn_angle.ptnr2_label_comp_id 
_pdbx_struct_conn_angle.ptnr2_label_seq_id 
_pdbx_struct_conn_angle.ptnr2_auth_atom_id 
_pdbx_struct_conn_angle.ptnr2_auth_asym_id 
_pdbx_struct_conn_angle.ptnr2_auth_comp_id 
_pdbx_struct_conn_angle.ptnr2_auth_seq_id 
_pdbx_struct_conn_angle.ptnr2_PDB_ins_code 
_pdbx_struct_conn_angle.ptnr2_symmetry 
_pdbx_struct_conn_angle.ptnr3_label_atom_id 
_pdbx_struct_conn_angle.ptnr3_label_alt_id 
_pdbx_struct_conn_angle.ptnr3_label_asym_id 
_pdbx_struct_conn_angle.ptnr3_label_comp_id 
_pdbx_struct_conn_angle.ptnr3_label_seq_id 
_pdbx_struct_conn_angle.ptnr3_auth_atom_id 
_pdbx_struct_conn_angle.ptnr3_auth_asym_id 
_pdbx_struct_conn_angle.ptnr3_auth_comp_id 
_pdbx_struct_conn_angle.ptnr3_auth_seq_id 
_pdbx_struct_conn_angle.ptnr3_PDB_ins_code 
_pdbx_struct_conn_angle.ptnr3_symmetry 
_pdbx_struct_conn_angle.value 
_pdbx_struct_conn_angle.value_esd 
1  NE2 ? A HIS 47  ? A HIS 41  ? 1_555 MN ? D MN . ? A MN 303 ? 1_555 OD2 ? A ASP 102 ? A ASP 108 ? 1_555 98.8  ? 
2  NE2 ? A HIS 47  ? A HIS 41  ? 1_555 MN ? D MN . ? A MN 303 ? 1_555 OE2 ? A GLU 113 ? A GLU 119 ? 1_555 169.7 ? 
3  OD2 ? A ASP 102 ? A ASP 108 ? 1_555 MN ? D MN . ? A MN 303 ? 1_555 OE2 ? A GLU 113 ? A GLU 119 ? 1_555 90.6  ? 
4  NE2 ? A HIS 47  ? A HIS 41  ? 1_555 MN ? D MN . ? A MN 303 ? 1_555 O   ? A ILE 114 ? A ILE 120 ? 1_555 81.6  ? 
5  OD2 ? A ASP 102 ? A ASP 108 ? 1_555 MN ? D MN . ? A MN 303 ? 1_555 O   ? A ILE 114 ? A ILE 120 ? 1_555 94.0  ? 
6  OE2 ? A GLU 113 ? A GLU 119 ? 1_555 MN ? D MN . ? A MN 303 ? 1_555 O   ? A ILE 114 ? A ILE 120 ? 1_555 93.6  ? 
7  NE2 ? A HIS 47  ? A HIS 41  ? 1_555 MN ? D MN . ? A MN 303 ? 1_555 OAD ? B G5Y .   ? A G5Y 301 ? 1_555 80.4  ? 
8  OD2 ? A ASP 102 ? A ASP 108 ? 1_555 MN ? D MN . ? A MN 303 ? 1_555 OAD ? B G5Y .   ? A G5Y 301 ? 1_555 177.7 ? 
9  OE2 ? A GLU 113 ? A GLU 119 ? 1_555 MN ? D MN . ? A MN 303 ? 1_555 OAD ? B G5Y .   ? A G5Y 301 ? 1_555 90.4  ? 
10 O   ? A ILE 114 ? A ILE 120 ? 1_555 MN ? D MN . ? A MN 303 ? 1_555 OAD ? B G5Y .   ? A G5Y 301 ? 1_555 88.0  ? 
11 NE2 ? A HIS 47  ? A HIS 41  ? 1_555 MN ? D MN . ? A MN 303 ? 1_555 OAJ ? B G5Y .   ? A G5Y 301 ? 1_555 98.2  ? 
12 OD2 ? A ASP 102 ? A ASP 108 ? 1_555 MN ? D MN . ? A MN 303 ? 1_555 OAJ ? B G5Y .   ? A G5Y 301 ? 1_555 101.2 ? 
13 OE2 ? A GLU 113 ? A GLU 119 ? 1_555 MN ? D MN . ? A MN 303 ? 1_555 OAJ ? B G5Y .   ? A G5Y 301 ? 1_555 84.0  ? 
14 O   ? A ILE 114 ? A ILE 120 ? 1_555 MN ? D MN . ? A MN 303 ? 1_555 OAJ ? B G5Y .   ? A G5Y 301 ? 1_555 164.7 ? 
15 OAD ? B G5Y .   ? A G5Y 301 ? 1_555 MN ? D MN . ? A MN 303 ? 1_555 OAJ ? B G5Y .   ? A G5Y 301 ? 1_555 76.9  ? 
16 OE1 ? A GLU 74  ? A GLU 80  ? 1_555 MN ? C MN . ? A MN 302 ? 1_555 OD1 ? A ASP 102 ? A ASP 108 ? 1_555 90.2  ? 
17 OE1 ? A GLU 74  ? A GLU 80  ? 1_555 MN ? C MN . ? A MN 302 ? 1_555 OAI ? B G5Y .   ? A G5Y 301 ? 1_555 90.9  ? 
18 OD1 ? A ASP 102 ? A ASP 108 ? 1_555 MN ? C MN . ? A MN 302 ? 1_555 OAI ? B G5Y .   ? A G5Y 301 ? 1_555 177.9 ? 
19 OE1 ? A GLU 74  ? A GLU 80  ? 1_555 MN ? C MN . ? A MN 302 ? 1_555 OAJ ? B G5Y .   ? A G5Y 301 ? 1_555 105.3 ? 
20 OD1 ? A ASP 102 ? A ASP 108 ? 1_555 MN ? C MN . ? A MN 302 ? 1_555 OAJ ? B G5Y .   ? A G5Y 301 ? 1_555 90.6  ? 
21 OAI ? B G5Y .   ? A G5Y 301 ? 1_555 MN ? C MN . ? A MN 302 ? 1_555 OAJ ? B G5Y .   ? A G5Y 301 ? 1_555 87.4  ? 
22 OE1 ? A GLU 74  ? A GLU 80  ? 1_555 MN ? C MN . ? A MN 302 ? 1_555 O   ? E HOH .   ? A HOH 401 ? 1_555 92.6  ? 
23 OD1 ? A ASP 102 ? A ASP 108 ? 1_555 MN ? C MN . ? A MN 302 ? 1_555 O   ? E HOH .   ? A HOH 401 ? 1_555 69.6  ? 
24 OAI ? B G5Y .   ? A G5Y 301 ? 1_555 MN ? C MN . ? A MN 302 ? 1_555 O   ? E HOH .   ? A HOH 401 ? 1_555 112.1 ? 
25 OAJ ? B G5Y .   ? A G5Y 301 ? 1_555 MN ? C MN . ? A MN 302 ? 1_555 O   ? E HOH .   ? A HOH 401 ? 1_555 153.5 ? 
26 OE1 ? A GLU 74  ? A GLU 80  ? 1_555 MN ? C MN . ? A MN 302 ? 1_555 O   ? E HOH .   ? A HOH 402 ? 1_555 168.5 ? 
27 OD1 ? A ASP 102 ? A ASP 108 ? 1_555 MN ? C MN . ? A MN 302 ? 1_555 O   ? E HOH .   ? A HOH 402 ? 1_555 86.3  ? 
28 OAI ? B G5Y .   ? A G5Y 301 ? 1_555 MN ? C MN . ? A MN 302 ? 1_555 O   ? E HOH .   ? A HOH 402 ? 1_555 92.8  ? 
29 OAJ ? B G5Y .   ? A G5Y 301 ? 1_555 MN ? C MN . ? A MN 302 ? 1_555 O   ? E HOH .   ? A HOH 402 ? 1_555 85.7  ? 
30 O   ? E HOH .   ? A HOH 401 ? 1_555 MN ? C MN . ? A MN 302 ? 1_555 O   ? E HOH .   ? A HOH 402 ? 1_555 76.0  ? 
# 
loop_
_pdbx_audit_revision_history.ordinal 
_pdbx_audit_revision_history.data_content_type 
_pdbx_audit_revision_history.major_revision 
_pdbx_audit_revision_history.minor_revision 
_pdbx_audit_revision_history.revision_date 
1 'Structure model' 1 0 2018-11-07 
2 'Structure model' 1 1 2018-12-05 
3 'Structure model' 1 2 2020-01-01 
4 'Structure model' 1 3 2023-10-11 
# 
_pdbx_audit_revision_details.ordinal             1 
_pdbx_audit_revision_details.revision_ordinal    1 
_pdbx_audit_revision_details.data_content_type   'Structure model' 
_pdbx_audit_revision_details.provider            repository 
_pdbx_audit_revision_details.type                'Initial release' 
_pdbx_audit_revision_details.description         ? 
_pdbx_audit_revision_details.details             ? 
# 
loop_
_pdbx_audit_revision_group.ordinal 
_pdbx_audit_revision_group.revision_ordinal 
_pdbx_audit_revision_group.data_content_type 
_pdbx_audit_revision_group.group 
1 2 'Structure model' 'Data collection'            
2 2 'Structure model' 'Database references'        
3 3 'Structure model' 'Author supporting evidence' 
4 4 'Structure model' 'Data collection'            
5 4 'Structure model' 'Database references'        
6 4 'Structure model' 'Derived calculations'       
7 4 'Structure model' 'Refinement description'     
# 
loop_
_pdbx_audit_revision_category.ordinal 
_pdbx_audit_revision_category.revision_ordinal 
_pdbx_audit_revision_category.data_content_type 
_pdbx_audit_revision_category.category 
1 2 'Structure model' citation                      
2 2 'Structure model' citation_author               
3 3 'Structure model' pdbx_audit_support            
4 4 'Structure model' chem_comp_atom                
5 4 'Structure model' chem_comp_bond                
6 4 'Structure model' database_2                    
7 4 'Structure model' pdbx_initial_refinement_model 
8 4 'Structure model' struct_conn                   
# 
loop_
_pdbx_audit_revision_item.ordinal 
_pdbx_audit_revision_item.revision_ordinal 
_pdbx_audit_revision_item.data_content_type 
_pdbx_audit_revision_item.item 
1  2 'Structure model' '_citation.journal_volume'                 
2  2 'Structure model' '_citation.page_first'                     
3  2 'Structure model' '_citation.page_last'                      
4  2 'Structure model' '_citation_author.name'                    
5  3 'Structure model' '_pdbx_audit_support.funding_organization' 
6  4 'Structure model' '_database_2.pdbx_DOI'                     
7  4 'Structure model' '_database_2.pdbx_database_accession'      
8  4 'Structure model' '_struct_conn.pdbx_dist_value'             
9  4 'Structure model' '_struct_conn.ptnr1_label_atom_id'         
10 4 'Structure model' '_struct_conn.ptnr2_auth_seq_id'           
11 4 'Structure model' '_struct_conn.ptnr2_label_asym_id'         
# 
loop_
_software.citation_id 
_software.classification 
_software.compiler_name 
_software.compiler_version 
_software.contact_author 
_software.contact_author_email 
_software.date 
_software.description 
_software.dependencies 
_software.hardware 
_software.language 
_software.location 
_software.mods 
_software.name 
_software.os 
_software.os_version 
_software.type 
_software.version 
_software.pdbx_ordinal 
? refinement       ? ? ? ? ? ? ? ? ? ? ? REFMAC  ? ? ? 5.8.0222 1 
? 'data reduction' ? ? ? ? ? ? ? ? ? ? ? iMOSFLM ? ? ? .        2 
? 'data scaling'   ? ? ? ? ? ? ? ? ? ? ? Aimless ? ? ? .        3 
? phasing          ? ? ? ? ? ? ? ? ? ? ? PHASER  ? ? ? .        4 
# 
loop_
_pdbx_validate_torsion.id 
_pdbx_validate_torsion.PDB_model_num 
_pdbx_validate_torsion.auth_comp_id 
_pdbx_validate_torsion.auth_asym_id 
_pdbx_validate_torsion.auth_seq_id 
_pdbx_validate_torsion.PDB_ins_code 
_pdbx_validate_torsion.label_alt_id 
_pdbx_validate_torsion.phi 
_pdbx_validate_torsion.psi 
1 1 PHE A 51  ? ? -68.84  79.39   
2 1 LEU A 71  ? ? -164.13 -40.81  
3 1 HIS A 74  ? ? 66.01   71.30   
4 1 THR A 98  ? ? -144.78 -35.14  
5 1 ARG A 125 ? ? -97.99  -152.00 
6 1 LYS A 142 ? ? -91.22  33.59   
7 1 ALA A 159 ? ? 39.07   41.59   
8 1 THR A 162 ? ? 70.50   -52.77  
# 
loop_
_pdbx_unobs_or_zero_occ_residues.id 
_pdbx_unobs_or_zero_occ_residues.PDB_model_num 
_pdbx_unobs_or_zero_occ_residues.polymer_flag 
_pdbx_unobs_or_zero_occ_residues.occupancy_flag 
_pdbx_unobs_or_zero_occ_residues.auth_asym_id 
_pdbx_unobs_or_zero_occ_residues.auth_comp_id 
_pdbx_unobs_or_zero_occ_residues.auth_seq_id 
_pdbx_unobs_or_zero_occ_residues.PDB_ins_code 
_pdbx_unobs_or_zero_occ_residues.label_asym_id 
_pdbx_unobs_or_zero_occ_residues.label_comp_id 
_pdbx_unobs_or_zero_occ_residues.label_seq_id 
1  1 Y 1 A MET -5  ? A MET 1   
2  1 Y 1 A GLY -4  ? A GLY 2   
3  1 Y 1 A SER -3  ? A SER 3   
4  1 Y 1 A GLY -2  ? A GLY 4   
5  1 Y 1 A MET -1  ? A MET 5   
6  1 Y 1 A SER 65  ? A SER 59  
7  1 Y 1 A GLY 66  ? A GLY 60  
8  1 Y 1 A ASP 67  ? A ASP 61  
9  1 Y 1 A PRO 68  ? A PRO 62  
10 1 Y 1 A ASN 69  ? A ASN 63  
11 1 Y 1 A GLY 197 ? A GLY 191 
12 1 Y 1 A GLU 198 ? A GLU 192 
# 
loop_
_chem_comp_atom.comp_id 
_chem_comp_atom.atom_id 
_chem_comp_atom.type_symbol 
_chem_comp_atom.pdbx_aromatic_flag 
_chem_comp_atom.pdbx_stereo_config 
_chem_comp_atom.pdbx_ordinal 
ALA N    N  N N 1   
ALA CA   C  N S 2   
ALA C    C  N N 3   
ALA O    O  N N 4   
ALA CB   C  N N 5   
ALA OXT  O  N N 6   
ALA H    H  N N 7   
ALA H2   H  N N 8   
ALA HA   H  N N 9   
ALA HB1  H  N N 10  
ALA HB2  H  N N 11  
ALA HB3  H  N N 12  
ALA HXT  H  N N 13  
ARG N    N  N N 14  
ARG CA   C  N S 15  
ARG C    C  N N 16  
ARG O    O  N N 17  
ARG CB   C  N N 18  
ARG CG   C  N N 19  
ARG CD   C  N N 20  
ARG NE   N  N N 21  
ARG CZ   C  N N 22  
ARG NH1  N  N N 23  
ARG NH2  N  N N 24  
ARG OXT  O  N N 25  
ARG H    H  N N 26  
ARG H2   H  N N 27  
ARG HA   H  N N 28  
ARG HB2  H  N N 29  
ARG HB3  H  N N 30  
ARG HG2  H  N N 31  
ARG HG3  H  N N 32  
ARG HD2  H  N N 33  
ARG HD3  H  N N 34  
ARG HE   H  N N 35  
ARG HH11 H  N N 36  
ARG HH12 H  N N 37  
ARG HH21 H  N N 38  
ARG HH22 H  N N 39  
ARG HXT  H  N N 40  
ASN N    N  N N 41  
ASN CA   C  N S 42  
ASN C    C  N N 43  
ASN O    O  N N 44  
ASN CB   C  N N 45  
ASN CG   C  N N 46  
ASN OD1  O  N N 47  
ASN ND2  N  N N 48  
ASN OXT  O  N N 49  
ASN H    H  N N 50  
ASN H2   H  N N 51  
ASN HA   H  N N 52  
ASN HB2  H  N N 53  
ASN HB3  H  N N 54  
ASN HD21 H  N N 55  
ASN HD22 H  N N 56  
ASN HXT  H  N N 57  
ASP N    N  N N 58  
ASP CA   C  N S 59  
ASP C    C  N N 60  
ASP O    O  N N 61  
ASP CB   C  N N 62  
ASP CG   C  N N 63  
ASP OD1  O  N N 64  
ASP OD2  O  N N 65  
ASP OXT  O  N N 66  
ASP H    H  N N 67  
ASP H2   H  N N 68  
ASP HA   H  N N 69  
ASP HB2  H  N N 70  
ASP HB3  H  N N 71  
ASP HD2  H  N N 72  
ASP HXT  H  N N 73  
CYS N    N  N N 74  
CYS CA   C  N R 75  
CYS C    C  N N 76  
CYS O    O  N N 77  
CYS CB   C  N N 78  
CYS SG   S  N N 79  
CYS OXT  O  N N 80  
CYS H    H  N N 81  
CYS H2   H  N N 82  
CYS HA   H  N N 83  
CYS HB2  H  N N 84  
CYS HB3  H  N N 85  
CYS HG   H  N N 86  
CYS HXT  H  N N 87  
G5Y OAI  O  N N 88  
G5Y CAH  C  N N 89  
G5Y OAK  O  N N 90  
G5Y CAG  C  N N 91  
G5Y OAC  O  N N 92  
G5Y CAB  C  N N 93  
G5Y CAA  C  N N 94  
G5Y CAE  C  N N 95  
G5Y OAD  O  N N 96  
G5Y CAF  C  N N 97  
G5Y OAJ  O  N N 98  
G5Y H1   H  N N 99  
G5Y H2   H  N N 100 
G5Y H3   H  N N 101 
G5Y H4   H  N N 102 
GLN N    N  N N 103 
GLN CA   C  N S 104 
GLN C    C  N N 105 
GLN O    O  N N 106 
GLN CB   C  N N 107 
GLN CG   C  N N 108 
GLN CD   C  N N 109 
GLN OE1  O  N N 110 
GLN NE2  N  N N 111 
GLN OXT  O  N N 112 
GLN H    H  N N 113 
GLN H2   H  N N 114 
GLN HA   H  N N 115 
GLN HB2  H  N N 116 
GLN HB3  H  N N 117 
GLN HG2  H  N N 118 
GLN HG3  H  N N 119 
GLN HE21 H  N N 120 
GLN HE22 H  N N 121 
GLN HXT  H  N N 122 
GLU N    N  N N 123 
GLU CA   C  N S 124 
GLU C    C  N N 125 
GLU O    O  N N 126 
GLU CB   C  N N 127 
GLU CG   C  N N 128 
GLU CD   C  N N 129 
GLU OE1  O  N N 130 
GLU OE2  O  N N 131 
GLU OXT  O  N N 132 
GLU H    H  N N 133 
GLU H2   H  N N 134 
GLU HA   H  N N 135 
GLU HB2  H  N N 136 
GLU HB3  H  N N 137 
GLU HG2  H  N N 138 
GLU HG3  H  N N 139 
GLU HE2  H  N N 140 
GLU HXT  H  N N 141 
GLY N    N  N N 142 
GLY CA   C  N N 143 
GLY C    C  N N 144 
GLY O    O  N N 145 
GLY OXT  O  N N 146 
GLY H    H  N N 147 
GLY H2   H  N N 148 
GLY HA2  H  N N 149 
GLY HA3  H  N N 150 
GLY HXT  H  N N 151 
HIS N    N  N N 152 
HIS CA   C  N S 153 
HIS C    C  N N 154 
HIS O    O  N N 155 
HIS CB   C  N N 156 
HIS CG   C  Y N 157 
HIS ND1  N  Y N 158 
HIS CD2  C  Y N 159 
HIS CE1  C  Y N 160 
HIS NE2  N  Y N 161 
HIS OXT  O  N N 162 
HIS H    H  N N 163 
HIS H2   H  N N 164 
HIS HA   H  N N 165 
HIS HB2  H  N N 166 
HIS HB3  H  N N 167 
HIS HD1  H  N N 168 
HIS HD2  H  N N 169 
HIS HE1  H  N N 170 
HIS HE2  H  N N 171 
HIS HXT  H  N N 172 
HOH O    O  N N 173 
HOH H1   H  N N 174 
HOH H2   H  N N 175 
ILE N    N  N N 176 
ILE CA   C  N S 177 
ILE C    C  N N 178 
ILE O    O  N N 179 
ILE CB   C  N S 180 
ILE CG1  C  N N 181 
ILE CG2  C  N N 182 
ILE CD1  C  N N 183 
ILE OXT  O  N N 184 
ILE H    H  N N 185 
ILE H2   H  N N 186 
ILE HA   H  N N 187 
ILE HB   H  N N 188 
ILE HG12 H  N N 189 
ILE HG13 H  N N 190 
ILE HG21 H  N N 191 
ILE HG22 H  N N 192 
ILE HG23 H  N N 193 
ILE HD11 H  N N 194 
ILE HD12 H  N N 195 
ILE HD13 H  N N 196 
ILE HXT  H  N N 197 
LEU N    N  N N 198 
LEU CA   C  N S 199 
LEU C    C  N N 200 
LEU O    O  N N 201 
LEU CB   C  N N 202 
LEU CG   C  N N 203 
LEU CD1  C  N N 204 
LEU CD2  C  N N 205 
LEU OXT  O  N N 206 
LEU H    H  N N 207 
LEU H2   H  N N 208 
LEU HA   H  N N 209 
LEU HB2  H  N N 210 
LEU HB3  H  N N 211 
LEU HG   H  N N 212 
LEU HD11 H  N N 213 
LEU HD12 H  N N 214 
LEU HD13 H  N N 215 
LEU HD21 H  N N 216 
LEU HD22 H  N N 217 
LEU HD23 H  N N 218 
LEU HXT  H  N N 219 
LYS N    N  N N 220 
LYS CA   C  N S 221 
LYS C    C  N N 222 
LYS O    O  N N 223 
LYS CB   C  N N 224 
LYS CG   C  N N 225 
LYS CD   C  N N 226 
LYS CE   C  N N 227 
LYS NZ   N  N N 228 
LYS OXT  O  N N 229 
LYS H    H  N N 230 
LYS H2   H  N N 231 
LYS HA   H  N N 232 
LYS HB2  H  N N 233 
LYS HB3  H  N N 234 
LYS HG2  H  N N 235 
LYS HG3  H  N N 236 
LYS HD2  H  N N 237 
LYS HD3  H  N N 238 
LYS HE2  H  N N 239 
LYS HE3  H  N N 240 
LYS HZ1  H  N N 241 
LYS HZ2  H  N N 242 
LYS HZ3  H  N N 243 
LYS HXT  H  N N 244 
MET N    N  N N 245 
MET CA   C  N S 246 
MET C    C  N N 247 
MET O    O  N N 248 
MET CB   C  N N 249 
MET CG   C  N N 250 
MET SD   S  N N 251 
MET CE   C  N N 252 
MET OXT  O  N N 253 
MET H    H  N N 254 
MET H2   H  N N 255 
MET HA   H  N N 256 
MET HB2  H  N N 257 
MET HB3  H  N N 258 
MET HG2  H  N N 259 
MET HG3  H  N N 260 
MET HE1  H  N N 261 
MET HE2  H  N N 262 
MET HE3  H  N N 263 
MET HXT  H  N N 264 
MN  MN   MN N N 265 
PHE N    N  N N 266 
PHE CA   C  N S 267 
PHE C    C  N N 268 
PHE O    O  N N 269 
PHE CB   C  N N 270 
PHE CG   C  Y N 271 
PHE CD1  C  Y N 272 
PHE CD2  C  Y N 273 
PHE CE1  C  Y N 274 
PHE CE2  C  Y N 275 
PHE CZ   C  Y N 276 
PHE OXT  O  N N 277 
PHE H    H  N N 278 
PHE H2   H  N N 279 
PHE HA   H  N N 280 
PHE HB2  H  N N 281 
PHE HB3  H  N N 282 
PHE HD1  H  N N 283 
PHE HD2  H  N N 284 
PHE HE1  H  N N 285 
PHE HE2  H  N N 286 
PHE HZ   H  N N 287 
PHE HXT  H  N N 288 
PRO N    N  N N 289 
PRO CA   C  N S 290 
PRO C    C  N N 291 
PRO O    O  N N 292 
PRO CB   C  N N 293 
PRO CG   C  N N 294 
PRO CD   C  N N 295 
PRO OXT  O  N N 296 
PRO H    H  N N 297 
PRO HA   H  N N 298 
PRO HB2  H  N N 299 
PRO HB3  H  N N 300 
PRO HG2  H  N N 301 
PRO HG3  H  N N 302 
PRO HD2  H  N N 303 
PRO HD3  H  N N 304 
PRO HXT  H  N N 305 
SER N    N  N N 306 
SER CA   C  N S 307 
SER C    C  N N 308 
SER O    O  N N 309 
SER CB   C  N N 310 
SER OG   O  N N 311 
SER OXT  O  N N 312 
SER H    H  N N 313 
SER H2   H  N N 314 
SER HA   H  N N 315 
SER HB2  H  N N 316 
SER HB3  H  N N 317 
SER HG   H  N N 318 
SER HXT  H  N N 319 
THR N    N  N N 320 
THR CA   C  N S 321 
THR C    C  N N 322 
THR O    O  N N 323 
THR CB   C  N R 324 
THR OG1  O  N N 325 
THR CG2  C  N N 326 
THR OXT  O  N N 327 
THR H    H  N N 328 
THR H2   H  N N 329 
THR HA   H  N N 330 
THR HB   H  N N 331 
THR HG1  H  N N 332 
THR HG21 H  N N 333 
THR HG22 H  N N 334 
THR HG23 H  N N 335 
THR HXT  H  N N 336 
TRP N    N  N N 337 
TRP CA   C  N S 338 
TRP C    C  N N 339 
TRP O    O  N N 340 
TRP CB   C  N N 341 
TRP CG   C  Y N 342 
TRP CD1  C  Y N 343 
TRP CD2  C  Y N 344 
TRP NE1  N  Y N 345 
TRP CE2  C  Y N 346 
TRP CE3  C  Y N 347 
TRP CZ2  C  Y N 348 
TRP CZ3  C  Y N 349 
TRP CH2  C  Y N 350 
TRP OXT  O  N N 351 
TRP H    H  N N 352 
TRP H2   H  N N 353 
TRP HA   H  N N 354 
TRP HB2  H  N N 355 
TRP HB3  H  N N 356 
TRP HD1  H  N N 357 
TRP HE1  H  N N 358 
TRP HE3  H  N N 359 
TRP HZ2  H  N N 360 
TRP HZ3  H  N N 361 
TRP HH2  H  N N 362 
TRP HXT  H  N N 363 
TYR N    N  N N 364 
TYR CA   C  N S 365 
TYR C    C  N N 366 
TYR O    O  N N 367 
TYR CB   C  N N 368 
TYR CG   C  Y N 369 
TYR CD1  C  Y N 370 
TYR CD2  C  Y N 371 
TYR CE1  C  Y N 372 
TYR CE2  C  Y N 373 
TYR CZ   C  Y N 374 
TYR OH   O  N N 375 
TYR OXT  O  N N 376 
TYR H    H  N N 377 
TYR H2   H  N N 378 
TYR HA   H  N N 379 
TYR HB2  H  N N 380 
TYR HB3  H  N N 381 
TYR HD1  H  N N 382 
TYR HD2  H  N N 383 
TYR HE1  H  N N 384 
TYR HE2  H  N N 385 
TYR HH   H  N N 386 
TYR HXT  H  N N 387 
VAL N    N  N N 388 
VAL CA   C  N S 389 
VAL C    C  N N 390 
VAL O    O  N N 391 
VAL CB   C  N N 392 
VAL CG1  C  N N 393 
VAL CG2  C  N N 394 
VAL OXT  O  N N 395 
VAL H    H  N N 396 
VAL H2   H  N N 397 
VAL HA   H  N N 398 
VAL HB   H  N N 399 
VAL HG11 H  N N 400 
VAL HG12 H  N N 401 
VAL HG13 H  N N 402 
VAL HG21 H  N N 403 
VAL HG22 H  N N 404 
VAL HG23 H  N N 405 
VAL HXT  H  N N 406 
# 
loop_
_chem_comp_bond.comp_id 
_chem_comp_bond.atom_id_1 
_chem_comp_bond.atom_id_2 
_chem_comp_bond.value_order 
_chem_comp_bond.pdbx_aromatic_flag 
_chem_comp_bond.pdbx_stereo_config 
_chem_comp_bond.pdbx_ordinal 
ALA N   CA   sing N N 1   
ALA N   H    sing N N 2   
ALA N   H2   sing N N 3   
ALA CA  C    sing N N 4   
ALA CA  CB   sing N N 5   
ALA CA  HA   sing N N 6   
ALA C   O    doub N N 7   
ALA C   OXT  sing N N 8   
ALA CB  HB1  sing N N 9   
ALA CB  HB2  sing N N 10  
ALA CB  HB3  sing N N 11  
ALA OXT HXT  sing N N 12  
ARG N   CA   sing N N 13  
ARG N   H    sing N N 14  
ARG N   H2   sing N N 15  
ARG CA  C    sing N N 16  
ARG CA  CB   sing N N 17  
ARG CA  HA   sing N N 18  
ARG C   O    doub N N 19  
ARG C   OXT  sing N N 20  
ARG CB  CG   sing N N 21  
ARG CB  HB2  sing N N 22  
ARG CB  HB3  sing N N 23  
ARG CG  CD   sing N N 24  
ARG CG  HG2  sing N N 25  
ARG CG  HG3  sing N N 26  
ARG CD  NE   sing N N 27  
ARG CD  HD2  sing N N 28  
ARG CD  HD3  sing N N 29  
ARG NE  CZ   sing N N 30  
ARG NE  HE   sing N N 31  
ARG CZ  NH1  sing N N 32  
ARG CZ  NH2  doub N N 33  
ARG NH1 HH11 sing N N 34  
ARG NH1 HH12 sing N N 35  
ARG NH2 HH21 sing N N 36  
ARG NH2 HH22 sing N N 37  
ARG OXT HXT  sing N N 38  
ASN N   CA   sing N N 39  
ASN N   H    sing N N 40  
ASN N   H2   sing N N 41  
ASN CA  C    sing N N 42  
ASN CA  CB   sing N N 43  
ASN CA  HA   sing N N 44  
ASN C   O    doub N N 45  
ASN C   OXT  sing N N 46  
ASN CB  CG   sing N N 47  
ASN CB  HB2  sing N N 48  
ASN CB  HB3  sing N N 49  
ASN CG  OD1  doub N N 50  
ASN CG  ND2  sing N N 51  
ASN ND2 HD21 sing N N 52  
ASN ND2 HD22 sing N N 53  
ASN OXT HXT  sing N N 54  
ASP N   CA   sing N N 55  
ASP N   H    sing N N 56  
ASP N   H2   sing N N 57  
ASP CA  C    sing N N 58  
ASP CA  CB   sing N N 59  
ASP CA  HA   sing N N 60  
ASP C   O    doub N N 61  
ASP C   OXT  sing N N 62  
ASP CB  CG   sing N N 63  
ASP CB  HB2  sing N N 64  
ASP CB  HB3  sing N N 65  
ASP CG  OD1  doub N N 66  
ASP CG  OD2  sing N N 67  
ASP OD2 HD2  sing N N 68  
ASP OXT HXT  sing N N 69  
CYS N   CA   sing N N 70  
CYS N   H    sing N N 71  
CYS N   H2   sing N N 72  
CYS CA  C    sing N N 73  
CYS CA  CB   sing N N 74  
CYS CA  HA   sing N N 75  
CYS C   O    doub N N 76  
CYS C   OXT  sing N N 77  
CYS CB  SG   sing N N 78  
CYS CB  HB2  sing N N 79  
CYS CB  HB3  sing N N 80  
CYS SG  HG   sing N N 81  
CYS OXT HXT  sing N N 82  
G5Y OAD CAE  doub N N 83  
G5Y OAJ CAF  sing N N 84  
G5Y CAE CAF  sing N N 85  
G5Y CAE CAA  sing N N 86  
G5Y CAF CAG  doub N N 87  
G5Y CAA CAB  doub N N 88  
G5Y CAG CAH  sing N N 89  
G5Y CAG OAC  sing N N 90  
G5Y OAI CAH  doub N N 91  
G5Y CAB OAC  sing N N 92  
G5Y CAH OAK  sing N N 93  
G5Y OAK H1   sing N N 94  
G5Y CAB H2   sing N N 95  
G5Y CAA H3   sing N N 96  
G5Y OAJ H4   sing N N 97  
GLN N   CA   sing N N 98  
GLN N   H    sing N N 99  
GLN N   H2   sing N N 100 
GLN CA  C    sing N N 101 
GLN CA  CB   sing N N 102 
GLN CA  HA   sing N N 103 
GLN C   O    doub N N 104 
GLN C   OXT  sing N N 105 
GLN CB  CG   sing N N 106 
GLN CB  HB2  sing N N 107 
GLN CB  HB3  sing N N 108 
GLN CG  CD   sing N N 109 
GLN CG  HG2  sing N N 110 
GLN CG  HG3  sing N N 111 
GLN CD  OE1  doub N N 112 
GLN CD  NE2  sing N N 113 
GLN NE2 HE21 sing N N 114 
GLN NE2 HE22 sing N N 115 
GLN OXT HXT  sing N N 116 
GLU N   CA   sing N N 117 
GLU N   H    sing N N 118 
GLU N   H2   sing N N 119 
GLU CA  C    sing N N 120 
GLU CA  CB   sing N N 121 
GLU CA  HA   sing N N 122 
GLU C   O    doub N N 123 
GLU C   OXT  sing N N 124 
GLU CB  CG   sing N N 125 
GLU CB  HB2  sing N N 126 
GLU CB  HB3  sing N N 127 
GLU CG  CD   sing N N 128 
GLU CG  HG2  sing N N 129 
GLU CG  HG3  sing N N 130 
GLU CD  OE1  doub N N 131 
GLU CD  OE2  sing N N 132 
GLU OE2 HE2  sing N N 133 
GLU OXT HXT  sing N N 134 
GLY N   CA   sing N N 135 
GLY N   H    sing N N 136 
GLY N   H2   sing N N 137 
GLY CA  C    sing N N 138 
GLY CA  HA2  sing N N 139 
GLY CA  HA3  sing N N 140 
GLY C   O    doub N N 141 
GLY C   OXT  sing N N 142 
GLY OXT HXT  sing N N 143 
HIS N   CA   sing N N 144 
HIS N   H    sing N N 145 
HIS N   H2   sing N N 146 
HIS CA  C    sing N N 147 
HIS CA  CB   sing N N 148 
HIS CA  HA   sing N N 149 
HIS C   O    doub N N 150 
HIS C   OXT  sing N N 151 
HIS CB  CG   sing N N 152 
HIS CB  HB2  sing N N 153 
HIS CB  HB3  sing N N 154 
HIS CG  ND1  sing Y N 155 
HIS CG  CD2  doub Y N 156 
HIS ND1 CE1  doub Y N 157 
HIS ND1 HD1  sing N N 158 
HIS CD2 NE2  sing Y N 159 
HIS CD2 HD2  sing N N 160 
HIS CE1 NE2  sing Y N 161 
HIS CE1 HE1  sing N N 162 
HIS NE2 HE2  sing N N 163 
HIS OXT HXT  sing N N 164 
HOH O   H1   sing N N 165 
HOH O   H2   sing N N 166 
ILE N   CA   sing N N 167 
ILE N   H    sing N N 168 
ILE N   H2   sing N N 169 
ILE CA  C    sing N N 170 
ILE CA  CB   sing N N 171 
ILE CA  HA   sing N N 172 
ILE C   O    doub N N 173 
ILE C   OXT  sing N N 174 
ILE CB  CG1  sing N N 175 
ILE CB  CG2  sing N N 176 
ILE CB  HB   sing N N 177 
ILE CG1 CD1  sing N N 178 
ILE CG1 HG12 sing N N 179 
ILE CG1 HG13 sing N N 180 
ILE CG2 HG21 sing N N 181 
ILE CG2 HG22 sing N N 182 
ILE CG2 HG23 sing N N 183 
ILE CD1 HD11 sing N N 184 
ILE CD1 HD12 sing N N 185 
ILE CD1 HD13 sing N N 186 
ILE OXT HXT  sing N N 187 
LEU N   CA   sing N N 188 
LEU N   H    sing N N 189 
LEU N   H2   sing N N 190 
LEU CA  C    sing N N 191 
LEU CA  CB   sing N N 192 
LEU CA  HA   sing N N 193 
LEU C   O    doub N N 194 
LEU C   OXT  sing N N 195 
LEU CB  CG   sing N N 196 
LEU CB  HB2  sing N N 197 
LEU CB  HB3  sing N N 198 
LEU CG  CD1  sing N N 199 
LEU CG  CD2  sing N N 200 
LEU CG  HG   sing N N 201 
LEU CD1 HD11 sing N N 202 
LEU CD1 HD12 sing N N 203 
LEU CD1 HD13 sing N N 204 
LEU CD2 HD21 sing N N 205 
LEU CD2 HD22 sing N N 206 
LEU CD2 HD23 sing N N 207 
LEU OXT HXT  sing N N 208 
LYS N   CA   sing N N 209 
LYS N   H    sing N N 210 
LYS N   H2   sing N N 211 
LYS CA  C    sing N N 212 
LYS CA  CB   sing N N 213 
LYS CA  HA   sing N N 214 
LYS C   O    doub N N 215 
LYS C   OXT  sing N N 216 
LYS CB  CG   sing N N 217 
LYS CB  HB2  sing N N 218 
LYS CB  HB3  sing N N 219 
LYS CG  CD   sing N N 220 
LYS CG  HG2  sing N N 221 
LYS CG  HG3  sing N N 222 
LYS CD  CE   sing N N 223 
LYS CD  HD2  sing N N 224 
LYS CD  HD3  sing N N 225 
LYS CE  NZ   sing N N 226 
LYS CE  HE2  sing N N 227 
LYS CE  HE3  sing N N 228 
LYS NZ  HZ1  sing N N 229 
LYS NZ  HZ2  sing N N 230 
LYS NZ  HZ3  sing N N 231 
LYS OXT HXT  sing N N 232 
MET N   CA   sing N N 233 
MET N   H    sing N N 234 
MET N   H2   sing N N 235 
MET CA  C    sing N N 236 
MET CA  CB   sing N N 237 
MET CA  HA   sing N N 238 
MET C   O    doub N N 239 
MET C   OXT  sing N N 240 
MET CB  CG   sing N N 241 
MET CB  HB2  sing N N 242 
MET CB  HB3  sing N N 243 
MET CG  SD   sing N N 244 
MET CG  HG2  sing N N 245 
MET CG  HG3  sing N N 246 
MET SD  CE   sing N N 247 
MET CE  HE1  sing N N 248 
MET CE  HE2  sing N N 249 
MET CE  HE3  sing N N 250 
MET OXT HXT  sing N N 251 
PHE N   CA   sing N N 252 
PHE N   H    sing N N 253 
PHE N   H2   sing N N 254 
PHE CA  C    sing N N 255 
PHE CA  CB   sing N N 256 
PHE CA  HA   sing N N 257 
PHE C   O    doub N N 258 
PHE C   OXT  sing N N 259 
PHE CB  CG   sing N N 260 
PHE CB  HB2  sing N N 261 
PHE CB  HB3  sing N N 262 
PHE CG  CD1  doub Y N 263 
PHE CG  CD2  sing Y N 264 
PHE CD1 CE1  sing Y N 265 
PHE CD1 HD1  sing N N 266 
PHE CD2 CE2  doub Y N 267 
PHE CD2 HD2  sing N N 268 
PHE CE1 CZ   doub Y N 269 
PHE CE1 HE1  sing N N 270 
PHE CE2 CZ   sing Y N 271 
PHE CE2 HE2  sing N N 272 
PHE CZ  HZ   sing N N 273 
PHE OXT HXT  sing N N 274 
PRO N   CA   sing N N 275 
PRO N   CD   sing N N 276 
PRO N   H    sing N N 277 
PRO CA  C    sing N N 278 
PRO CA  CB   sing N N 279 
PRO CA  HA   sing N N 280 
PRO C   O    doub N N 281 
PRO C   OXT  sing N N 282 
PRO CB  CG   sing N N 283 
PRO CB  HB2  sing N N 284 
PRO CB  HB3  sing N N 285 
PRO CG  CD   sing N N 286 
PRO CG  HG2  sing N N 287 
PRO CG  HG3  sing N N 288 
PRO CD  HD2  sing N N 289 
PRO CD  HD3  sing N N 290 
PRO OXT HXT  sing N N 291 
SER N   CA   sing N N 292 
SER N   H    sing N N 293 
SER N   H2   sing N N 294 
SER CA  C    sing N N 295 
SER CA  CB   sing N N 296 
SER CA  HA   sing N N 297 
SER C   O    doub N N 298 
SER C   OXT  sing N N 299 
SER CB  OG   sing N N 300 
SER CB  HB2  sing N N 301 
SER CB  HB3  sing N N 302 
SER OG  HG   sing N N 303 
SER OXT HXT  sing N N 304 
THR N   CA   sing N N 305 
THR N   H    sing N N 306 
THR N   H2   sing N N 307 
THR CA  C    sing N N 308 
THR CA  CB   sing N N 309 
THR CA  HA   sing N N 310 
THR C   O    doub N N 311 
THR C   OXT  sing N N 312 
THR CB  OG1  sing N N 313 
THR CB  CG2  sing N N 314 
THR CB  HB   sing N N 315 
THR OG1 HG1  sing N N 316 
THR CG2 HG21 sing N N 317 
THR CG2 HG22 sing N N 318 
THR CG2 HG23 sing N N 319 
THR OXT HXT  sing N N 320 
TRP N   CA   sing N N 321 
TRP N   H    sing N N 322 
TRP N   H2   sing N N 323 
TRP CA  C    sing N N 324 
TRP CA  CB   sing N N 325 
TRP CA  HA   sing N N 326 
TRP C   O    doub N N 327 
TRP C   OXT  sing N N 328 
TRP CB  CG   sing N N 329 
TRP CB  HB2  sing N N 330 
TRP CB  HB3  sing N N 331 
TRP CG  CD1  doub Y N 332 
TRP CG  CD2  sing Y N 333 
TRP CD1 NE1  sing Y N 334 
TRP CD1 HD1  sing N N 335 
TRP CD2 CE2  doub Y N 336 
TRP CD2 CE3  sing Y N 337 
TRP NE1 CE2  sing Y N 338 
TRP NE1 HE1  sing N N 339 
TRP CE2 CZ2  sing Y N 340 
TRP CE3 CZ3  doub Y N 341 
TRP CE3 HE3  sing N N 342 
TRP CZ2 CH2  doub Y N 343 
TRP CZ2 HZ2  sing N N 344 
TRP CZ3 CH2  sing Y N 345 
TRP CZ3 HZ3  sing N N 346 
TRP CH2 HH2  sing N N 347 
TRP OXT HXT  sing N N 348 
TYR N   CA   sing N N 349 
TYR N   H    sing N N 350 
TYR N   H2   sing N N 351 
TYR CA  C    sing N N 352 
TYR CA  CB   sing N N 353 
TYR CA  HA   sing N N 354 
TYR C   O    doub N N 355 
TYR C   OXT  sing N N 356 
TYR CB  CG   sing N N 357 
TYR CB  HB2  sing N N 358 
TYR CB  HB3  sing N N 359 
TYR CG  CD1  doub Y N 360 
TYR CG  CD2  sing Y N 361 
TYR CD1 CE1  sing Y N 362 
TYR CD1 HD1  sing N N 363 
TYR CD2 CE2  doub Y N 364 
TYR CD2 HD2  sing N N 365 
TYR CE1 CZ   doub Y N 366 
TYR CE1 HE1  sing N N 367 
TYR CE2 CZ   sing Y N 368 
TYR CE2 HE2  sing N N 369 
TYR CZ  OH   sing N N 370 
TYR OH  HH   sing N N 371 
TYR OXT HXT  sing N N 372 
VAL N   CA   sing N N 373 
VAL N   H    sing N N 374 
VAL N   H2   sing N N 375 
VAL CA  C    sing N N 376 
VAL CA  CB   sing N N 377 
VAL CA  HA   sing N N 378 
VAL C   O    doub N N 379 
VAL C   OXT  sing N N 380 
VAL CB  CG1  sing N N 381 
VAL CB  CG2  sing N N 382 
VAL CB  HB   sing N N 383 
VAL CG1 HG11 sing N N 384 
VAL CG1 HG12 sing N N 385 
VAL CG1 HG13 sing N N 386 
VAL CG2 HG21 sing N N 387 
VAL CG2 HG22 sing N N 388 
VAL CG2 HG23 sing N N 389 
VAL OXT HXT  sing N N 390 
# 
_pdbx_audit_support.funding_organization   
'National Institutes of Health/National Institute of General Medical Sciences (NIH/NIGMS)' 
_pdbx_audit_support.country                'United States' 
_pdbx_audit_support.grant_number           R01GM098435 
_pdbx_audit_support.ordinal                1 
# 
_pdbx_entity_instance_feature.ordinal        1 
_pdbx_entity_instance_feature.comp_id        G5Y 
_pdbx_entity_instance_feature.asym_id        ? 
_pdbx_entity_instance_feature.seq_num        ? 
_pdbx_entity_instance_feature.auth_comp_id   G5Y 
_pdbx_entity_instance_feature.auth_asym_id   ? 
_pdbx_entity_instance_feature.auth_seq_num   ? 
_pdbx_entity_instance_feature.feature_type   'SUBJECT OF INVESTIGATION' 
_pdbx_entity_instance_feature.details        ? 
# 
loop_
_pdbx_entity_nonpoly.entity_id 
_pdbx_entity_nonpoly.name 
_pdbx_entity_nonpoly.comp_id 
2 '3-hydroxy-4-oxo-4H-pyran-2-carboxylic acid' G5Y 
3 'MANGANESE (II) ION'                         MN  
4 water                                        HOH 
# 
_pdbx_initial_refinement_model.id               1 
_pdbx_initial_refinement_model.entity_id_list   ? 
_pdbx_initial_refinement_model.type             'experimental model' 
_pdbx_initial_refinement_model.source_name      PDB 
_pdbx_initial_refinement_model.accession_code   4AWM 
_pdbx_initial_refinement_model.details          'PDB entry 4AWM' 
# 
_pdbx_struct_assembly_auth_evidence.id                     1 
_pdbx_struct_assembly_auth_evidence.assembly_id            1 
_pdbx_struct_assembly_auth_evidence.experimental_support   none 
_pdbx_struct_assembly_auth_evidence.details                ? 
# 
